data_7SV6
# 
_entry.id   7SV6 
# 
_audit_conform.dict_name       mmcif_pdbx.dic 
_audit_conform.dict_version    5.380 
_audit_conform.dict_location   http://mmcif.pdb.org/dictionaries/ascii/mmcif_pdbx.dic 
# 
loop_
_database_2.database_id 
_database_2.database_code 
_database_2.pdbx_database_accession 
_database_2.pdbx_DOI 
PDB   7SV6         pdb_00007sv6 10.2210/pdb7sv6/pdb 
WWPDB D_1000261053 ?            ?                   
# 
loop_
_pdbx_database_related.db_name 
_pdbx_database_related.details 
_pdbx_database_related.db_id 
_pdbx_database_related.content_type 
PDB . 7SV3 unspecified 
PDB . 7SV5 unspecified 
PDB . 7SV4 unspecified 
# 
_pdbx_database_status.status_code                     REL 
_pdbx_database_status.status_code_sf                  REL 
_pdbx_database_status.status_code_mr                  ? 
_pdbx_database_status.entry_id                        7SV6 
_pdbx_database_status.recvd_initial_deposition_date   2021-11-18 
_pdbx_database_status.SG_entry                        N 
_pdbx_database_status.deposit_site                    RCSB 
_pdbx_database_status.process_site                    RCSB 
_pdbx_database_status.status_code_cs                  ? 
_pdbx_database_status.status_code_nmr_data            ? 
_pdbx_database_status.methods_development_category    ? 
_pdbx_database_status.pdb_format_compatible           Y 
# 
loop_
_audit_author.name 
_audit_author.pdbx_ordinal 
_audit_author.identifier_ORCID 
'Legg, M.S.G.' 1 0000-0002-9065-7019 
'Evans, S.V.'  2 0000-0002-0366-4027 
# 
_citation.abstract                  ? 
_citation.abstract_id_CAS           ? 
_citation.book_id_ISBN              ? 
_citation.book_publisher            ? 
_citation.book_publisher_city       ? 
_citation.book_title                ? 
_citation.coordinate_linkage        ? 
_citation.country                   US 
_citation.database_id_Medline       ? 
_citation.details                   ? 
_citation.id                        primary 
_citation.journal_abbrev            J.Biol.Chem. 
_citation.journal_id_ASTM           JBCHA3 
_citation.journal_id_CSD            0071 
_citation.journal_id_ISSN           1083-351X 
_citation.journal_full              ? 
_citation.journal_issue             ? 
_citation.journal_volume            298 
_citation.language                  ? 
_citation.page_first                101745 
_citation.page_last                 101745 
_citation.title                     
;The S-layer homology domains of Paenibacillus alvei surface protein SpaA bind to cell wall polysaccharide through the terminal monosaccharide residue.
;
_citation.year                      2022 
_citation.database_id_CSD           ? 
_citation.pdbx_database_id_DOI      10.1016/j.jbc.2022.101745 
_citation.pdbx_database_id_PubMed   35189140 
_citation.pdbx_database_id_patent   ? 
_citation.unpublished_flag          ? 
# 
loop_
_citation_author.citation_id 
_citation_author.name 
_citation_author.ordinal 
_citation_author.identifier_ORCID 
primary 'Legg, M.S.G.'     1  ? 
primary 'Hager-Mair, F.F.' 2  ? 
primary 'Krauter, S.'      3  ? 
primary 'Gagnon, S.M.L.'   4  ? 
primary 'Lopez-Guzman, A.' 5  ? 
primary 'Lim, C.'          6  ? 
primary 'Blaukopf, M.'     7  ? 
primary 'Kosma, P.'        8  ? 
primary 'Schaffer, C.'     9  ? 
primary 'Evans, S.V.'      10 ? 
# 
_cell.angle_alpha                  90.000 
_cell.angle_alpha_esd              ? 
_cell.angle_beta                   90.000 
_cell.angle_beta_esd               ? 
_cell.angle_gamma                  90.000 
_cell.angle_gamma_esd              ? 
_cell.entry_id                     7SV6 
_cell.details                      ? 
_cell.formula_units_Z              ? 
_cell.length_a                     33.303 
_cell.length_a_esd                 ? 
_cell.length_b                     65.611 
_cell.length_b_esd                 ? 
_cell.length_c                     72.290 
_cell.length_c_esd                 ? 
_cell.volume                       ? 
_cell.volume_esd                   ? 
_cell.Z_PDB                        4 
_cell.reciprocal_angle_alpha       ? 
_cell.reciprocal_angle_beta        ? 
_cell.reciprocal_angle_gamma       ? 
_cell.reciprocal_angle_alpha_esd   ? 
_cell.reciprocal_angle_beta_esd    ? 
_cell.reciprocal_angle_gamma_esd   ? 
_cell.reciprocal_length_a          ? 
_cell.reciprocal_length_b          ? 
_cell.reciprocal_length_c          ? 
_cell.reciprocal_length_a_esd      ? 
_cell.reciprocal_length_b_esd      ? 
_cell.reciprocal_length_c_esd      ? 
_cell.pdbx_unique_axis             ? 
# 
_symmetry.entry_id                         7SV6 
_symmetry.cell_setting                     ? 
_symmetry.Int_Tables_number                19 
_symmetry.space_group_name_Hall            ? 
_symmetry.space_group_name_H-M             'P 21 21 21' 
_symmetry.pdbx_full_space_group_name_H-M   ? 
# 
loop_
_entity.id 
_entity.type 
_entity.src_method 
_entity.pdbx_description 
_entity.formula_weight 
_entity.pdbx_number_of_molecules 
_entity.pdbx_ec 
_entity.pdbx_mutation 
_entity.pdbx_fragment 
_entity.details 
1 polymer     man 'Surface (S-) layer glycoprotein' 19812.291 1   ? 'G46A; G109A' 'SLH domains (UNP residues 21-193)' ? 
2 non-polymer syn 
'methyl 2-acetamido-4-O-{2-acetamido-4,6-O-[(1S)-1-carboxyethylidene]-2-deoxy-beta-D-mannopyranosyl}-2-deoxy-beta-D-glucopyranoside' 
508.474   1   ? ?             ?                                   ? 
3 water       nat water 18.015    112 ? ?             ?                                   ? 
# 
_entity_name_com.entity_id   1 
_entity_name_com.name        SpaA 
# 
_entity_poly.entity_id                      1 
_entity_poly.type                           'polypeptide(L)' 
_entity_poly.nstd_linkage                   no 
_entity_poly.nstd_monomer                   no 
_entity_poly.pdbx_seq_one_letter_code       
;VAFGADAAKTTQEKFDALKEAGVFSAYPGTTDAKLGQDMTRAEFAKVLVKLFGLKEIHGQYSYKDKNYDAKNWAAPFIEA
VTAEGLMQAKDLTKKIFDFNGKITVEEASKTLVTALKLEPVKDAQNKATDWAKGYFEAAVNAGLFSKDANPKANATRAQL
VEAAFAADEMSKGSGSHHHHHH
;
_entity_poly.pdbx_seq_one_letter_code_can   
;VAFGADAAKTTQEKFDALKEAGVFSAYPGTTDAKLGQDMTRAEFAKVLVKLFGLKEIHGQYSYKDKNYDAKNWAAPFIEA
VTAEGLMQAKDLTKKIFDFNGKITVEEASKTLVTALKLEPVKDAQNKATDWAKGYFEAAVNAGLFSKDANPKANATRAQL
VEAAFAADEMSKGSGSHHHHHH
;
_entity_poly.pdbx_strand_id                 A 
_entity_poly.pdbx_target_identifier         ? 
# 
loop_
_entity_poly_seq.entity_id 
_entity_poly_seq.num 
_entity_poly_seq.mon_id 
_entity_poly_seq.hetero 
1 1   VAL n 
1 2   ALA n 
1 3   PHE n 
1 4   GLY n 
1 5   ALA n 
1 6   ASP n 
1 7   ALA n 
1 8   ALA n 
1 9   LYS n 
1 10  THR n 
1 11  THR n 
1 12  GLN n 
1 13  GLU n 
1 14  LYS n 
1 15  PHE n 
1 16  ASP n 
1 17  ALA n 
1 18  LEU n 
1 19  LYS n 
1 20  GLU n 
1 21  ALA n 
1 22  GLY n 
1 23  VAL n 
1 24  PHE n 
1 25  SER n 
1 26  ALA n 
1 27  TYR n 
1 28  PRO n 
1 29  GLY n 
1 30  THR n 
1 31  THR n 
1 32  ASP n 
1 33  ALA n 
1 34  LYS n 
1 35  LEU n 
1 36  GLY n 
1 37  GLN n 
1 38  ASP n 
1 39  MET n 
1 40  THR n 
1 41  ARG n 
1 42  ALA n 
1 43  GLU n 
1 44  PHE n 
1 45  ALA n 
1 46  LYS n 
1 47  VAL n 
1 48  LEU n 
1 49  VAL n 
1 50  LYS n 
1 51  LEU n 
1 52  PHE n 
1 53  GLY n 
1 54  LEU n 
1 55  LYS n 
1 56  GLU n 
1 57  ILE n 
1 58  HIS n 
1 59  GLY n 
1 60  GLN n 
1 61  TYR n 
1 62  SER n 
1 63  TYR n 
1 64  LYS n 
1 65  ASP n 
1 66  LYS n 
1 67  ASN n 
1 68  TYR n 
1 69  ASP n 
1 70  ALA n 
1 71  LYS n 
1 72  ASN n 
1 73  TRP n 
1 74  ALA n 
1 75  ALA n 
1 76  PRO n 
1 77  PHE n 
1 78  ILE n 
1 79  GLU n 
1 80  ALA n 
1 81  VAL n 
1 82  THR n 
1 83  ALA n 
1 84  GLU n 
1 85  GLY n 
1 86  LEU n 
1 87  MET n 
1 88  GLN n 
1 89  ALA n 
1 90  LYS n 
1 91  ASP n 
1 92  LEU n 
1 93  THR n 
1 94  LYS n 
1 95  LYS n 
1 96  ILE n 
1 97  PHE n 
1 98  ASP n 
1 99  PHE n 
1 100 ASN n 
1 101 GLY n 
1 102 LYS n 
1 103 ILE n 
1 104 THR n 
1 105 VAL n 
1 106 GLU n 
1 107 GLU n 
1 108 ALA n 
1 109 SER n 
1 110 LYS n 
1 111 THR n 
1 112 LEU n 
1 113 VAL n 
1 114 THR n 
1 115 ALA n 
1 116 LEU n 
1 117 LYS n 
1 118 LEU n 
1 119 GLU n 
1 120 PRO n 
1 121 VAL n 
1 122 LYS n 
1 123 ASP n 
1 124 ALA n 
1 125 GLN n 
1 126 ASN n 
1 127 LYS n 
1 128 ALA n 
1 129 THR n 
1 130 ASP n 
1 131 TRP n 
1 132 ALA n 
1 133 LYS n 
1 134 GLY n 
1 135 TYR n 
1 136 PHE n 
1 137 GLU n 
1 138 ALA n 
1 139 ALA n 
1 140 VAL n 
1 141 ASN n 
1 142 ALA n 
1 143 GLY n 
1 144 LEU n 
1 145 PHE n 
1 146 SER n 
1 147 LYS n 
1 148 ASP n 
1 149 ALA n 
1 150 ASN n 
1 151 PRO n 
1 152 LYS n 
1 153 ALA n 
1 154 ASN n 
1 155 ALA n 
1 156 THR n 
1 157 ARG n 
1 158 ALA n 
1 159 GLN n 
1 160 LEU n 
1 161 VAL n 
1 162 GLU n 
1 163 ALA n 
1 164 ALA n 
1 165 PHE n 
1 166 ALA n 
1 167 ALA n 
1 168 ASP n 
1 169 GLU n 
1 170 MET n 
1 171 SER n 
1 172 LYS n 
1 173 GLY n 
1 174 SER n 
1 175 GLY n 
1 176 SER n 
1 177 HIS n 
1 178 HIS n 
1 179 HIS n 
1 180 HIS n 
1 181 HIS n 
1 182 HIS n 
# 
_entity_src_gen.entity_id                          1 
_entity_src_gen.pdbx_src_id                        1 
_entity_src_gen.pdbx_alt_source_flag               sample 
_entity_src_gen.pdbx_seq_type                      'Biological sequence' 
_entity_src_gen.pdbx_beg_seq_num                   1 
_entity_src_gen.pdbx_end_seq_num                   182 
_entity_src_gen.gene_src_common_name               'Bacillus alvei' 
_entity_src_gen.gene_src_genus                     ? 
_entity_src_gen.pdbx_gene_src_gene                 spaA 
_entity_src_gen.gene_src_species                   ? 
_entity_src_gen.gene_src_strain                    ? 
_entity_src_gen.gene_src_tissue                    ? 
_entity_src_gen.gene_src_tissue_fraction           ? 
_entity_src_gen.gene_src_details                   ? 
_entity_src_gen.pdbx_gene_src_fragment             ? 
_entity_src_gen.pdbx_gene_src_scientific_name      'Paenibacillus alvei' 
_entity_src_gen.pdbx_gene_src_ncbi_taxonomy_id     44250 
_entity_src_gen.pdbx_gene_src_variant              ? 
_entity_src_gen.pdbx_gene_src_cell_line            ? 
_entity_src_gen.pdbx_gene_src_atcc                 ? 
_entity_src_gen.pdbx_gene_src_organ                ? 
_entity_src_gen.pdbx_gene_src_organelle            ? 
_entity_src_gen.pdbx_gene_src_cell                 ? 
_entity_src_gen.pdbx_gene_src_cellular_location    ? 
_entity_src_gen.host_org_common_name               ? 
_entity_src_gen.pdbx_host_org_scientific_name      'Escherichia coli BL21(DE3)' 
_entity_src_gen.pdbx_host_org_ncbi_taxonomy_id     469008 
_entity_src_gen.host_org_genus                     ? 
_entity_src_gen.pdbx_host_org_gene                 ? 
_entity_src_gen.pdbx_host_org_organ                ? 
_entity_src_gen.host_org_species                   ? 
_entity_src_gen.pdbx_host_org_tissue               ? 
_entity_src_gen.pdbx_host_org_tissue_fraction      ? 
_entity_src_gen.pdbx_host_org_strain               ? 
_entity_src_gen.pdbx_host_org_variant              ? 
_entity_src_gen.pdbx_host_org_cell_line            ? 
_entity_src_gen.pdbx_host_org_atcc                 ? 
_entity_src_gen.pdbx_host_org_culture_collection   ? 
_entity_src_gen.pdbx_host_org_cell                 ? 
_entity_src_gen.pdbx_host_org_organelle            ? 
_entity_src_gen.pdbx_host_org_cellular_location    ? 
_entity_src_gen.pdbx_host_org_vector_type          ? 
_entity_src_gen.pdbx_host_org_vector               ? 
_entity_src_gen.host_org_details                   ? 
_entity_src_gen.expression_system_id               ? 
_entity_src_gen.plasmid_name                       ? 
_entity_src_gen.plasmid_details                    ? 
_entity_src_gen.pdbx_description                   ? 
# 
_struct_ref.id                         1 
_struct_ref.db_name                    UNP 
_struct_ref.db_code                    C1JZ07_PAEAL 
_struct_ref.pdbx_db_accession          C1JZ07 
_struct_ref.pdbx_db_isoform            ? 
_struct_ref.entity_id                  1 
_struct_ref.pdbx_seq_one_letter_code   
;VAFGADAAKTTQEKFDALKEAGVFSGYPGTTDAKLGQDMTRAEFAKVLVKLFGLKEIHGQYSYKDKNYDAKNWAAPFIEA
VTAEGLMQGKDLTKKIFDFNGKITVEEASKTLVTALKLEPVKDAQNKATDWAKGYFEAAVNAGLFSKDANPKANATRAQL
VEAAFAADEMSKG
;
_struct_ref.pdbx_align_begin           21 
# 
_struct_ref_seq.align_id                      1 
_struct_ref_seq.ref_id                        1 
_struct_ref_seq.pdbx_PDB_id_code              7SV6 
_struct_ref_seq.pdbx_strand_id                A 
_struct_ref_seq.seq_align_beg                 1 
_struct_ref_seq.pdbx_seq_align_beg_ins_code   ? 
_struct_ref_seq.seq_align_end                 173 
_struct_ref_seq.pdbx_seq_align_end_ins_code   ? 
_struct_ref_seq.pdbx_db_accession             C1JZ07 
_struct_ref_seq.db_align_beg                  21 
_struct_ref_seq.pdbx_db_align_beg_ins_code    ? 
_struct_ref_seq.db_align_end                  193 
_struct_ref_seq.pdbx_db_align_end_ins_code    ? 
_struct_ref_seq.pdbx_auth_seq_align_beg       21 
_struct_ref_seq.pdbx_auth_seq_align_end       193 
# 
loop_
_struct_ref_seq_dif.align_id 
_struct_ref_seq_dif.pdbx_pdb_id_code 
_struct_ref_seq_dif.mon_id 
_struct_ref_seq_dif.pdbx_pdb_strand_id 
_struct_ref_seq_dif.seq_num 
_struct_ref_seq_dif.pdbx_pdb_ins_code 
_struct_ref_seq_dif.pdbx_seq_db_name 
_struct_ref_seq_dif.pdbx_seq_db_accession_code 
_struct_ref_seq_dif.db_mon_id 
_struct_ref_seq_dif.pdbx_seq_db_seq_num 
_struct_ref_seq_dif.details 
_struct_ref_seq_dif.pdbx_auth_seq_num 
_struct_ref_seq_dif.pdbx_ordinal 
1 7SV6 ALA A 26  ? UNP C1JZ07 GLY 46  'engineered mutation' 46  1  
1 7SV6 ALA A 89  ? UNP C1JZ07 GLY 109 'engineered mutation' 109 2  
1 7SV6 SER A 174 ? UNP C1JZ07 ?   ?   'expression tag'      194 3  
1 7SV6 GLY A 175 ? UNP C1JZ07 ?   ?   'expression tag'      195 4  
1 7SV6 SER A 176 ? UNP C1JZ07 ?   ?   'expression tag'      196 5  
1 7SV6 HIS A 177 ? UNP C1JZ07 ?   ?   'expression tag'      197 6  
1 7SV6 HIS A 178 ? UNP C1JZ07 ?   ?   'expression tag'      198 7  
1 7SV6 HIS A 179 ? UNP C1JZ07 ?   ?   'expression tag'      199 8  
1 7SV6 HIS A 180 ? UNP C1JZ07 ?   ?   'expression tag'      200 9  
1 7SV6 HIS A 181 ? UNP C1JZ07 ?   ?   'expression tag'      201 10 
1 7SV6 HIS A 182 ? UNP C1JZ07 ?   ?   'expression tag'      202 11 
# 
loop_
_chem_comp.id 
_chem_comp.type 
_chem_comp.mon_nstd_flag 
_chem_comp.name 
_chem_comp.pdbx_synonyms 
_chem_comp.formula 
_chem_comp.formula_weight 
ALA 'L-peptide linking' y ALANINE ? 'C3 H7 N O2'     89.093  
ARG 'L-peptide linking' y ARGININE ? 'C6 H15 N4 O2 1' 175.209 
ASN 'L-peptide linking' y ASPARAGINE ? 'C4 H8 N2 O3'    132.118 
ASP 'L-peptide linking' y 'ASPARTIC ACID' ? 'C4 H7 N O4'     133.103 
D2Y non-polymer         . 
'methyl 2-acetamido-4-O-{2-acetamido-4,6-O-[(1S)-1-carboxyethylidene]-2-deoxy-beta-D-mannopyranosyl}-2-deoxy-beta-D-glucopyranoside' 
? 'C20 H32 N2 O13' 508.474 
GLN 'L-peptide linking' y GLUTAMINE ? 'C5 H10 N2 O3'   146.144 
GLU 'L-peptide linking' y 'GLUTAMIC ACID' ? 'C5 H9 N O4'     147.129 
GLY 'peptide linking'   y GLYCINE ? 'C2 H5 N O2'     75.067  
HIS 'L-peptide linking' y HISTIDINE ? 'C6 H10 N3 O2 1' 156.162 
HOH non-polymer         . WATER ? 'H2 O'           18.015  
ILE 'L-peptide linking' y ISOLEUCINE ? 'C6 H13 N O2'    131.173 
LEU 'L-peptide linking' y LEUCINE ? 'C6 H13 N O2'    131.173 
LYS 'L-peptide linking' y LYSINE ? 'C6 H15 N2 O2 1' 147.195 
MET 'L-peptide linking' y METHIONINE ? 'C5 H11 N O2 S'  149.211 
PHE 'L-peptide linking' y PHENYLALANINE ? 'C9 H11 N O2'    165.189 
PRO 'L-peptide linking' y PROLINE ? 'C5 H9 N O2'     115.130 
SER 'L-peptide linking' y SERINE ? 'C3 H7 N O3'     105.093 
THR 'L-peptide linking' y THREONINE ? 'C4 H9 N O3'     119.119 
TRP 'L-peptide linking' y TRYPTOPHAN ? 'C11 H12 N2 O2'  204.225 
TYR 'L-peptide linking' y TYROSINE ? 'C9 H11 N O3'    181.189 
VAL 'L-peptide linking' y VALINE ? 'C5 H11 N O2'    117.146 
# 
_exptl.absorpt_coefficient_mu     ? 
_exptl.absorpt_correction_T_max   ? 
_exptl.absorpt_correction_T_min   ? 
_exptl.absorpt_correction_type    ? 
_exptl.absorpt_process_details    ? 
_exptl.entry_id                   7SV6 
_exptl.crystals_number            1 
_exptl.details                    ? 
_exptl.method                     'X-RAY DIFFRACTION' 
_exptl.method_details             ? 
# 
_exptl_crystal.colour                      ? 
_exptl_crystal.density_diffrn              ? 
_exptl_crystal.density_Matthews            1.99 
_exptl_crystal.density_method              ? 
_exptl_crystal.density_percent_sol         38.29 
_exptl_crystal.description                 ? 
_exptl_crystal.F_000                       ? 
_exptl_crystal.id                          1 
_exptl_crystal.preparation                 ? 
_exptl_crystal.size_max                    ? 
_exptl_crystal.size_mid                    ? 
_exptl_crystal.size_min                    ? 
_exptl_crystal.size_rad                    ? 
_exptl_crystal.colour_lustre               ? 
_exptl_crystal.colour_modifier             ? 
_exptl_crystal.colour_primary              ? 
_exptl_crystal.density_meas                ? 
_exptl_crystal.density_meas_esd            ? 
_exptl_crystal.density_meas_gt             ? 
_exptl_crystal.density_meas_lt             ? 
_exptl_crystal.density_meas_temp           ? 
_exptl_crystal.density_meas_temp_esd       ? 
_exptl_crystal.density_meas_temp_gt        ? 
_exptl_crystal.density_meas_temp_lt        ? 
_exptl_crystal.pdbx_crystal_image_url      ? 
_exptl_crystal.pdbx_crystal_image_format   ? 
_exptl_crystal.pdbx_mosaicity              ? 
_exptl_crystal.pdbx_mosaicity_esd          ? 
# 
_exptl_crystal_grow.apparatus       ? 
_exptl_crystal_grow.atmosphere      ? 
_exptl_crystal_grow.crystal_id      1 
_exptl_crystal_grow.details         ? 
_exptl_crystal_grow.method          'VAPOR DIFFUSION, SITTING DROP' 
_exptl_crystal_grow.method_ref      ? 
_exptl_crystal_grow.pH              ? 
_exptl_crystal_grow.pressure        ? 
_exptl_crystal_grow.pressure_esd    ? 
_exptl_crystal_grow.seeding         ? 
_exptl_crystal_grow.seeding_ref     ? 
_exptl_crystal_grow.temp            291.15 
_exptl_crystal_grow.temp_details    ? 
_exptl_crystal_grow.temp_esd        ? 
_exptl_crystal_grow.time            ? 
_exptl_crystal_grow.pdbx_details    '0.1 M sodium acetate, 25% (w/v) PEG 4000, 8% (w/v) isopropanol' 
_exptl_crystal_grow.pdbx_pH_range   ? 
# 
_diffrn.ambient_environment              ? 
_diffrn.ambient_temp                     100 
_diffrn.ambient_temp_details             ? 
_diffrn.ambient_temp_esd                 ? 
_diffrn.crystal_id                       1 
_diffrn.crystal_support                  ? 
_diffrn.crystal_treatment                ? 
_diffrn.details                          ? 
_diffrn.id                               1 
_diffrn.ambient_pressure                 ? 
_diffrn.ambient_pressure_esd             ? 
_diffrn.ambient_pressure_gt              ? 
_diffrn.ambient_pressure_lt              ? 
_diffrn.ambient_temp_gt                  ? 
_diffrn.ambient_temp_lt                  ? 
_diffrn.pdbx_serial_crystal_experiment   N 
# 
_diffrn_detector.details                      ? 
_diffrn_detector.detector                     PIXEL 
_diffrn_detector.diffrn_id                    1 
_diffrn_detector.type                         'DECTRIS PILATUS 200K' 
_diffrn_detector.area_resol_mean              ? 
_diffrn_detector.dtime                        ? 
_diffrn_detector.pdbx_frames_total            ? 
_diffrn_detector.pdbx_collection_time_total   ? 
_diffrn_detector.pdbx_collection_date         2019-01-25 
_diffrn_detector.pdbx_frequency               ? 
# 
_diffrn_radiation.collimation                      ? 
_diffrn_radiation.diffrn_id                        1 
_diffrn_radiation.filter_edge                      ? 
_diffrn_radiation.inhomogeneity                    ? 
_diffrn_radiation.monochromator                    ? 
_diffrn_radiation.polarisn_norm                    ? 
_diffrn_radiation.polarisn_ratio                   ? 
_diffrn_radiation.probe                            ? 
_diffrn_radiation.type                             ? 
_diffrn_radiation.xray_symbol                      ? 
_diffrn_radiation.wavelength_id                    1 
_diffrn_radiation.pdbx_monochromatic_or_laue_m_l   M 
_diffrn_radiation.pdbx_wavelength_list             ? 
_diffrn_radiation.pdbx_wavelength                  ? 
_diffrn_radiation.pdbx_diffrn_protocol             'SINGLE WAVELENGTH' 
_diffrn_radiation.pdbx_analyzer                    ? 
_diffrn_radiation.pdbx_scattering_type             x-ray 
# 
_diffrn_radiation_wavelength.id           1 
_diffrn_radiation_wavelength.wavelength   1.5418 
_diffrn_radiation_wavelength.wt           1.0 
# 
_diffrn_source.current                     ? 
_diffrn_source.details                     ? 
_diffrn_source.diffrn_id                   1 
_diffrn_source.power                       ? 
_diffrn_source.size                        ? 
_diffrn_source.source                      'ROTATING ANODE' 
_diffrn_source.target                      ? 
_diffrn_source.type                        'RIGAKU MICROMAX-007 HF' 
_diffrn_source.voltage                     ? 
_diffrn_source.take-off_angle              ? 
_diffrn_source.pdbx_wavelength_list        1.5418 
_diffrn_source.pdbx_wavelength             ? 
_diffrn_source.pdbx_synchrotron_beamline   ? 
_diffrn_source.pdbx_synchrotron_site       ? 
# 
_reflns.B_iso_Wilson_estimate                          ? 
_reflns.entry_id                                       7SV6 
_reflns.data_reduction_details                         ? 
_reflns.data_reduction_method                          ? 
_reflns.d_resolution_high                              1.850 
_reflns.d_resolution_low                               20.000 
_reflns.details                                        ? 
_reflns.limit_h_max                                    ? 
_reflns.limit_h_min                                    ? 
_reflns.limit_k_max                                    ? 
_reflns.limit_k_min                                    ? 
_reflns.limit_l_max                                    ? 
_reflns.limit_l_min                                    ? 
_reflns.number_all                                     ? 
_reflns.number_obs                                     13823 
_reflns.observed_criterion                             ? 
_reflns.observed_criterion_F_max                       ? 
_reflns.observed_criterion_F_min                       ? 
_reflns.observed_criterion_I_max                       ? 
_reflns.observed_criterion_I_min                       ? 
_reflns.observed_criterion_sigma_F                     ? 
_reflns.observed_criterion_sigma_I                     ? 
_reflns.percent_possible_obs                           98.200 
_reflns.R_free_details                                 ? 
_reflns.Rmerge_F_all                                   ? 
_reflns.Rmerge_F_obs                                   ? 
_reflns.Friedel_coverage                               ? 
_reflns.number_gt                                      ? 
_reflns.threshold_expression                           ? 
_reflns.pdbx_redundancy                                4.300 
_reflns.pdbx_Rmerge_I_obs                              0.099 
_reflns.pdbx_Rmerge_I_all                              ? 
_reflns.pdbx_Rsym_value                                ? 
_reflns.pdbx_netI_over_av_sigmaI                       ? 
_reflns.pdbx_netI_over_sigmaI                          8.100 
_reflns.pdbx_res_netI_over_av_sigmaI_2                 ? 
_reflns.pdbx_res_netI_over_sigmaI_2                    ? 
_reflns.pdbx_chi_squared                               0.962 
_reflns.pdbx_scaling_rejects                           ? 
_reflns.pdbx_d_res_high_opt                            ? 
_reflns.pdbx_d_res_low_opt                             ? 
_reflns.pdbx_d_res_opt_method                          ? 
_reflns.phase_calculation_details                      ? 
_reflns.pdbx_Rrim_I_all                                0.113 
_reflns.pdbx_Rpim_I_all                                0.053 
_reflns.pdbx_d_opt                                     ? 
_reflns.pdbx_number_measured_all                       59023 
_reflns.pdbx_diffrn_id                                 1 
_reflns.pdbx_ordinal                                   1 
_reflns.pdbx_CC_half                                   ? 
_reflns.pdbx_CC_star                                   ? 
_reflns.pdbx_R_split                                   ? 
_reflns.pdbx_aniso_diffraction_limit_axis_1_ortho[1]   ? 
_reflns.pdbx_aniso_diffraction_limit_axis_1_ortho[2]   ? 
_reflns.pdbx_aniso_diffraction_limit_axis_1_ortho[3]   ? 
_reflns.pdbx_aniso_diffraction_limit_axis_2_ortho[1]   ? 
_reflns.pdbx_aniso_diffraction_limit_axis_2_ortho[2]   ? 
_reflns.pdbx_aniso_diffraction_limit_axis_2_ortho[3]   ? 
_reflns.pdbx_aniso_diffraction_limit_axis_3_ortho[1]   ? 
_reflns.pdbx_aniso_diffraction_limit_axis_3_ortho[2]   ? 
_reflns.pdbx_aniso_diffraction_limit_axis_3_ortho[3]   ? 
_reflns.pdbx_aniso_diffraction_limit_1                 ? 
_reflns.pdbx_aniso_diffraction_limit_2                 ? 
_reflns.pdbx_aniso_diffraction_limit_3                 ? 
_reflns.pdbx_aniso_B_tensor_eigenvector_1_ortho[1]     ? 
_reflns.pdbx_aniso_B_tensor_eigenvector_1_ortho[2]     ? 
_reflns.pdbx_aniso_B_tensor_eigenvector_1_ortho[3]     ? 
_reflns.pdbx_aniso_B_tensor_eigenvector_2_ortho[1]     ? 
_reflns.pdbx_aniso_B_tensor_eigenvector_2_ortho[2]     ? 
_reflns.pdbx_aniso_B_tensor_eigenvector_2_ortho[3]     ? 
_reflns.pdbx_aniso_B_tensor_eigenvector_3_ortho[1]     ? 
_reflns.pdbx_aniso_B_tensor_eigenvector_3_ortho[2]     ? 
_reflns.pdbx_aniso_B_tensor_eigenvector_3_ortho[3]     ? 
_reflns.pdbx_aniso_B_tensor_eigenvalue_1               ? 
_reflns.pdbx_aniso_B_tensor_eigenvalue_2               ? 
_reflns.pdbx_aniso_B_tensor_eigenvalue_3               ? 
_reflns.pdbx_orthogonalization_convention              ? 
_reflns.pdbx_percent_possible_ellipsoidal              ? 
_reflns.pdbx_percent_possible_spherical                ? 
_reflns.pdbx_percent_possible_ellipsoidal_anomalous    ? 
_reflns.pdbx_percent_possible_spherical_anomalous      ? 
_reflns.pdbx_redundancy_anomalous                      ? 
_reflns.pdbx_CC_half_anomalous                         ? 
_reflns.pdbx_absDiff_over_sigma_anomalous              ? 
_reflns.pdbx_percent_possible_anomalous                ? 
_reflns.pdbx_observed_signal_threshold                 ? 
_reflns.pdbx_signal_type                               ? 
_reflns.pdbx_signal_details                            ? 
_reflns.pdbx_signal_software_id                        ? 
# 
loop_
_reflns_shell.d_res_high 
_reflns_shell.d_res_low 
_reflns_shell.meanI_over_sigI_all 
_reflns_shell.meanI_over_sigI_obs 
_reflns_shell.number_measured_all 
_reflns_shell.number_measured_obs 
_reflns_shell.number_possible 
_reflns_shell.number_unique_all 
_reflns_shell.number_unique_obs 
_reflns_shell.percent_possible_all 
_reflns_shell.percent_possible_obs 
_reflns_shell.Rmerge_F_all 
_reflns_shell.Rmerge_F_obs 
_reflns_shell.Rmerge_I_all 
_reflns_shell.Rmerge_I_obs 
_reflns_shell.meanI_over_sigI_gt 
_reflns_shell.meanI_over_uI_all 
_reflns_shell.meanI_over_uI_gt 
_reflns_shell.number_measured_gt 
_reflns_shell.number_unique_gt 
_reflns_shell.percent_possible_gt 
_reflns_shell.Rmerge_F_gt 
_reflns_shell.Rmerge_I_gt 
_reflns_shell.pdbx_redundancy 
_reflns_shell.pdbx_Rsym_value 
_reflns_shell.pdbx_chi_squared 
_reflns_shell.pdbx_netI_over_sigmaI_all 
_reflns_shell.pdbx_netI_over_sigmaI_obs 
_reflns_shell.pdbx_Rrim_I_all 
_reflns_shell.pdbx_Rpim_I_all 
_reflns_shell.pdbx_rejects 
_reflns_shell.pdbx_ordinal 
_reflns_shell.pdbx_diffrn_id 
_reflns_shell.pdbx_CC_half 
_reflns_shell.pdbx_CC_star 
_reflns_shell.pdbx_R_split 
_reflns_shell.pdbx_percent_possible_ellipsoidal 
_reflns_shell.pdbx_percent_possible_spherical 
_reflns_shell.pdbx_percent_possible_ellipsoidal_anomalous 
_reflns_shell.pdbx_percent_possible_spherical_anomalous 
_reflns_shell.pdbx_redundancy_anomalous 
_reflns_shell.pdbx_CC_half_anomalous 
_reflns_shell.pdbx_absDiff_over_sigma_anomalous 
_reflns_shell.pdbx_percent_possible_anomalous 
1.850 1.920  ? ? ? ? ? ? 1334 99.300  ? ? ? ? 0.540 ? ? ? ? ? ? ? ? 3.200 ? 1.096 ? ? 0.646 0.345 ? 1  1 0.795 ? ? ? ? ? ? ? ? ? ? 
1.920 1.990  ? ? ? ? ? ? 1395 99.600  ? ? ? ? 0.399 ? ? ? ? ? ? ? ? 3.900 ? 1.008 ? ? 0.461 0.227 ? 2  1 0.880 ? ? ? ? ? ? ? ? ? ? 
1.990 2.080  ? ? ? ? ? ? 1380 100.000 ? ? ? ? 0.303 ? ? ? ? ? ? ? ? 4.500 ? 0.977 ? ? 0.343 0.159 ? 3  1 0.952 ? ? ? ? ? ? ? ? ? ? 
2.080 2.190  ? ? ? ? ? ? 1373 100.000 ? ? ? ? 0.228 ? ? ? ? ? ? ? ? 4.600 ? 0.961 ? ? 0.257 0.118 ? 4  1 0.961 ? ? ? ? ? ? ? ? ? ? 
2.190 2.330  ? ? ? ? ? ? 1392 100.000 ? ? ? ? 0.189 ? ? ? ? ? ? ? ? 4.700 ? 0.981 ? ? 0.212 0.096 ? 5  1 0.976 ? ? ? ? ? ? ? ? ? ? 
2.330 2.510  ? ? ? ? ? ? 1396 100.000 ? ? ? ? 0.151 ? ? ? ? ? ? ? ? 4.700 ? 0.983 ? ? 0.170 0.076 ? 6  1 0.984 ? ? ? ? ? ? ? ? ? ? 
2.510 2.760  ? ? ? ? ? ? 1397 99.900  ? ? ? ? 0.123 ? ? ? ? ? ? ? ? 4.800 ? 0.972 ? ? 0.139 0.062 ? 7  1 0.990 ? ? ? ? ? ? ? ? ? ? 
2.760 3.160  ? ? ? ? ? ? 1403 99.200  ? ? ? ? 0.088 ? ? ? ? ? ? ? ? 4.600 ? 0.978 ? ? 0.100 0.045 ? 8  1 0.993 ? ? ? ? ? ? ? ? ? ? 
3.160 3.980  ? ? ? ? ? ? 1279 88.800  ? ? ? ? 0.054 ? ? ? ? ? ? ? ? 3.600 ? 0.827 ? ? 0.062 0.031 ? 9  1 0.996 ? ? ? ? ? ? ? ? ? ? 
3.980 20.000 ? ? ? ? ? ? 1474 96.200  ? ? ? ? 0.051 ? ? ? ? ? ? ? ? 4.000 ? 0.831 ? ? 0.058 0.028 ? 10 1 0.997 ? ? ? ? ? ? ? ? ? ? 
# 
_refine.aniso_B[1][1]                            2.2100 
_refine.aniso_B[1][2]                            0.0000 
_refine.aniso_B[1][3]                            0.0000 
_refine.aniso_B[2][2]                            -0.8600 
_refine.aniso_B[2][3]                            0.0000 
_refine.aniso_B[3][3]                            -1.3500 
_refine.B_iso_max                                61.520 
_refine.B_iso_mean                               21.5330 
_refine.B_iso_min                                13.490 
_refine.correlation_coeff_Fo_to_Fc               0.9540 
_refine.correlation_coeff_Fo_to_Fc_free          0.9430 
_refine.details                                  
'HYDROGENS HAVE BEEN ADDED IN THE RIDING POSITIONS U VALUES      : REFINED INDIVIDUALLY' 
_refine.diff_density_max                         ? 
_refine.diff_density_max_esd                     ? 
_refine.diff_density_min                         ? 
_refine.diff_density_min_esd                     ? 
_refine.diff_density_rms                         ? 
_refine.diff_density_rms_esd                     ? 
_refine.entry_id                                 7SV6 
_refine.pdbx_refine_id                           'X-RAY DIFFRACTION' 
_refine.ls_abs_structure_details                 ? 
_refine.ls_abs_structure_Flack                   ? 
_refine.ls_abs_structure_Flack_esd               ? 
_refine.ls_abs_structure_Rogers                  ? 
_refine.ls_abs_structure_Rogers_esd              ? 
_refine.ls_d_res_high                            1.8500 
_refine.ls_d_res_low                             19.6300 
_refine.ls_extinction_coef                       ? 
_refine.ls_extinction_coef_esd                   ? 
_refine.ls_extinction_expression                 ? 
_refine.ls_extinction_method                     ? 
_refine.ls_goodness_of_fit_all                   ? 
_refine.ls_goodness_of_fit_all_esd               ? 
_refine.ls_goodness_of_fit_obs                   ? 
_refine.ls_goodness_of_fit_obs_esd               ? 
_refine.ls_hydrogen_treatment                    ? 
_refine.ls_matrix_type                           ? 
_refine.ls_number_constraints                    ? 
_refine.ls_number_parameters                     ? 
_refine.ls_number_reflns_all                     ? 
_refine.ls_number_reflns_obs                     13083 
_refine.ls_number_reflns_R_free                  694 
_refine.ls_number_reflns_R_work                  ? 
_refine.ls_number_restraints                     ? 
_refine.ls_percent_reflns_obs                    97.7400 
_refine.ls_percent_reflns_R_free                 5.0000 
_refine.ls_R_factor_all                          ? 
_refine.ls_R_factor_obs                          0.1877 
_refine.ls_R_factor_R_free                       0.2173 
_refine.ls_R_factor_R_free_error                 ? 
_refine.ls_R_factor_R_free_error_details         ? 
_refine.ls_R_factor_R_work                       0.1861 
_refine.ls_R_Fsqd_factor_obs                     ? 
_refine.ls_R_I_factor_obs                        ? 
_refine.ls_redundancy_reflns_all                 ? 
_refine.ls_redundancy_reflns_obs                 ? 
_refine.ls_restrained_S_all                      ? 
_refine.ls_restrained_S_obs                      ? 
_refine.ls_shift_over_esd_max                    ? 
_refine.ls_shift_over_esd_mean                   ? 
_refine.ls_structure_factor_coef                 ? 
_refine.ls_weighting_details                     ? 
_refine.ls_weighting_scheme                      ? 
_refine.ls_wR_factor_all                         ? 
_refine.ls_wR_factor_obs                         ? 
_refine.ls_wR_factor_R_free                      ? 
_refine.ls_wR_factor_R_work                      ? 
_refine.occupancy_max                            ? 
_refine.occupancy_min                            ? 
_refine.solvent_model_details                    MASK 
_refine.solvent_model_param_bsol                 ? 
_refine.solvent_model_param_ksol                 ? 
_refine.pdbx_R_complete                          ? 
_refine.ls_R_factor_gt                           ? 
_refine.ls_goodness_of_fit_gt                    ? 
_refine.ls_goodness_of_fit_ref                   ? 
_refine.ls_shift_over_su_max                     ? 
_refine.ls_shift_over_su_max_lt                  ? 
_refine.ls_shift_over_su_mean                    ? 
_refine.ls_shift_over_su_mean_lt                 ? 
_refine.pdbx_ls_sigma_I                          ? 
_refine.pdbx_ls_sigma_F                          0.000 
_refine.pdbx_ls_sigma_Fsqd                       ? 
_refine.pdbx_data_cutoff_high_absF               ? 
_refine.pdbx_data_cutoff_high_rms_absF           ? 
_refine.pdbx_data_cutoff_low_absF                ? 
_refine.pdbx_isotropic_thermal_model             ? 
_refine.pdbx_ls_cross_valid_method               THROUGHOUT 
_refine.pdbx_method_to_determine_struct          'MOLECULAR REPLACEMENT' 
_refine.pdbx_starting_model                      6CWM 
_refine.pdbx_stereochemistry_target_values       'MAXIMUM LIKELIHOOD' 
_refine.pdbx_R_Free_selection_details            RANDOM 
_refine.pdbx_stereochem_target_val_spec_case     ? 
_refine.pdbx_overall_ESU_R                       0.1550 
_refine.pdbx_overall_ESU_R_Free                  0.1360 
_refine.pdbx_solvent_vdw_probe_radii             1.2000 
_refine.pdbx_solvent_ion_probe_radii             0.8000 
_refine.pdbx_solvent_shrinkage_radii             0.8000 
_refine.pdbx_real_space_R                        ? 
_refine.pdbx_density_correlation                 ? 
_refine.pdbx_pd_number_of_powder_patterns        ? 
_refine.pdbx_pd_number_of_points                 ? 
_refine.pdbx_pd_meas_number_of_points            ? 
_refine.pdbx_pd_proc_ls_prof_R_factor            ? 
_refine.pdbx_pd_proc_ls_prof_wR_factor           ? 
_refine.pdbx_pd_Marquardt_correlation_coeff      ? 
_refine.pdbx_pd_Fsqrd_R_factor                   ? 
_refine.pdbx_pd_ls_matrix_band_width             ? 
_refine.pdbx_overall_phase_error                 ? 
_refine.pdbx_overall_SU_R_free_Cruickshank_DPI   ? 
_refine.pdbx_overall_SU_R_free_Blow_DPI          ? 
_refine.pdbx_overall_SU_R_Blow_DPI               ? 
_refine.pdbx_TLS_residual_ADP_flag               ? 
_refine.pdbx_diffrn_id                           1 
_refine.overall_SU_B                             3.2490 
_refine.overall_SU_ML                            0.0970 
_refine.overall_SU_R_Cruickshank_DPI             ? 
_refine.overall_SU_R_free                        ? 
_refine.overall_FOM_free_R_set                   ? 
_refine.overall_FOM_work_R_set                   ? 
_refine.pdbx_average_fsc_overall                 ? 
_refine.pdbx_average_fsc_work                    ? 
_refine.pdbx_average_fsc_free                    ? 
# 
_refine_hist.pdbx_refine_id                   'X-RAY DIFFRACTION' 
_refine_hist.cycle_id                         final 
_refine_hist.details                          ? 
_refine_hist.d_res_high                       1.8500 
_refine_hist.d_res_low                        19.6300 
_refine_hist.number_atoms_solvent             112 
_refine_hist.number_atoms_total               1415 
_refine_hist.number_reflns_all                ? 
_refine_hist.number_reflns_obs                ? 
_refine_hist.number_reflns_R_free             ? 
_refine_hist.number_reflns_R_work             ? 
_refine_hist.R_factor_all                     ? 
_refine_hist.R_factor_obs                     ? 
_refine_hist.R_factor_R_free                  ? 
_refine_hist.R_factor_R_work                  ? 
_refine_hist.pdbx_number_residues_total       165 
_refine_hist.pdbx_B_iso_mean_ligand           37.07 
_refine_hist.pdbx_B_iso_mean_solvent          31.57 
_refine_hist.pdbx_number_atoms_protein        1268 
_refine_hist.pdbx_number_atoms_nucleic_acid   0 
_refine_hist.pdbx_number_atoms_ligand         35 
_refine_hist.pdbx_number_atoms_lipid          ? 
_refine_hist.pdbx_number_atoms_carb           ? 
_refine_hist.pdbx_pseudo_atom_details         ? 
# 
loop_
_refine_ls_restr.pdbx_refine_id 
_refine_ls_restr.criterion 
_refine_ls_restr.dev_ideal 
_refine_ls_restr.dev_ideal_target 
_refine_ls_restr.number 
_refine_ls_restr.rejects 
_refine_ls_restr.type 
_refine_ls_restr.weight 
_refine_ls_restr.pdbx_restraint_function 
'X-RAY DIFFRACTION' ? 0.004  0.013  1343 ? r_bond_refined_d       ? ? 
'X-RAY DIFFRACTION' ? 0.002  0.018  1251 ? r_bond_other_d         ? ? 
'X-RAY DIFFRACTION' ? 1.228  1.684  1819 ? r_angle_refined_deg    ? ? 
'X-RAY DIFFRACTION' ? 1.270  1.639  2918 ? r_angle_other_deg      ? ? 
'X-RAY DIFFRACTION' ? 5.617  5.000  168  ? r_dihedral_angle_1_deg ? ? 
'X-RAY DIFFRACTION' ? 31.091 25.667 60   ? r_dihedral_angle_2_deg ? ? 
'X-RAY DIFFRACTION' ? 11.875 15.000 231  ? r_dihedral_angle_3_deg ? ? 
'X-RAY DIFFRACTION' ? 11.914 15.000 2    ? r_dihedral_angle_4_deg ? ? 
'X-RAY DIFFRACTION' ? 0.052  0.200  185  ? r_chiral_restr         ? ? 
'X-RAY DIFFRACTION' ? 0.004  0.020  1487 ? r_gen_planes_refined   ? ? 
'X-RAY DIFFRACTION' ? 0.001  0.020  259  ? r_gen_planes_other     ? ? 
# 
_refine_ls_shell.pdbx_refine_id                   'X-RAY DIFFRACTION' 
_refine_ls_shell.d_res_high                       1.8500 
_refine_ls_shell.d_res_low                        1.8980 
_refine_ls_shell.number_reflns_all                933 
_refine_ls_shell.number_reflns_obs                ? 
_refine_ls_shell.number_reflns_R_free             46 
_refine_ls_shell.number_reflns_R_work             887 
_refine_ls_shell.percent_reflns_obs               94.0500 
_refine_ls_shell.percent_reflns_R_free            ? 
_refine_ls_shell.R_factor_all                     ? 
_refine_ls_shell.R_factor_obs                     ? 
_refine_ls_shell.R_factor_R_free                  0.2900 
_refine_ls_shell.R_factor_R_free_error            0.0000 
_refine_ls_shell.R_factor_R_work                  0.2660 
_refine_ls_shell.redundancy_reflns_all            ? 
_refine_ls_shell.redundancy_reflns_obs            ? 
_refine_ls_shell.wR_factor_all                    ? 
_refine_ls_shell.wR_factor_obs                    ? 
_refine_ls_shell.wR_factor_R_free                 ? 
_refine_ls_shell.wR_factor_R_work                 ? 
_refine_ls_shell.pdbx_R_complete                  ? 
_refine_ls_shell.pdbx_total_number_of_bins_used   20 
_refine_ls_shell.pdbx_phase_error                 ? 
_refine_ls_shell.pdbx_fsc_work                    ? 
_refine_ls_shell.pdbx_fsc_free                    ? 
# 
_struct.entry_id                     7SV6 
_struct.title                        
'Crystal structure of SpaA-SLH/G46A/G109A in complex with 4,6-Pyr-beta-D-ManNAc-(1->4)-beta-D-GlcNAcOMe' 
_struct.pdbx_model_details           ? 
_struct.pdbx_formula_weight          ? 
_struct.pdbx_formula_weight_method   ? 
_struct.pdbx_model_type_details      ? 
_struct.pdbx_CASP_flag               N 
# 
_struct_keywords.entry_id        7SV6 
_struct_keywords.text            'S-layer, SLH domain, Secondary cell wall polymer, SUGAR BINDING PROTEIN' 
_struct_keywords.pdbx_keywords   'SUGAR BINDING PROTEIN' 
# 
loop_
_struct_asym.id 
_struct_asym.pdbx_blank_PDB_chainid_flag 
_struct_asym.pdbx_modified 
_struct_asym.entity_id 
_struct_asym.details 
A N N 1 ? 
B N N 2 ? 
C N N 3 ? 
# 
loop_
_struct_conf.conf_type_id 
_struct_conf.id 
_struct_conf.pdbx_PDB_helix_id 
_struct_conf.beg_label_comp_id 
_struct_conf.beg_label_asym_id 
_struct_conf.beg_label_seq_id 
_struct_conf.pdbx_beg_PDB_ins_code 
_struct_conf.end_label_comp_id 
_struct_conf.end_label_asym_id 
_struct_conf.end_label_seq_id 
_struct_conf.pdbx_end_PDB_ins_code 
_struct_conf.beg_auth_comp_id 
_struct_conf.beg_auth_asym_id 
_struct_conf.beg_auth_seq_id 
_struct_conf.end_auth_comp_id 
_struct_conf.end_auth_asym_id 
_struct_conf.end_auth_seq_id 
_struct_conf.pdbx_PDB_helix_class 
_struct_conf.details 
_struct_conf.pdbx_PDB_helix_length 
HELX_P HELX_P1 AA1 THR A 10  ? ALA A 21  ? THR A 30  ALA A 41  1 ? 12 
HELX_P HELX_P2 AA2 THR A 40  ? GLY A 53  ? THR A 60  GLY A 73  1 ? 14 
HELX_P HELX_P3 AA3 ALA A 74  ? GLU A 84  ? ALA A 94  GLU A 104 1 ? 11 
HELX_P HELX_P4 AA4 THR A 104 ? LEU A 116 ? THR A 124 LEU A 136 1 ? 13 
HELX_P HELX_P5 AA5 THR A 129 ? TRP A 131 ? THR A 149 TRP A 151 5 ? 3  
HELX_P HELX_P6 AA6 ALA A 132 ? ALA A 142 ? ALA A 152 ALA A 162 1 ? 11 
HELX_P HELX_P7 AA7 THR A 156 ? LYS A 172 ? THR A 176 LYS A 192 1 ? 17 
# 
_struct_conf_type.id          HELX_P 
_struct_conf_type.criteria    ? 
_struct_conf_type.reference   ? 
# 
_atom_sites.entry_id                    7SV6 
_atom_sites.Cartn_transf_matrix[1][1]   ? 
_atom_sites.Cartn_transf_matrix[1][2]   ? 
_atom_sites.Cartn_transf_matrix[1][3]   ? 
_atom_sites.Cartn_transf_matrix[2][1]   ? 
_atom_sites.Cartn_transf_matrix[2][2]   ? 
_atom_sites.Cartn_transf_matrix[2][3]   ? 
_atom_sites.Cartn_transf_matrix[3][1]   ? 
_atom_sites.Cartn_transf_matrix[3][2]   ? 
_atom_sites.Cartn_transf_matrix[3][3]   ? 
_atom_sites.Cartn_transf_vector[1]      ? 
_atom_sites.Cartn_transf_vector[2]      ? 
_atom_sites.Cartn_transf_vector[3]      ? 
_atom_sites.fract_transf_matrix[1][1]   -0.00566310 
_atom_sites.fract_transf_matrix[1][2]   -0.00739051 
_atom_sites.fract_transf_matrix[1][3]   -0.02854699 
_atom_sites.fract_transf_matrix[2][1]   -0.00836607 
_atom_sites.fract_transf_matrix[2][2]   0.01263719 
_atom_sites.fract_transf_matrix[2][3]   -0.00161199 
_atom_sites.fract_transf_matrix[3][1]   0.01126450 
_atom_sites.fract_transf_matrix[3][2]   0.00694299 
_atom_sites.fract_transf_matrix[3][3]   -0.00403209 
_atom_sites.fract_transf_vector[1]      -0.307214 
_atom_sites.fract_transf_vector[2]      -0.044484 
_atom_sites.fract_transf_vector[3]      0.159034 
_atom_sites.solution_primary            ? 
_atom_sites.solution_secondary          ? 
_atom_sites.solution_hydrogens          ? 
_atom_sites.special_details             ? 
# 
loop_
_atom_type.symbol 
C 
N 
O 
S 
# 
loop_
_atom_site.group_PDB 
_atom_site.id 
_atom_site.type_symbol 
_atom_site.label_atom_id 
_atom_site.label_alt_id 
_atom_site.label_comp_id 
_atom_site.label_asym_id 
_atom_site.label_entity_id 
_atom_site.label_seq_id 
_atom_site.pdbx_PDB_ins_code 
_atom_site.Cartn_x 
_atom_site.Cartn_y 
_atom_site.Cartn_z 
_atom_site.occupancy 
_atom_site.B_iso_or_equiv 
_atom_site.pdbx_formal_charge 
_atom_site.auth_seq_id 
_atom_site.auth_comp_id 
_atom_site.auth_asym_id 
_atom_site.auth_atom_id 
_atom_site.pdbx_PDB_model_num 
ATOM   1    N N   . ALA A 1 8   ? -17.412 4.442   16.469  1.00 41.24 ? 28  ALA A N   1 
ATOM   2    C CA  . ALA A 1 8   ? -16.879 3.341   15.603  1.00 40.22 ? 28  ALA A CA  1 
ATOM   3    C C   . ALA A 1 8   ? -17.217 3.630   14.133  1.00 38.45 ? 28  ALA A C   1 
ATOM   4    O O   . ALA A 1 8   ? -18.333 3.276   13.697  1.00 39.12 ? 28  ALA A O   1 
ATOM   5    C CB  . ALA A 1 8   ? -17.442 2.015   16.057  1.00 40.78 ? 28  ALA A CB  1 
ATOM   6    N N   . LYS A 1 9   ? -16.290 4.251   13.396  1.00 35.49 ? 29  LYS A N   1 
ATOM   7    C CA  . LYS A 1 9   ? -16.531 4.751   12.015  1.00 33.09 ? 29  LYS A CA  1 
ATOM   8    C C   . LYS A 1 9   ? -16.678 3.575   11.039  1.00 29.78 ? 29  LYS A C   1 
ATOM   9    O O   . LYS A 1 9   ? -15.941 2.577   11.184  1.00 29.38 ? 29  LYS A O   1 
ATOM   10   C CB  . LYS A 1 9   ? -15.412 5.693   11.562  1.00 35.49 ? 29  LYS A CB  1 
ATOM   11   C CG  . LYS A 1 9   ? -15.638 7.170   11.866  1.00 38.03 ? 29  LYS A CG  1 
ATOM   12   C CD  . LYS A 1 9   ? -14.803 8.096   10.999  1.00 39.50 ? 29  LYS A CD  1 
ATOM   13   C CE  . LYS A 1 9   ? -15.099 9.561   11.238  1.00 41.82 ? 29  LYS A CE  1 
ATOM   14   N NZ  . LYS A 1 9   ? -14.556 10.015  12.541  1.00 42.87 ? 29  LYS A NZ  1 
ATOM   15   N N   . THR A 1 10  ? -17.586 3.701   10.068  1.00 25.92 ? 30  THR A N   1 
ATOM   16   C CA  . THR A 1 10  ? -17.752 2.735   8.953   1.00 23.36 ? 30  THR A CA  1 
ATOM   17   C C   . THR A 1 10  ? -16.556 2.869   8.003   1.00 22.08 ? 30  THR A C   1 
ATOM   18   O O   . THR A 1 10  ? -15.831 3.879   8.105   1.00 20.35 ? 30  THR A O   1 
ATOM   19   C CB  . THR A 1 10  ? -19.054 2.968   8.180   1.00 22.87 ? 30  THR A CB  1 
ATOM   20   O OG1 . THR A 1 10  ? -18.967 4.260   7.578   1.00 22.20 ? 30  THR A OG1 1 
ATOM   21   C CG2 . THR A 1 10  ? -20.295 2.862   9.043   1.00 22.59 ? 30  THR A CG2 1 
ATOM   22   N N   . THR A 1 11  ? -16.391 1.924   7.079   1.00 21.55 ? 31  THR A N   1 
ATOM   23   C CA  . THR A 1 11  ? -15.346 1.979   6.021   1.00 21.12 ? 31  THR A CA  1 
ATOM   24   C C   . THR A 1 11  ? -15.577 3.219   5.145   1.00 22.37 ? 31  THR A C   1 
ATOM   25   O O   . THR A 1 11  ? -14.584 3.914   4.850   1.00 21.38 ? 31  THR A O   1 
ATOM   26   C CB  . THR A 1 11  ? -15.293 0.676   5.213   1.00 20.93 ? 31  THR A CB  1 
ATOM   27   O OG1 . THR A 1 11  ? -15.146 -0.402  6.139   1.00 19.62 ? 31  THR A OG1 1 
ATOM   28   C CG2 . THR A 1 11  ? -14.150 0.645   4.221   1.00 19.62 ? 31  THR A CG2 1 
ATOM   29   N N   . GLN A 1 12  ? -16.827 3.497   4.751   1.00 23.25 ? 32  GLN A N   1 
ATOM   30   C CA  . GLN A 1 12  ? -17.160 4.653   3.871   1.00 25.46 ? 32  GLN A CA  1 
ATOM   31   C C   . GLN A 1 12  ? -16.794 5.949   4.608   1.00 24.77 ? 32  GLN A C   1 
ATOM   32   O O   . GLN A 1 12  ? -16.215 6.843   3.961   1.00 23.75 ? 32  GLN A O   1 
ATOM   33   C CB  . GLN A 1 12  ? -18.623 4.603   3.420   1.00 26.97 ? 32  GLN A CB  1 
ATOM   34   C CG  . GLN A 1 12  ? -19.041 5.761   2.512   1.00 28.81 ? 32  GLN A CG  1 
ATOM   35   C CD  . GLN A 1 12  ? -18.448 5.713   1.120   1.00 29.55 ? 32  GLN A CD  1 
ATOM   36   O OE1 . GLN A 1 12  ? -18.310 4.658   0.509   1.00 31.19 ? 32  GLN A OE1 1 
ATOM   37   N NE2 . GLN A 1 12  ? -18.103 6.877   0.593   1.00 30.84 ? 32  GLN A NE2 1 
ATOM   38   N N   . GLU A 1 13  ? -17.089 6.036   5.908   1.00 25.38 ? 33  GLU A N   1 
ATOM   39   C CA  . GLU A 1 13  ? -16.729 7.203   6.762   1.00 26.16 ? 33  GLU A CA  1 
ATOM   40   C C   . GLU A 1 13  ? -15.201 7.354   6.788   1.00 25.36 ? 33  GLU A C   1 
ATOM   41   O O   . GLU A 1 13  ? -14.710 8.491   6.635   1.00 23.75 ? 33  GLU A O   1 
ATOM   42   C CB  . GLU A 1 13  ? -17.256 7.037   8.188   1.00 27.86 ? 33  GLU A CB  1 
ATOM   43   C CG  . GLU A 1 13  ? -18.752 7.260   8.338   1.00 29.80 ? 33  GLU A CG  1 
ATOM   44   C CD  . GLU A 1 13  ? -19.245 7.092   9.766   1.00 31.31 ? 33  GLU A CD  1 
ATOM   45   O OE1 . GLU A 1 13  ? -18.837 6.121   10.434  1.00 30.97 ? 33  GLU A OE1 1 
ATOM   46   O OE2 . GLU A 1 13  ? -20.016 7.952   10.225  1.00 35.39 ? 33  GLU A OE2 1 
ATOM   47   N N   . LYS A 1 14  ? -14.478 6.248   6.995   1.00 24.34 ? 34  LYS A N   1 
ATOM   48   C CA  . LYS A 1 14  ? -12.990 6.226   7.001   1.00 23.41 ? 34  LYS A CA  1 
ATOM   49   C C   . LYS A 1 14  ? -12.475 6.692   5.632   1.00 22.39 ? 34  LYS A C   1 
ATOM   50   O O   . LYS A 1 14  ? -11.504 7.474   5.614   1.00 22.93 ? 34  LYS A O   1 
ATOM   51   C CB  . LYS A 1 14  ? -12.475 4.839   7.394   1.00 23.39 ? 34  LYS A CB  1 
ATOM   52   C CG  . LYS A 1 14  ? -12.626 4.510   8.871   1.00 24.18 ? 34  LYS A CG  1 
ATOM   53   C CD  . LYS A 1 14  ? -12.212 3.105   9.240   1.00 24.93 ? 34  LYS A CD  1 
ATOM   54   C CE  . LYS A 1 14  ? -12.497 2.791   10.694  1.00 25.24 ? 34  LYS A CE  1 
ATOM   55   N NZ  . LYS A 1 14  ? -11.986 1.456   11.080  1.00 25.08 ? 34  LYS A NZ  1 
ATOM   56   N N   . PHE A 1 15  ? -13.096 6.250   4.534   1.00 21.81 ? 35  PHE A N   1 
ATOM   57   C CA  . PHE A 1 15  ? -12.703 6.646   3.155   1.00 22.39 ? 35  PHE A CA  1 
ATOM   58   C C   . PHE A 1 15  ? -12.919 8.155   2.992   1.00 23.86 ? 35  PHE A C   1 
ATOM   59   O O   . PHE A 1 15  ? -11.997 8.857   2.552   1.00 22.65 ? 35  PHE A O   1 
ATOM   60   C CB  . PHE A 1 15  ? -13.477 5.869   2.088   1.00 21.88 ? 35  PHE A CB  1 
ATOM   61   C CG  . PHE A 1 15  ? -13.274 6.404   0.692   1.00 22.19 ? 35  PHE A CG  1 
ATOM   62   C CD1 . PHE A 1 15  ? -12.175 6.021   -0.064  1.00 21.98 ? 35  PHE A CD1 1 
ATOM   63   C CD2 . PHE A 1 15  ? -14.162 7.320   0.146   1.00 22.30 ? 35  PHE A CD2 1 
ATOM   64   C CE1 . PHE A 1 15  ? -11.978 6.530   -1.338  1.00 22.53 ? 35  PHE A CE1 1 
ATOM   65   C CE2 . PHE A 1 15  ? -13.964 7.827   -1.130  1.00 23.08 ? 35  PHE A CE2 1 
ATOM   66   C CZ  . PHE A 1 15  ? -12.874 7.430   -1.871  1.00 22.65 ? 35  PHE A CZ  1 
ATOM   67   N N   . ASP A 1 16  ? -14.113 8.640   3.336   1.00 24.65 ? 36  ASP A N   1 
ATOM   68   C CA  . ASP A 1 16  ? -14.477 10.079  3.215   1.00 25.63 ? 36  ASP A CA  1 
ATOM   69   C C   . ASP A 1 16  ? -13.439 10.944  3.942   1.00 25.50 ? 36  ASP A C   1 
ATOM   70   O O   . ASP A 1 16  ? -13.020 11.974  3.365   1.00 27.40 ? 36  ASP A O   1 
ATOM   71   C CB  . ASP A 1 16  ? -15.877 10.347  3.769   1.00 26.78 ? 36  ASP A CB  1 
ATOM   72   C CG  . ASP A 1 16  ? -16.998 9.741   2.948   1.00 28.78 ? 36  ASP A CG  1 
ATOM   73   O OD1 . ASP A 1 16  ? -16.789 9.518   1.734   1.00 30.99 ? 36  ASP A OD1 1 
ATOM   74   O OD2 . ASP A 1 16  ? -18.080 9.513   3.528   1.00 32.08 ? 36  ASP A OD2 1 
ATOM   75   N N   . ALA A 1 17  ? -13.050 10.549  5.158   1.00 25.09 ? 37  ALA A N   1 
ATOM   76   C CA  . ALA A 1 17  ? -12.083 11.269  6.018   1.00 24.90 ? 37  ALA A CA  1 
ATOM   77   C C   . ALA A 1 17  ? -10.715 11.310  5.327   1.00 25.49 ? 37  ALA A C   1 
ATOM   78   O O   . ALA A 1 17  ? -10.101 12.394  5.288   1.00 25.41 ? 37  ALA A O   1 
ATOM   79   C CB  . ALA A 1 17  ? -11.995 10.608  7.369   1.00 24.97 ? 37  ALA A CB  1 
ATOM   80   N N   . LEU A 1 18  ? -10.257 10.167  4.805   1.00 24.55 ? 38  LEU A N   1 
ATOM   81   C CA  . LEU A 1 18  ? -8.942  10.045  4.123   1.00 24.57 ? 38  LEU A CA  1 
ATOM   82   C C   . LEU A 1 18  ? -8.985  10.791  2.784   1.00 24.75 ? 38  LEU A C   1 
ATOM   83   O O   . LEU A 1 18  ? -7.954  11.394  2.413   1.00 24.72 ? 38  LEU A O   1 
ATOM   84   C CB  . LEU A 1 18  ? -8.601  8.561   3.943   1.00 24.16 ? 38  LEU A CB  1 
ATOM   85   C CG  . LEU A 1 18  ? -8.253  7.819   5.234   1.00 24.12 ? 38  LEU A CG  1 
ATOM   86   C CD1 . LEU A 1 18  ? -8.101  6.329   4.977   1.00 23.80 ? 38  LEU A CD1 1 
ATOM   87   C CD2 . LEU A 1 18  ? -6.987  8.379   5.861   1.00 25.82 ? 38  LEU A CD2 1 
ATOM   88   N N   . LYS A 1 19  ? -10.123 10.761  2.086   1.00 25.46 ? 39  LYS A N   1 
ATOM   89   C CA  . LYS A 1 19  ? -10.292 11.449  0.779   1.00 27.85 ? 39  LYS A CA  1 
ATOM   90   C C   . LYS A 1 19  ? -10.212 12.965  1.008   1.00 29.46 ? 39  LYS A C   1 
ATOM   91   O O   . LYS A 1 19  ? -9.460  13.632  0.273   1.00 28.34 ? 39  LYS A O   1 
ATOM   92   C CB  . LYS A 1 19  ? -11.607 11.038  0.111   1.00 29.26 ? 39  LYS A CB  1 
ATOM   93   C CG  . LYS A 1 19  ? -11.863 11.686  -1.241  1.00 30.88 ? 39  LYS A CG  1 
ATOM   94   C CD  . LYS A 1 19  ? -13.278 11.523  -1.734  1.00 32.16 ? 39  LYS A CD  1 
ATOM   95   C CE  . LYS A 1 19  ? -13.473 12.092  -3.122  1.00 33.59 ? 39  LYS A CE  1 
ATOM   96   N NZ  . LYS A 1 19  ? -14.909 12.225  -3.459  1.00 35.14 ? 39  LYS A NZ  1 
ATOM   97   N N   . GLU A 1 20  ? -10.944 13.476  2.003   1.00 31.03 ? 40  GLU A N   1 
ATOM   98   C CA  . GLU A 1 20  ? -10.906 14.903  2.421   1.00 32.75 ? 40  GLU A CA  1 
ATOM   99   C C   . GLU A 1 20  ? -9.462  15.297  2.768   1.00 31.77 ? 40  GLU A C   1 
ATOM   100  O O   . GLU A 1 20  ? -9.059  16.421  2.407   1.00 32.26 ? 40  GLU A O   1 
ATOM   101  C CB  . GLU A 1 20  ? -11.861 15.148  3.593   1.00 35.90 ? 40  GLU A CB  1 
ATOM   102  C CG  . GLU A 1 20  ? -11.704 16.522  4.225   1.00 38.98 ? 40  GLU A CG  1 
ATOM   103  C CD  . GLU A 1 20  ? -12.998 17.152  4.713   1.00 41.97 ? 40  GLU A CD  1 
ATOM   104  O OE1 . GLU A 1 20  ? -13.683 16.526  5.545   1.00 43.63 ? 40  GLU A OE1 1 
ATOM   105  O OE2 . GLU A 1 20  ? -13.323 18.262  4.246   1.00 45.61 ? 40  GLU A OE2 1 
ATOM   106  N N   . ALA A 1 21  ? -8.705  14.403  3.413   1.00 29.29 ? 41  ALA A N   1 
ATOM   107  C CA  . ALA A 1 21  ? -7.312  14.638  3.864   1.00 27.09 ? 41  ALA A CA  1 
ATOM   108  C C   . ALA A 1 21  ? -6.329  14.535  2.688   1.00 25.58 ? 41  ALA A C   1 
ATOM   109  O O   . ALA A 1 21  ? -5.154  14.865  2.891   1.00 25.63 ? 41  ALA A O   1 
ATOM   110  C CB  . ALA A 1 21  ? -6.969  13.671  4.966   1.00 27.08 ? 41  ALA A CB  1 
ATOM   111  N N   . GLY A 1 22  ? -6.790  14.089  1.514   1.00 25.61 ? 42  GLY A N   1 
ATOM   112  C CA  . GLY A 1 22  ? -5.991  13.986  0.277   1.00 25.36 ? 42  GLY A CA  1 
ATOM   113  C C   . GLY A 1 22  ? -5.177  12.700  0.213   1.00 24.87 ? 42  GLY A C   1 
ATOM   114  O O   . GLY A 1 22  ? -4.254  12.637  -0.613  1.00 25.02 ? 42  GLY A O   1 
ATOM   115  N N   . VAL A 1 23  ? -5.511  11.697  1.031   1.00 23.91 ? 43  VAL A N   1 
ATOM   116  C CA  . VAL A 1 23  ? -4.731  10.426  1.157   1.00 23.26 ? 43  VAL A CA  1 
ATOM   117  C C   . VAL A 1 23  ? -5.258  9.410   0.137   1.00 22.43 ? 43  VAL A C   1 
ATOM   118  O O   . VAL A 1 23  ? -4.432  8.750   -0.524  1.00 22.04 ? 43  VAL A O   1 
ATOM   119  C CB  . VAL A 1 23  ? -4.779  9.879   2.596   1.00 22.91 ? 43  VAL A CB  1 
ATOM   120  C CG1 . VAL A 1 23  ? -4.101  8.523   2.706   1.00 23.38 ? 43  VAL A CG1 1 
ATOM   121  C CG2 . VAL A 1 23  ? -4.166  10.861  3.586   1.00 23.47 ? 43  VAL A CG2 1 
ATOM   122  N N   . PHE A 1 24  ? -6.583  9.298   0.011   1.00 22.02 ? 44  PHE A N   1 
ATOM   123  C CA  . PHE A 1 24  ? -7.275  8.391   -0.937  1.00 22.57 ? 44  PHE A CA  1 
ATOM   124  C C   . PHE A 1 24  ? -7.999  9.212   -2.004  1.00 23.72 ? 44  PHE A C   1 
ATOM   125  O O   . PHE A 1 24  ? -8.498  10.308  -1.675  1.00 23.84 ? 44  PHE A O   1 
ATOM   126  C CB  . PHE A 1 24  ? -8.252  7.477   -0.190  1.00 22.72 ? 44  PHE A CB  1 
ATOM   127  C CG  . PHE A 1 24  ? -7.658  6.161   0.244   1.00 22.19 ? 44  PHE A CG  1 
ATOM   128  C CD1 . PHE A 1 24  ? -6.877  6.077   1.383   1.00 22.93 ? 44  PHE A CD1 1 
ATOM   129  C CD2 . PHE A 1 24  ? -7.865  5.012   -0.501  1.00 22.57 ? 44  PHE A CD2 1 
ATOM   130  C CE1 . PHE A 1 24  ? -6.328  4.867   1.780   1.00 22.38 ? 44  PHE A CE1 1 
ATOM   131  C CE2 . PHE A 1 24  ? -7.315  3.801   -0.104  1.00 22.25 ? 44  PHE A CE2 1 
ATOM   132  C CZ  . PHE A 1 24  ? -6.546  3.730   1.036   1.00 21.90 ? 44  PHE A CZ  1 
ATOM   133  N N   . SER A 1 25  ? -8.043  8.682   -3.229  1.00 24.16 ? 45  SER A N   1 
ATOM   134  C CA  . SER A 1 25  ? -8.846  9.190   -4.374  1.00 25.34 ? 45  SER A CA  1 
ATOM   135  C C   . SER A 1 25  ? -10.026 8.254   -4.635  1.00 25.18 ? 45  SER A C   1 
ATOM   136  O O   . SER A 1 25  ? -9.945  7.069   -4.259  1.00 24.29 ? 45  SER A O   1 
ATOM   137  C CB  . SER A 1 25  ? -8.007  9.316   -5.616  1.00 26.51 ? 45  SER A CB  1 
ATOM   138  O OG  . SER A 1 25  ? -7.111  10.407  -5.512  1.00 28.25 ? 45  SER A OG  1 
ATOM   139  N N   . ALA A 1 26  ? -11.069 8.768   -5.291  1.00 23.93 ? 46  ALA A N   1 
ATOM   140  C CA  . ALA A 1 26  ? -12.124 7.956   -5.926  1.00 24.80 ? 46  ALA A CA  1 
ATOM   141  C C   . ALA A 1 26  ? -11.460 7.007   -6.928  1.00 24.52 ? 46  ALA A C   1 
ATOM   142  O O   . ALA A 1 26  ? -10.277 7.236   -7.287  1.00 25.29 ? 46  ALA A O   1 
ATOM   143  C CB  . ALA A 1 26  ? -13.150 8.847   -6.582  1.00 25.25 ? 46  ALA A CB  1 
ATOM   144  N N   . TYR A 1 27  ? -12.178 5.971   -7.349  1.00 24.81 ? 47  TYR A N   1 
ATOM   145  C CA  . TYR A 1 27  ? -11.700 4.992   -8.357  1.00 26.29 ? 47  TYR A CA  1 
ATOM   146  C C   . TYR A 1 27  ? -11.406 5.750   -9.649  1.00 26.94 ? 47  TYR A C   1 
ATOM   147  O O   . TYR A 1 27  ? -12.182 6.624   -10.030 1.00 26.81 ? 47  TYR A O   1 
ATOM   148  C CB  . TYR A 1 27  ? -12.723 3.875   -8.560  1.00 27.04 ? 47  TYR A CB  1 
ATOM   149  C CG  . TYR A 1 27  ? -12.190 2.714   -9.355  1.00 28.46 ? 47  TYR A CG  1 
ATOM   150  C CD1 . TYR A 1 27  ? -11.393 1.754   -8.752  1.00 28.67 ? 47  TYR A CD1 1 
ATOM   151  C CD2 . TYR A 1 27  ? -12.446 2.589   -10.713 1.00 29.66 ? 47  TYR A CD2 1 
ATOM   152  C CE1 . TYR A 1 27  ? -10.880 0.689   -9.470  1.00 30.23 ? 47  TYR A CE1 1 
ATOM   153  C CE2 . TYR A 1 27  ? -11.945 1.524   -11.446 1.00 30.26 ? 47  TYR A CE2 1 
ATOM   154  C CZ  . TYR A 1 27  ? -11.157 0.570   -10.820 1.00 30.28 ? 47  TYR A CZ  1 
ATOM   155  O OH  . TYR A 1 27  ? -10.643 -0.486  -11.512 1.00 31.25 ? 47  TYR A OH  1 
ATOM   156  N N   . PRO A 1 28  ? -10.264 5.488   -10.330 1.00 29.30 ? 48  PRO A N   1 
ATOM   157  C CA  . PRO A 1 28  ? -9.883  6.263   -11.513 1.00 29.44 ? 48  PRO A CA  1 
ATOM   158  C C   . PRO A 1 28  ? -11.046 6.448   -12.497 1.00 29.93 ? 48  PRO A C   1 
ATOM   159  O O   . PRO A 1 28  ? -11.729 5.477   -12.788 1.00 32.41 ? 48  PRO A O   1 
ATOM   160  C CB  . PRO A 1 28  ? -8.758  5.423   -12.135 1.00 30.61 ? 48  PRO A CB  1 
ATOM   161  C CG  . PRO A 1 28  ? -8.118  4.742   -10.945 1.00 30.47 ? 48  PRO A CG  1 
ATOM   162  C CD  . PRO A 1 28  ? -9.263  4.462   -9.994  1.00 29.32 ? 48  PRO A CD  1 
ATOM   163  N N   . GLY A 1 29  ? -11.255 7.689   -12.947 1.00 30.24 ? 49  GLY A N   1 
ATOM   164  C CA  . GLY A 1 29  ? -12.250 8.058   -13.973 1.00 30.88 ? 49  GLY A CA  1 
ATOM   165  C C   . GLY A 1 29  ? -13.656 8.172   -13.404 1.00 30.58 ? 49  GLY A C   1 
ATOM   166  O O   . GLY A 1 29  ? -14.587 8.396   -14.199 1.00 30.89 ? 49  GLY A O   1 
ATOM   167  N N   . THR A 1 30  ? -13.820 8.048   -12.080 1.00 29.89 ? 50  THR A N   1 
ATOM   168  C CA  . THR A 1 30  ? -15.143 8.062   -11.397 1.00 29.19 ? 50  THR A CA  1 
ATOM   169  C C   . THR A 1 30  ? -15.062 8.930   -10.141 1.00 28.17 ? 50  THR A C   1 
ATOM   170  O O   . THR A 1 30  ? -13.936 9.270   -9.724  1.00 26.07 ? 50  THR A O   1 
ATOM   171  C CB  . THR A 1 30  ? -15.613 6.649   -11.020 1.00 29.45 ? 50  THR A CB  1 
ATOM   172  O OG1 . THR A 1 30  ? -15.016 6.308   -9.767  1.00 29.49 ? 50  THR A OG1 1 
ATOM   173  C CG2 . THR A 1 30  ? -15.277 5.603   -12.061 1.00 29.92 ? 50  THR A CG2 1 
ATOM   174  N N   . THR A 1 31  ? -16.223 9.244   -9.555  1.00 27.41 ? 51  THR A N   1 
ATOM   175  C CA  . THR A 1 31  ? -16.357 9.879   -8.216  1.00 27.82 ? 51  THR A CA  1 
ATOM   176  C C   . THR A 1 31  ? -16.803 8.832   -7.180  1.00 27.27 ? 51  THR A C   1 
ATOM   177  O O   . THR A 1 31  ? -17.238 9.225   -6.080  1.00 26.81 ? 51  THR A O   1 
ATOM   178  C CB  . THR A 1 31  ? -17.334 11.061  -8.268  1.00 28.17 ? 51  THR A CB  1 
ATOM   179  O OG1 . THR A 1 31  ? -18.602 10.567  -8.703  1.00 29.90 ? 51  THR A OG1 1 
ATOM   180  C CG2 . THR A 1 31  ? -16.871 12.165  -9.192  1.00 29.05 ? 51  THR A CG2 1 
ATOM   181  N N   A ASP A 1 32  ? -16.704 7.544   -7.527  0.50 27.74 ? 52  ASP A N   1 
ATOM   182  N N   B ASP A 1 32  ? -16.668 7.545   -7.512  0.50 27.11 ? 52  ASP A N   1 
ATOM   183  C CA  A ASP A 1 32  ? -17.152 6.406   -6.680  0.50 27.46 ? 52  ASP A CA  1 
ATOM   184  C CA  B ASP A 1 32  ? -17.152 6.391   -6.703  0.50 26.45 ? 52  ASP A CA  1 
ATOM   185  C C   A ASP A 1 32  ? -15.976 5.922   -5.826  0.50 26.28 ? 52  ASP A C   1 
ATOM   186  C C   B ASP A 1 32  ? -15.993 5.858   -5.849  0.50 25.75 ? 52  ASP A C   1 
ATOM   187  O O   A ASP A 1 32  ? -14.845 5.882   -6.346  0.50 26.12 ? 52  ASP A O   1 
ATOM   188  O O   B ASP A 1 32  ? -14.886 5.705   -6.400  0.50 25.65 ? 52  ASP A O   1 
ATOM   189  C CB  A ASP A 1 32  ? -17.718 5.277   -7.542  0.50 28.30 ? 52  ASP A CB  1 
ATOM   190  C CB  B ASP A 1 32  ? -17.725 5.317   -7.631  0.50 26.52 ? 52  ASP A CB  1 
ATOM   191  C CG  A ASP A 1 32  ? -18.911 5.703   -8.376  0.50 28.99 ? 52  ASP A CG  1 
ATOM   192  C CG  B ASP A 1 32  ? -18.488 4.202   -6.938  0.50 26.42 ? 52  ASP A CG  1 
ATOM   193  O OD1 A ASP A 1 32  ? -19.773 6.419   -7.832  0.50 29.84 ? 52  ASP A OD1 1 
ATOM   194  O OD1 B ASP A 1 32  ? -18.153 3.881   -5.782  0.50 25.82 ? 52  ASP A OD1 1 
ATOM   195  O OD2 A ASP A 1 32  ? -18.959 5.331   -9.564  0.50 29.79 ? 52  ASP A OD2 1 
ATOM   196  O OD2 B ASP A 1 32  ? -19.405 3.653   -7.574  0.50 26.74 ? 52  ASP A OD2 1 
ATOM   197  N N   . ALA A 1 33  ? -16.243 5.582   -4.561  1.00 25.50 ? 53  ALA A N   1 
ATOM   198  C CA  . ALA A 1 33  ? -15.251 5.004   -3.619  1.00 24.53 ? 53  ALA A CA  1 
ATOM   199  C C   . ALA A 1 33  ? -14.846 3.604   -4.102  1.00 24.78 ? 53  ALA A C   1 
ATOM   200  O O   . ALA A 1 33  ? -13.664 3.236   -3.906  1.00 23.48 ? 53  ALA A O   1 
ATOM   201  C CB  . ALA A 1 33  ? -15.817 4.966   -2.220  1.00 24.02 ? 53  ALA A CB  1 
ATOM   202  N N   . LYS A 1 34  ? -15.787 2.871   -4.717  1.00 23.72 ? 54  LYS A N   1 
ATOM   203  C CA  . LYS A 1 34  ? -15.596 1.495   -5.256  1.00 24.17 ? 54  LYS A CA  1 
ATOM   204  C C   . LYS A 1 34  ? -14.803 0.669   -4.237  1.00 22.91 ? 54  LYS A C   1 
ATOM   205  O O   . LYS A 1 34  ? -13.723 0.147   -4.597  1.00 22.24 ? 54  LYS A O   1 
ATOM   206  C CB  . LYS A 1 34  ? -14.864 1.508   -6.600  1.00 26.16 ? 54  LYS A CB  1 
ATOM   207  C CG  . LYS A 1 34  ? -15.570 2.231   -7.739  1.00 29.02 ? 54  LYS A CG  1 
ATOM   208  C CD  . LYS A 1 34  ? -16.757 1.481   -8.294  1.00 31.97 ? 54  LYS A CD  1 
ATOM   209  C CE  . LYS A 1 34  ? -17.271 2.083   -9.585  1.00 33.94 ? 54  LYS A CE  1 
ATOM   210  N NZ  . LYS A 1 34  ? -18.723 1.845   -9.742  1.00 35.07 ? 54  LYS A NZ  1 
ATOM   211  N N   . LEU A 1 35  ? -15.309 0.572   -3.005  1.00 22.07 ? 55  LEU A N   1 
ATOM   212  C CA  . LEU A 1 35  ? -14.613 -0.116  -1.886  1.00 21.98 ? 55  LEU A CA  1 
ATOM   213  C C   . LEU A 1 35  ? -14.393 -1.597  -2.227  1.00 22.39 ? 55  LEU A C   1 
ATOM   214  O O   . LEU A 1 35  ? -13.528 -2.215  -1.585  1.00 23.16 ? 55  LEU A O   1 
ATOM   215  C CB  . LEU A 1 35  ? -15.431 0.035   -0.601  1.00 21.73 ? 55  LEU A CB  1 
ATOM   216  C CG  . LEU A 1 35  ? -15.582 1.454   -0.053  1.00 21.26 ? 55  LEU A CG  1 
ATOM   217  C CD1 . LEU A 1 35  ? -16.335 1.413   1.268   1.00 21.46 ? 55  LEU A CD1 1 
ATOM   218  C CD2 . LEU A 1 35  ? -14.237 2.141   0.119   1.00 21.29 ? 55  LEU A CD2 1 
ATOM   219  N N   . GLY A 1 36  ? -15.148 -2.151  -3.184  1.00 22.03 ? 56  GLY A N   1 
ATOM   220  C CA  . GLY A 1 36  ? -15.020 -3.559  -3.614  1.00 22.44 ? 56  GLY A CA  1 
ATOM   221  C C   . GLY A 1 36  ? -13.921 -3.768  -4.646  1.00 22.24 ? 56  GLY A C   1 
ATOM   222  O O   . GLY A 1 36  ? -13.558 -4.942  -4.893  1.00 22.34 ? 56  GLY A O   1 
ATOM   223  N N   . GLN A 1 37  ? -13.396 -2.690  -5.235  1.00 21.82 ? 57  GLN A N   1 
ATOM   224  C CA  . GLN A 1 37  ? -12.375 -2.776  -6.312  1.00 22.17 ? 57  GLN A CA  1 
ATOM   225  C C   . GLN A 1 37  ? -10.977 -2.905  -5.701  1.00 20.30 ? 57  GLN A C   1 
ATOM   226  O O   . GLN A 1 37  ? -10.820 -2.674  -4.478  1.00 19.66 ? 57  GLN A O   1 
ATOM   227  C CB  . GLN A 1 37  ? -12.456 -1.579  -7.267  1.00 24.81 ? 57  GLN A CB  1 
ATOM   228  C CG  . GLN A 1 37  ? -13.303 -1.857  -8.501  1.00 27.32 ? 57  GLN A CG  1 
ATOM   229  C CD  . GLN A 1 37  ? -12.816 -3.076  -9.249  1.00 30.09 ? 57  GLN A CD  1 
ATOM   230  O OE1 . GLN A 1 37  ? -11.615 -3.325  -9.374  1.00 33.30 ? 57  GLN A OE1 1 
ATOM   231  N NE2 . GLN A 1 37  ? -13.755 -3.873  -9.724  1.00 32.45 ? 57  GLN A NE2 1 
ATOM   232  N N   . ASP A 1 38  ? -10.011 -3.266  -6.547  1.00 18.64 ? 58  ASP A N   1 
ATOM   233  C CA  A ASP A 1 38  ? -8.572  -3.446  -6.218  0.50 18.52 ? 58  ASP A CA  1 
ATOM   234  C CA  B ASP A 1 38  ? -8.591  -3.423  -6.131  0.50 18.28 ? 58  ASP A CA  1 
ATOM   235  C C   . ASP A 1 38  ? -7.835  -2.121  -6.455  1.00 17.77 ? 58  ASP A C   1 
ATOM   236  O O   . ASP A 1 38  ? -8.474  -1.162  -6.941  1.00 17.94 ? 58  ASP A O   1 
ATOM   237  C CB  A ASP A 1 38  ? -7.950  -4.546  -7.084  0.50 18.78 ? 58  ASP A CB  1 
ATOM   238  C CB  B ASP A 1 38  ? -7.988  -4.707  -6.715  0.50 18.23 ? 58  ASP A CB  1 
ATOM   239  C CG  A ASP A 1 38  ? -8.449  -5.946  -6.783  0.50 19.29 ? 58  ASP A CG  1 
ATOM   240  C CG  B ASP A 1 38  ? -8.087  -4.854  -8.223  0.50 18.57 ? 58  ASP A CG  1 
ATOM   241  O OD1 A ASP A 1 38  ? -9.067  -6.132  -5.714  0.50 20.02 ? 58  ASP A OD1 1 
ATOM   242  O OD1 B ASP A 1 38  ? -8.189  -3.819  -8.911  0.50 18.18 ? 58  ASP A OD1 1 
ATOM   243  O OD2 A ASP A 1 38  ? -8.199  -6.846  -7.617  0.50 19.46 ? 58  ASP A OD2 1 
ATOM   244  O OD2 B ASP A 1 38  ? -8.048  -6.012  -8.697  0.50 18.63 ? 58  ASP A OD2 1 
ATOM   245  N N   . MET A 1 39  ? -6.540  -2.080  -6.149  1.00 17.28 ? 59  MET A N   1 
ATOM   246  C CA  . MET A 1 39  ? -5.695  -0.870  -6.321  1.00 16.35 ? 59  MET A CA  1 
ATOM   247  C C   . MET A 1 39  ? -4.325  -1.288  -6.861  1.00 16.30 ? 59  MET A C   1 
ATOM   248  O O   . MET A 1 39  ? -3.782  -2.313  -6.394  1.00 15.53 ? 59  MET A O   1 
ATOM   249  C CB  . MET A 1 39  ? -5.530  -0.134  -4.985  1.00 16.66 ? 59  MET A CB  1 
ATOM   250  C CG  . MET A 1 39  ? -4.717  1.132   -5.104  1.00 16.56 ? 59  MET A CG  1 
ATOM   251  S SD  . MET A 1 39  ? -4.604  2.065   -3.574  1.00 17.40 ? 59  MET A SD  1 
ATOM   252  C CE  . MET A 1 39  ? -6.228  2.819   -3.512  1.00 17.48 ? 59  MET A CE  1 
ATOM   253  N N   . THR A 1 40  ? -3.783  -0.513  -7.803  1.00 16.00 ? 60  THR A N   1 
ATOM   254  C CA  . THR A 1 40  ? -2.451  -0.753  -8.405  1.00 15.99 ? 60  THR A CA  1 
ATOM   255  C C   . THR A 1 40  ? -1.384  -0.412  -7.366  1.00 15.69 ? 60  THR A C   1 
ATOM   256  O O   . THR A 1 40  ? -1.660  0.406   -6.453  1.00 15.44 ? 60  THR A O   1 
ATOM   257  C CB  . THR A 1 40  ? -2.223  0.059   -9.688  1.00 16.63 ? 60  THR A CB  1 
ATOM   258  O OG1 . THR A 1 40  ? -2.214  1.441   -9.342  1.00 16.46 ? 60  THR A OG1 1 
ATOM   259  C CG2 . THR A 1 40  ? -3.252  -0.205  -10.767 1.00 17.11 ? 60  THR A CG2 1 
ATOM   260  N N   . ARG A 1 41  ? -0.201  -1.003  -7.508  1.00 15.28 ? 61  ARG A N   1 
ATOM   261  C CA  . ARG A 1 41  ? 0.970   -0.683  -6.651  1.00 15.60 ? 61  ARG A CA  1 
ATOM   262  C C   . ARG A 1 41  ? 1.330   0.800   -6.825  1.00 15.45 ? 61  ARG A C   1 
ATOM   263  O O   . ARG A 1 41  ? 1.750   1.418   -5.836  1.00 15.77 ? 61  ARG A O   1 
ATOM   264  C CB  . ARG A 1 41  ? 2.111   -1.655  -6.964  1.00 15.33 ? 61  ARG A CB  1 
ATOM   265  C CG  . ARG A 1 41  ? 1.841   -3.063  -6.451  1.00 15.12 ? 61  ARG A CG  1 
ATOM   266  C CD  . ARG A 1 41  ? 2.695   -4.134  -7.106  1.00 14.66 ? 61  ARG A CD  1 
ATOM   267  N NE  . ARG A 1 41  ? 4.107   -3.811  -7.017  1.00 14.62 ? 61  ARG A NE  1 
ATOM   268  C CZ  . ARG A 1 41  ? 4.839   -3.904  -5.909  1.00 14.70 ? 61  ARG A CZ  1 
ATOM   269  N NH1 . ARG A 1 41  ? 4.301   -4.332  -4.778  1.00 14.87 ? 61  ARG A NH1 1 
ATOM   270  N NH2 . ARG A 1 41  ? 6.111   -3.551  -5.934  1.00 14.77 ? 61  ARG A NH2 1 
ATOM   271  N N   . ALA A 1 42  ? 1.138   1.355   -8.027  1.00 15.92 ? 62  ALA A N   1 
ATOM   272  C CA  . ALA A 1 42  ? 1.339   2.794   -8.333  1.00 15.40 ? 62  ALA A CA  1 
ATOM   273  C C   . ALA A 1 42  ? 0.416   3.654   -7.463  1.00 15.69 ? 62  ALA A C   1 
ATOM   274  O O   . ALA A 1 42  ? 0.912   4.597   -6.818  1.00 14.49 ? 62  ALA A O   1 
ATOM   275  C CB  . ALA A 1 42  ? 1.092   3.056   -9.796  1.00 15.90 ? 62  ALA A CB  1 
ATOM   276  N N   . GLU A 1 43  ? -0.886  3.361   -7.468  1.00 16.13 ? 63  GLU A N   1 
ATOM   277  C CA  . GLU A 1 43  ? -1.899  4.100   -6.669  1.00 16.56 ? 63  GLU A CA  1 
ATOM   278  C C   . GLU A 1 43  ? -1.575  3.967   -5.179  1.00 16.09 ? 63  GLU A C   1 
ATOM   279  O O   . GLU A 1 43  ? -1.723  4.963   -4.447  1.00 14.52 ? 63  GLU A O   1 
ATOM   280  C CB  . GLU A 1 43  ? -3.307  3.551   -6.900  1.00 18.47 ? 63  GLU A CB  1 
ATOM   281  C CG  . GLU A 1 43  ? -3.969  3.997   -8.185  1.00 20.49 ? 63  GLU A CG  1 
ATOM   282  C CD  . GLU A 1 43  ? -5.286  3.269   -8.425  1.00 22.66 ? 63  GLU A CD  1 
ATOM   283  O OE1 . GLU A 1 43  ? -5.254  2.038   -8.641  1.00 23.65 ? 63  GLU A OE1 1 
ATOM   284  O OE2 . GLU A 1 43  ? -6.342  3.921   -8.345  1.00 25.47 ? 63  GLU A OE2 1 
ATOM   285  N N   . PHE A 1 44  ? -1.176  2.772   -4.734  1.00 16.12 ? 64  PHE A N   1 
ATOM   286  C CA  . PHE A 1 44  ? -0.879  2.513   -3.303  1.00 16.02 ? 64  PHE A CA  1 
ATOM   287  C C   . PHE A 1 44  ? 0.394   3.262   -2.892  1.00 15.85 ? 64  PHE A C   1 
ATOM   288  O O   . PHE A 1 44  ? 0.444   3.758   -1.748  1.00 14.66 ? 64  PHE A O   1 
ATOM   289  C CB  . PHE A 1 44  ? -0.764  1.026   -2.977  1.00 16.95 ? 64  PHE A CB  1 
ATOM   290  C CG  . PHE A 1 44  ? -0.748  0.787   -1.488  1.00 17.70 ? 64  PHE A CG  1 
ATOM   291  C CD1 . PHE A 1 44  ? -1.854  1.108   -0.716  1.00 18.83 ? 64  PHE A CD1 1 
ATOM   292  C CD2 . PHE A 1 44  ? 0.393   0.329   -0.851  1.00 18.20 ? 64  PHE A CD2 1 
ATOM   293  C CE1 . PHE A 1 44  ? -1.835  0.927   0.660   1.00 19.36 ? 64  PHE A CE1 1 
ATOM   294  C CE2 . PHE A 1 44  ? 0.408   0.136   0.521   1.00 18.67 ? 64  PHE A CE2 1 
ATOM   295  C CZ  . PHE A 1 44  ? -0.702  0.446   1.277   1.00 18.62 ? 64  PHE A CZ  1 
ATOM   296  N N   . ALA A 1 45  ? 1.386   3.349   -3.782  1.00 14.99 ? 65  ALA A N   1 
ATOM   297  C CA  . ALA A 1 45  ? 2.606   4.153   -3.543  1.00 15.30 ? 65  ALA A CA  1 
ATOM   298  C C   . ALA A 1 45  ? 2.190   5.602   -3.240  1.00 15.14 ? 65  ALA A C   1 
ATOM   299  O O   . ALA A 1 45  ? 2.745   6.193   -2.296  1.00 15.25 ? 65  ALA A O   1 
ATOM   300  C CB  . ALA A 1 45  ? 3.544   4.061   -4.718  1.00 15.48 ? 65  ALA A CB  1 
ATOM   301  N N   . LYS A 1 46  ? 1.227   6.157   -3.983  1.00 15.64 ? 66  LYS A N   1 
ATOM   302  C CA  . LYS A 1 46  ? 0.740   7.549   -3.753  1.00 16.45 ? 66  LYS A CA  1 
ATOM   303  C C   . LYS A 1 46  ? 0.033   7.629   -2.391  1.00 16.18 ? 66  LYS A C   1 
ATOM   304  O O   . LYS A 1 46  ? 0.274   8.600   -1.655  1.00 15.65 ? 66  LYS A O   1 
ATOM   305  C CB  . LYS A 1 46  ? -0.177  8.034   -4.882  1.00 17.63 ? 66  LYS A CB  1 
ATOM   306  C CG  . LYS A 1 46  ? -0.680  9.465   -4.714  1.00 18.74 ? 66  LYS A CG  1 
ATOM   307  C CD  . LYS A 1 46  ? -1.515  9.991   -5.861  1.00 20.24 ? 66  LYS A CD  1 
ATOM   308  C CE  . LYS A 1 46  ? -1.955  11.421  -5.619  1.00 21.19 ? 66  LYS A CE  1 
ATOM   309  N NZ  . LYS A 1 46  ? -2.837  11.922  -6.696  1.00 21.53 ? 66  LYS A NZ  1 
ATOM   310  N N   . VAL A 1 47  ? -0.809  6.649   -2.055  1.00 16.31 ? 67  VAL A N   1 
ATOM   311  C CA  . VAL A 1 47  ? -1.478  6.581   -0.719  1.00 16.14 ? 67  VAL A CA  1 
ATOM   312  C C   . VAL A 1 47  ? -0.407  6.653   0.383   1.00 15.92 ? 67  VAL A C   1 
ATOM   313  O O   . VAL A 1 47  ? -0.591  7.469   1.300   1.00 15.80 ? 67  VAL A O   1 
ATOM   314  C CB  . VAL A 1 47  ? -2.370  5.330   -0.587  1.00 16.82 ? 67  VAL A CB  1 
ATOM   315  C CG1 . VAL A 1 47  ? -2.804  5.083   0.849   1.00 17.11 ? 67  VAL A CG1 1 
ATOM   316  C CG2 . VAL A 1 47  ? -3.583  5.422   -1.503  1.00 16.85 ? 67  VAL A CG2 1 
ATOM   317  N N   . LEU A 1 48  ? 0.672   5.861   0.302   1.00 15.75 ? 68  LEU A N   1 
ATOM   318  C CA  . LEU A 1 48  ? 1.742   5.829   1.346   1.00 15.66 ? 68  LEU A CA  1 
ATOM   319  C C   . LEU A 1 48  ? 2.414   7.203   1.449   1.00 15.80 ? 68  LEU A C   1 
ATOM   320  O O   . LEU A 1 48  ? 2.658   7.656   2.574   1.00 15.87 ? 68  LEU A O   1 
ATOM   321  C CB  . LEU A 1 48  ? 2.789   4.759   1.026   1.00 15.57 ? 68  LEU A CB  1 
ATOM   322  C CG  . LEU A 1 48  ? 2.335   3.309   1.187   1.00 15.96 ? 68  LEU A CG  1 
ATOM   323  C CD1 . LEU A 1 48  ? 3.347   2.376   0.538   1.00 16.42 ? 68  LEU A CD1 1 
ATOM   324  C CD2 . LEU A 1 48  ? 2.127   2.946   2.657   1.00 15.82 ? 68  LEU A CD2 1 
ATOM   325  N N   . VAL A 1 49  ? 2.702   7.846   0.318   1.00 16.66 ? 69  VAL A N   1 
ATOM   326  C CA  . VAL A 1 49  ? 3.333   9.198   0.300   1.00 16.95 ? 69  VAL A CA  1 
ATOM   327  C C   . VAL A 1 49  ? 2.415   10.194  1.026   1.00 17.73 ? 69  VAL A C   1 
ATOM   328  O O   . VAL A 1 49  ? 2.925   10.939  1.894   1.00 18.43 ? 69  VAL A O   1 
ATOM   329  C CB  . VAL A 1 49  ? 3.670   9.653   -1.130  1.00 16.92 ? 69  VAL A CB  1 
ATOM   330  C CG1 . VAL A 1 49  ? 3.996   11.134  -1.172  1.00 16.73 ? 69  VAL A CG1 1 
ATOM   331  C CG2 . VAL A 1 49  ? 4.815   8.831   -1.704  1.00 16.83 ? 69  VAL A CG2 1 
ATOM   332  N N   . LYS A 1 50  ? 1.117   10.198  0.707   1.00 18.86 ? 70  LYS A N   1 
ATOM   333  C CA  . LYS A 1 50  ? 0.128   11.121  1.319   1.00 19.70 ? 70  LYS A CA  1 
ATOM   334  C C   . LYS A 1 50  ? -0.071  10.754  2.796   1.00 20.66 ? 70  LYS A C   1 
ATOM   335  O O   . LYS A 1 50  ? -0.134  11.675  3.624   1.00 21.20 ? 70  LYS A O   1 
ATOM   336  C CB  . LYS A 1 50  ? -1.204  11.094  0.563   1.00 20.47 ? 70  LYS A CB  1 
ATOM   337  C CG  . LYS A 1 50  ? -1.144  11.483  -0.907  1.00 21.18 ? 70  LYS A CG  1 
ATOM   338  C CD  . LYS A 1 50  ? -0.796  12.935  -1.159  1.00 22.13 ? 70  LYS A CD  1 
ATOM   339  C CE  . LYS A 1 50  ? -0.715  13.264  -2.635  1.00 22.69 ? 70  LYS A CE  1 
ATOM   340  N NZ  . LYS A 1 50  ? -0.329  14.676  -2.868  1.00 23.09 ? 70  LYS A NZ  1 
ATOM   341  N N   . LEU A 1 51  ? -0.155  9.456   3.116   1.00 20.12 ? 71  LEU A N   1 
ATOM   342  C CA  . LEU A 1 51  ? -0.456  8.946   4.483   1.00 21.21 ? 71  LEU A CA  1 
ATOM   343  C C   . LEU A 1 51  ? 0.656   9.359   5.456   1.00 21.48 ? 71  LEU A C   1 
ATOM   344  O O   . LEU A 1 51  ? 0.330   9.805   6.572   1.00 21.55 ? 71  LEU A O   1 
ATOM   345  C CB  . LEU A 1 51  ? -0.609  7.422   4.420   1.00 21.47 ? 71  LEU A CB  1 
ATOM   346  C CG  . LEU A 1 51  ? -0.987  6.731   5.728   1.00 22.21 ? 71  LEU A CG  1 
ATOM   347  C CD1 . LEU A 1 51  ? -2.301  7.270   6.270   1.00 23.02 ? 71  LEU A CD1 1 
ATOM   348  C CD2 . LEU A 1 51  ? -1.069  5.225   5.540   1.00 21.88 ? 71  LEU A CD2 1 
ATOM   349  N N   . PHE A 1 52  ? 1.919   9.224   5.047   1.00 21.47 ? 72  PHE A N   1 
ATOM   350  C CA  . PHE A 1 52  ? 3.107   9.423   5.916   1.00 22.06 ? 72  PHE A CA  1 
ATOM   351  C C   . PHE A 1 52  ? 3.841   10.722  5.555   1.00 22.35 ? 72  PHE A C   1 
ATOM   352  O O   . PHE A 1 52  ? 4.929   10.941  6.111   1.00 23.63 ? 72  PHE A O   1 
ATOM   353  C CB  . PHE A 1 52  ? 4.002   8.189   5.827   1.00 22.39 ? 72  PHE A CB  1 
ATOM   354  C CG  . PHE A 1 52  ? 3.363   6.941   6.374   1.00 22.11 ? 72  PHE A CG  1 
ATOM   355  C CD1 . PHE A 1 52  ? 3.054   6.841   7.723   1.00 22.96 ? 72  PHE A CD1 1 
ATOM   356  C CD2 . PHE A 1 52  ? 3.053   5.874   5.545   1.00 21.98 ? 72  PHE A CD2 1 
ATOM   357  C CE1 . PHE A 1 52  ? 2.466   5.695   8.233   1.00 22.11 ? 72  PHE A CE1 1 
ATOM   358  C CE2 . PHE A 1 52  ? 2.468   4.727   6.058   1.00 21.82 ? 72  PHE A CE2 1 
ATOM   359  C CZ  . PHE A 1 52  ? 2.171   4.640   7.400   1.00 21.56 ? 72  PHE A CZ  1 
ATOM   360  N N   . GLY A 1 53  ? 3.248   11.563  4.702   1.00 23.24 ? 73  GLY A N   1 
ATOM   361  C CA  . GLY A 1 53  ? 3.808   12.866  4.282   1.00 24.07 ? 73  GLY A CA  1 
ATOM   362  C C   . GLY A 1 53  ? 5.213   12.731  3.722   1.00 24.15 ? 73  GLY A C   1 
ATOM   363  O O   . GLY A 1 53  ? 6.087   13.522  4.118   1.00 25.32 ? 73  GLY A O   1 
ATOM   364  N N   . LEU A 1 54  ? 5.442   11.756  2.840   1.00 23.22 ? 74  LEU A N   1 
ATOM   365  C CA  . LEU A 1 54  ? 6.773   11.548  2.215   1.00 23.06 ? 74  LEU A CA  1 
ATOM   366  C C   . LEU A 1 54  ? 6.972   12.622  1.144   1.00 23.14 ? 74  LEU A C   1 
ATOM   367  O O   . LEU A 1 54  ? 5.972   13.128  0.610   1.00 22.19 ? 74  LEU A O   1 
ATOM   368  C CB  . LEU A 1 54  ? 6.868   10.142  1.611   1.00 23.01 ? 74  LEU A CB  1 
ATOM   369  C CG  . LEU A 1 54  ? 6.580   8.967   2.549   1.00 22.63 ? 74  LEU A CG  1 
ATOM   370  C CD1 . LEU A 1 54  ? 6.872   7.654   1.846   1.00 22.53 ? 74  LEU A CD1 1 
ATOM   371  C CD2 . LEU A 1 54  ? 7.387   9.054   3.840   1.00 23.76 ? 74  LEU A CD2 1 
ATOM   372  N N   . LYS A 1 55  ? 8.231   12.941  0.849   1.00 24.94 ? 75  LYS A N   1 
ATOM   373  C CA  . LYS A 1 55  ? 8.626   13.885  -0.223  1.00 26.72 ? 75  LYS A CA  1 
ATOM   374  C C   . LYS A 1 55  ? 8.619   13.138  -1.562  1.00 24.68 ? 75  LYS A C   1 
ATOM   375  O O   . LYS A 1 55  ? 9.329   12.123  -1.671  1.00 24.54 ? 75  LYS A O   1 
ATOM   376  C CB  . LYS A 1 55  ? 10.008  14.471  0.084   1.00 29.87 ? 75  LYS A CB  1 
ATOM   377  C CG  . LYS A 1 55  ? 10.562  15.389  -0.997  1.00 33.69 ? 75  LYS A CG  1 
ATOM   378  C CD  . LYS A 1 55  ? 11.496  16.459  -0.481  1.00 36.06 ? 75  LYS A CD  1 
ATOM   379  C CE  . LYS A 1 55  ? 11.718  17.563  -1.495  1.00 37.79 ? 75  LYS A CE  1 
ATOM   380  N NZ  . LYS A 1 55  ? 12.081  18.841  -0.836  1.00 40.53 ? 75  LYS A NZ  1 
ATOM   381  N N   . GLU A 1 56  ? 7.844   13.621  -2.532  1.00 23.21 ? 76  GLU A N   1 
ATOM   382  C CA  . GLU A 1 56  ? 7.876   13.118  -3.930  1.00 23.67 ? 76  GLU A CA  1 
ATOM   383  C C   . GLU A 1 56  ? 9.306   13.264  -4.455  1.00 22.32 ? 76  GLU A C   1 
ATOM   384  O O   . GLU A 1 56  ? 9.968   14.263  -4.090  1.00 22.17 ? 76  GLU A O   1 
ATOM   385  C CB  . GLU A 1 56  ? 6.903   13.892  -4.818  1.00 24.77 ? 76  GLU A CB  1 
ATOM   386  C CG  . GLU A 1 56  ? 5.457   13.781  -4.370  1.00 26.14 ? 76  GLU A CG  1 
ATOM   387  C CD  . GLU A 1 56  ? 4.467   14.545  -5.227  1.00 27.27 ? 76  GLU A CD  1 
ATOM   388  O OE1 . GLU A 1 56  ? 4.750   14.759  -6.431  1.00 29.01 ? 76  GLU A OE1 1 
ATOM   389  O OE2 . GLU A 1 56  ? 3.420   14.928  -4.689  1.00 27.67 ? 76  GLU A OE2 1 
ATOM   390  N N   . ILE A 1 57  ? 9.783   12.299  -5.242  1.00 20.81 ? 77  ILE A N   1 
ATOM   391  C CA  . ILE A 1 57  ? 11.130  12.369  -5.877  1.00 20.77 ? 77  ILE A CA  1 
ATOM   392  C C   . ILE A 1 57  ? 10.947  12.471  -7.395  1.00 20.26 ? 77  ILE A C   1 
ATOM   393  O O   . ILE A 1 57  ? 10.524  11.478  -8.020  1.00 20.56 ? 77  ILE A O   1 
ATOM   394  C CB  . ILE A 1 57  ? 12.021  11.190  -5.444  1.00 20.64 ? 77  ILE A CB  1 
ATOM   395  C CG1 . ILE A 1 57  ? 12.250  11.205  -3.929  1.00 20.95 ? 77  ILE A CG1 1 
ATOM   396  C CG2 . ILE A 1 57  ? 13.338  11.204  -6.215  1.00 20.92 ? 77  ILE A CG2 1 
ATOM   397  C CD1 . ILE A 1 57  ? 13.008  10.012  -3.400  1.00 20.40 ? 77  ILE A CD1 1 
ATOM   398  N N   . HIS A 1 58  ? 11.279  13.638  -7.952  1.00 19.95 ? 78  HIS A N   1 
ATOM   399  C CA  . HIS A 1 58  ? 11.203  13.955  -9.399  1.00 20.35 ? 78  HIS A CA  1 
ATOM   400  C C   . HIS A 1 58  ? 12.581  13.760  -10.026 1.00 19.54 ? 78  HIS A C   1 
ATOM   401  O O   . HIS A 1 58  ? 13.573  14.072  -9.358  1.00 20.21 ? 78  HIS A O   1 
ATOM   402  C CB  . HIS A 1 58  ? 10.663  15.378  -9.608  1.00 20.86 ? 78  HIS A CB  1 
ATOM   403  C CG  . HIS A 1 58  ? 9.265   15.540  -9.122  1.00 21.56 ? 78  HIS A CG  1 
ATOM   404  N ND1 . HIS A 1 58  ? 8.175   15.175  -9.882  1.00 22.29 ? 78  HIS A ND1 1 
ATOM   405  C CD2 . HIS A 1 58  ? 8.775   15.994  -7.949  1.00 22.76 ? 78  HIS A CD2 1 
ATOM   406  C CE1 . HIS A 1 58  ? 7.069   15.413  -9.204  1.00 22.85 ? 78  HIS A CE1 1 
ATOM   407  N NE2 . HIS A 1 58  ? 7.410   15.903  -8.009  1.00 22.47 ? 78  HIS A NE2 1 
ATOM   408  N N   . GLY A 1 59  ? 12.622  13.264  -11.263 1.00 19.28 ? 79  GLY A N   1 
ATOM   409  C CA  . GLY A 1 59  ? 13.838  13.172  -12.095 1.00 18.80 ? 79  GLY A CA  1 
ATOM   410  C C   . GLY A 1 59  ? 14.729  12.010  -11.695 1.00 18.41 ? 79  GLY A C   1 
ATOM   411  O O   . GLY A 1 59  ? 15.929  12.067  -11.985 1.00 18.58 ? 79  GLY A O   1 
ATOM   412  N N   . GLN A 1 60  ? 14.171  11.001  -11.025 1.00 18.45 ? 80  GLN A N   1 
ATOM   413  C CA  . GLN A 1 60  ? 14.884  9.745   -10.678 1.00 18.64 ? 80  GLN A CA  1 
ATOM   414  C C   . GLN A 1 60  ? 14.008  8.557   -11.082 1.00 18.15 ? 80  GLN A C   1 
ATOM   415  O O   . GLN A 1 60  ? 12.799  8.621   -10.868 1.00 17.47 ? 80  GLN A O   1 
ATOM   416  C CB  . GLN A 1 60  ? 15.219  9.724   -9.191  1.00 19.07 ? 80  GLN A CB  1 
ATOM   417  C CG  . GLN A 1 60  ? 16.033  8.512   -8.782  1.00 20.71 ? 80  GLN A CG  1 
ATOM   418  C CD  . GLN A 1 60  ? 16.226  8.481   -7.289  1.00 22.58 ? 80  GLN A CD  1 
ATOM   419  O OE1 . GLN A 1 60  ? 17.104  9.146   -6.750  1.00 22.94 ? 80  GLN A OE1 1 
ATOM   420  N NE2 . GLN A 1 60  ? 15.381  7.720   -6.611  1.00 23.90 ? 80  GLN A NE2 1 
ATOM   421  N N   . TYR A 1 61  ? 14.606  7.523   -11.673 1.00 18.46 ? 81  TYR A N   1 
ATOM   422  C CA  . TYR A 1 61  ? 13.898  6.306   -12.151 1.00 18.73 ? 81  TYR A CA  1 
ATOM   423  C C   . TYR A 1 61  ? 14.734  5.091   -11.740 1.00 18.99 ? 81  TYR A C   1 
ATOM   424  O O   . TYR A 1 61  ? 15.865  4.963   -12.228 1.00 18.34 ? 81  TYR A O   1 
ATOM   425  C CB  . TYR A 1 61  ? 13.615  6.453   -13.649 1.00 19.11 ? 81  TYR A CB  1 
ATOM   426  C CG  . TYR A 1 61  ? 13.020  7.800   -13.969 1.00 19.13 ? 81  TYR A CG  1 
ATOM   427  C CD1 . TYR A 1 61  ? 11.673  8.050   -13.766 1.00 19.41 ? 81  TYR A CD1 1 
ATOM   428  C CD2 . TYR A 1 61  ? 13.826  8.857   -14.366 1.00 19.42 ? 81  TYR A CD2 1 
ATOM   429  C CE1 . TYR A 1 61  ? 11.131  9.306   -13.991 1.00 19.71 ? 81  TYR A CE1 1 
ATOM   430  C CE2 . TYR A 1 61  ? 13.302  10.114  -14.600 1.00 19.47 ? 81  TYR A CE2 1 
ATOM   431  C CZ  . TYR A 1 61  ? 11.949  10.339  -14.415 1.00 19.64 ? 81  TYR A CZ  1 
ATOM   432  O OH  . TYR A 1 61  ? 11.436  11.577  -14.645 1.00 20.69 ? 81  TYR A OH  1 
ATOM   433  N N   . SER A 1 62  ? 14.213  4.278   -10.813 1.00 18.94 ? 82  SER A N   1 
ATOM   434  C CA  . SER A 1 62  ? 14.940  3.141   -10.185 1.00 19.12 ? 82  SER A CA  1 
ATOM   435  C C   . SER A 1 62  ? 14.490  1.808   -10.795 1.00 19.19 ? 82  SER A C   1 
ATOM   436  O O   . SER A 1 62  ? 15.027  0.765   -10.379 1.00 20.36 ? 82  SER A O   1 
ATOM   437  C CB  . SER A 1 62  ? 14.753  3.143   -8.689  1.00 19.17 ? 82  SER A CB  1 
ATOM   438  O OG  . SER A 1 62  ? 15.238  4.347   -8.116  1.00 18.63 ? 82  SER A OG  1 
ATOM   439  N N   . TYR A 1 63  ? 13.551  1.830   -11.744 1.00 19.18 ? 83  TYR A N   1 
ATOM   440  C CA  . TYR A 1 63  ? 12.932  0.613   -12.333 1.00 18.95 ? 83  TYR A CA  1 
ATOM   441  C C   . TYR A 1 63  ? 12.933  0.699   -13.859 1.00 20.58 ? 83  TYR A C   1 
ATOM   442  O O   . TYR A 1 63  ? 13.012  1.811   -14.426 1.00 19.78 ? 83  TYR A O   1 
ATOM   443  C CB  . TYR A 1 63  ? 11.525  0.423   -11.761 1.00 18.34 ? 83  TYR A CB  1 
ATOM   444  C CG  . TYR A 1 63  ? 11.499  0.391   -10.254 1.00 17.47 ? 83  TYR A CG  1 
ATOM   445  C CD1 . TYR A 1 63  ? 11.983  -0.709  -9.573  1.00 17.30 ? 83  TYR A CD1 1 
ATOM   446  C CD2 . TYR A 1 63  ? 11.037  1.464   -9.505  1.00 16.72 ? 83  TYR A CD2 1 
ATOM   447  C CE1 . TYR A 1 63  ? 11.990  -0.763  -8.191  1.00 17.17 ? 83  TYR A CE1 1 
ATOM   448  C CE2 . TYR A 1 63  ? 11.044  1.431   -8.117  1.00 16.84 ? 83  TYR A CE2 1 
ATOM   449  C CZ  . TYR A 1 63  ? 11.512  0.308   -7.458  1.00 16.80 ? 83  TYR A CZ  1 
ATOM   450  O OH  . TYR A 1 63  ? 11.530  0.240   -6.097  1.00 16.27 ? 83  TYR A OH  1 
ATOM   451  N N   . LYS A 1 64  ? 12.836  -0.467  -14.504 1.00 22.92 ? 84  LYS A N   1 
ATOM   452  C CA  . LYS A 1 64  ? 12.959  -0.620  -15.975 1.00 24.37 ? 84  LYS A CA  1 
ATOM   453  C C   . LYS A 1 64  ? 11.646  -1.157  -16.543 1.00 24.47 ? 84  LYS A C   1 
ATOM   454  O O   . LYS A 1 64  ? 11.660  -1.586  -17.707 1.00 23.55 ? 84  LYS A O   1 
ATOM   455  C CB  . LYS A 1 64  ? 14.146  -1.531  -16.304 1.00 26.41 ? 84  LYS A CB  1 
ATOM   456  C CG  . LYS A 1 64  ? 15.479  -1.087  -15.713 1.00 27.32 ? 84  LYS A CG  1 
ATOM   457  C CD  . LYS A 1 64  ? 16.641  -2.037  -15.976 1.00 28.49 ? 84  LYS A CD  1 
ATOM   458  C CE  . LYS A 1 64  ? 16.978  -2.216  -17.443 1.00 29.23 ? 84  LYS A CE  1 
ATOM   459  N NZ  . LYS A 1 64  ? 17.467  -0.962  -18.062 1.00 30.56 ? 84  LYS A NZ  1 
ATOM   460  N N   . ASP A 1 65  ? 10.552  -1.113  -15.768 1.00 23.50 ? 85  ASP A N   1 
ATOM   461  C CA  . ASP A 1 65  ? 9.191   -1.466  -16.253 1.00 23.06 ? 85  ASP A CA  1 
ATOM   462  C C   . ASP A 1 65  ? 8.932   -0.716  -17.560 1.00 24.92 ? 85  ASP A C   1 
ATOM   463  O O   . ASP A 1 65  ? 9.280   0.477   -17.640 1.00 24.22 ? 85  ASP A O   1 
ATOM   464  C CB  . ASP A 1 65  ? 8.079   -1.076  -15.276 1.00 21.74 ? 85  ASP A CB  1 
ATOM   465  C CG  . ASP A 1 65  ? 8.180   -1.701  -13.897 1.00 21.23 ? 85  ASP A CG  1 
ATOM   466  O OD1 . ASP A 1 65  ? 9.280   -1.643  -13.306 1.00 20.89 ? 85  ASP A OD1 1 
ATOM   467  O OD2 . ASP A 1 65  ? 7.149   -2.222  -13.419 1.00 19.96 ? 85  ASP A OD2 1 
ATOM   468  N N   . LYS A 1 66  ? 8.317   -1.379  -18.537 1.00 26.62 ? 86  LYS A N   1 
ATOM   469  C CA  . LYS A 1 66  ? 7.795   -0.702  -19.751 1.00 28.04 ? 86  LYS A CA  1 
ATOM   470  C C   . LYS A 1 66  ? 6.956   0.497   -19.292 1.00 27.65 ? 86  LYS A C   1 
ATOM   471  O O   . LYS A 1 66  ? 6.073   0.298   -18.435 1.00 25.34 ? 86  LYS A O   1 
ATOM   472  C CB  . LYS A 1 66  ? 6.972   -1.685  -20.584 1.00 30.70 ? 86  LYS A CB  1 
ATOM   473  C CG  . LYS A 1 66  ? 6.227   -1.072  -21.759 1.00 33.62 ? 86  LYS A CG  1 
ATOM   474  C CD  . LYS A 1 66  ? 6.857   -1.361  -23.105 1.00 36.26 ? 86  LYS A CD  1 
ATOM   475  C CE  . LYS A 1 66  ? 6.176   -0.618  -24.234 1.00 38.22 ? 86  LYS A CE  1 
ATOM   476  N NZ  . LYS A 1 66  ? 4.707   -0.547  -24.031 1.00 41.42 ? 86  LYS A NZ  1 
ATOM   477  N N   . ASN A 1 67  ? 7.254   1.692   -19.816 1.00 26.40 ? 87  ASN A N   1 
ATOM   478  C CA  . ASN A 1 67  ? 6.499   2.957   -19.601 1.00 26.15 ? 87  ASN A CA  1 
ATOM   479  C C   . ASN A 1 67  ? 6.636   3.440   -18.147 1.00 24.17 ? 87  ASN A C   1 
ATOM   480  O O   . ASN A 1 67  ? 5.769   4.211   -17.706 1.00 24.19 ? 87  ASN A O   1 
ATOM   481  C CB  . ASN A 1 67  ? 5.028   2.823   -20.001 1.00 27.69 ? 87  ASN A CB  1 
ATOM   482  C CG  . ASN A 1 67  ? 4.839   2.642   -21.492 1.00 28.99 ? 87  ASN A CG  1 
ATOM   483  O OD1 . ASN A 1 67  ? 5.561   3.240   -22.288 1.00 30.90 ? 87  ASN A OD1 1 
ATOM   484  N ND2 . ASN A 1 67  ? 3.868   1.831   -21.874 1.00 28.09 ? 87  ASN A ND2 1 
ATOM   485  N N   . TYR A 1 68  ? 7.696   3.042   -17.442 1.00 22.57 ? 88  TYR A N   1 
ATOM   486  C CA  . TYR A 1 68  ? 8.144   3.699   -16.187 1.00 21.66 ? 88  TYR A CA  1 
ATOM   487  C C   . TYR A 1 68  ? 9.218   4.724   -16.555 1.00 21.73 ? 88  TYR A C   1 
ATOM   488  O O   . TYR A 1 68  ? 10.344  4.324   -16.877 1.00 21.40 ? 88  TYR A O   1 
ATOM   489  C CB  . TYR A 1 68  ? 8.651   2.691   -15.155 1.00 20.51 ? 88  TYR A CB  1 
ATOM   490  C CG  . TYR A 1 68  ? 8.903   3.317   -13.808 1.00 19.78 ? 88  TYR A CG  1 
ATOM   491  C CD1 . TYR A 1 68  ? 7.855   3.586   -12.940 1.00 18.89 ? 88  TYR A CD1 1 
ATOM   492  C CD2 . TYR A 1 68  ? 10.178  3.686   -13.415 1.00 18.95 ? 88  TYR A CD2 1 
ATOM   493  C CE1 . TYR A 1 68  ? 8.068   4.193   -11.714 1.00 18.39 ? 88  TYR A CE1 1 
ATOM   494  C CE2 . TYR A 1 68  ? 10.410  4.282   -12.186 1.00 18.08 ? 88  TYR A CE2 1 
ATOM   495  C CZ  . TYR A 1 68  ? 9.353   4.537   -11.330 1.00 17.79 ? 88  TYR A CZ  1 
ATOM   496  O OH  . TYR A 1 68  ? 9.584   5.124   -10.120 1.00 16.13 ? 88  TYR A OH  1 
ATOM   497  N N   . ASP A 1 69  ? 8.866   6.010   -16.512 1.00 22.46 ? 89  ASP A N   1 
ATOM   498  C CA  . ASP A 1 69  ? 9.675   7.119   -17.085 1.00 23.91 ? 89  ASP A CA  1 
ATOM   499  C C   . ASP A 1 69  ? 9.033   8.448   -16.684 1.00 23.50 ? 89  ASP A C   1 
ATOM   500  O O   . ASP A 1 69  ? 8.050   8.408   -15.922 1.00 22.08 ? 89  ASP A O   1 
ATOM   501  C CB  . ASP A 1 69  ? 9.793   6.974   -18.606 1.00 25.38 ? 89  ASP A CB  1 
ATOM   502  C CG  . ASP A 1 69  ? 8.459   6.894   -19.326 1.00 26.59 ? 89  ASP A CG  1 
ATOM   503  O OD1 . ASP A 1 69  ? 7.523   7.616   -18.926 1.00 27.11 ? 89  ASP A OD1 1 
ATOM   504  O OD2 . ASP A 1 69  ? 8.362   6.100   -20.284 1.00 29.96 ? 89  ASP A OD2 1 
ATOM   505  N N   . ALA A 1 70  ? 9.547   9.570   -17.202 1.00 23.86 ? 90  ALA A N   1 
ATOM   506  C CA  . ALA A 1 70  ? 9.114   10.942  -16.838 1.00 25.45 ? 90  ALA A CA  1 
ATOM   507  C C   . ALA A 1 70  ? 7.628   11.157  -17.164 1.00 26.00 ? 90  ALA A C   1 
ATOM   508  O O   . ALA A 1 70  ? 7.027   12.056  -16.560 1.00 27.22 ? 90  ALA A O   1 
ATOM   509  C CB  . ALA A 1 70  ? 9.983   11.964  -17.534 1.00 25.40 ? 90  ALA A CB  1 
ATOM   510  N N   . LYS A 1 71  ? 7.042   10.363  -18.067 1.00 26.60 ? 91  LYS A N   1 
ATOM   511  C CA  . LYS A 1 71  ? 5.624   10.522  -18.492 1.00 27.42 ? 91  LYS A CA  1 
ATOM   512  C C   . LYS A 1 71  ? 4.695   9.761   -17.537 1.00 26.21 ? 91  LYS A C   1 
ATOM   513  O O   . LYS A 1 71  ? 3.473   9.961   -17.638 1.00 26.32 ? 91  LYS A O   1 
ATOM   514  C CB  . LYS A 1 71  ? 5.443   10.042  -19.934 1.00 29.81 ? 91  LYS A CB  1 
ATOM   515  C CG  . LYS A 1 71  ? 6.347   10.718  -20.958 1.00 32.09 ? 91  LYS A CG  1 
ATOM   516  C CD  . LYS A 1 71  ? 6.186   12.224  -21.014 1.00 34.89 ? 91  LYS A CD  1 
ATOM   517  C CE  . LYS A 1 71  ? 7.108   12.898  -22.013 1.00 36.77 ? 91  LYS A CE  1 
ATOM   518  N NZ  . LYS A 1 71  ? 6.956   12.332  -23.377 1.00 38.18 ? 91  LYS A NZ  1 
ATOM   519  N N   . ASN A 1 72  ? 5.252   8.935   -16.643 1.00 23.92 ? 92  ASN A N   1 
ATOM   520  C CA  . ASN A 1 72  ? 4.485   8.099   -15.681 1.00 22.39 ? 92  ASN A CA  1 
ATOM   521  C C   . ASN A 1 72  ? 4.184   8.926   -14.424 1.00 21.60 ? 92  ASN A C   1 
ATOM   522  O O   . ASN A 1 72  ? 5.127   9.212   -13.666 1.00 21.38 ? 92  ASN A O   1 
ATOM   523  C CB  . ASN A 1 72  ? 5.238   6.808   -15.345 1.00 22.09 ? 92  ASN A CB  1 
ATOM   524  C CG  . ASN A 1 72  ? 4.387   5.807   -14.595 1.00 22.00 ? 92  ASN A CG  1 
ATOM   525  O OD1 . ASN A 1 72  ? 3.643   6.178   -13.690 1.00 21.34 ? 92  ASN A OD1 1 
ATOM   526  N ND2 . ASN A 1 72  ? 4.499   4.538   -14.957 1.00 22.10 ? 92  ASN A ND2 1 
ATOM   527  N N   . TRP A 1 73  ? 2.907   9.262   -14.198 1.00 20.90 ? 93  TRP A N   1 
ATOM   528  C CA  . TRP A 1 73  ? 2.441   10.129  -13.080 1.00 21.04 ? 93  TRP A CA  1 
ATOM   529  C C   . TRP A 1 73  ? 2.890   9.561   -11.729 1.00 19.31 ? 93  TRP A C   1 
ATOM   530  O O   . TRP A 1 73  ? 3.049   10.344  -10.771 1.00 18.38 ? 93  TRP A O   1 
ATOM   531  C CB  . TRP A 1 73  ? 0.915   10.301  -13.126 1.00 22.97 ? 93  TRP A CB  1 
ATOM   532  C CG  . TRP A 1 73  ? 0.149   9.038   -12.883 1.00 25.07 ? 93  TRP A CG  1 
ATOM   533  C CD1 . TRP A 1 73  ? -0.389  8.206   -13.822 1.00 26.44 ? 93  TRP A CD1 1 
ATOM   534  C CD2 . TRP A 1 73  ? -0.172  8.457   -11.603 1.00 25.79 ? 93  TRP A CD2 1 
ATOM   535  N NE1 . TRP A 1 73  ? -1.011  7.147   -13.218 1.00 27.27 ? 93  TRP A NE1 1 
ATOM   536  C CE2 . TRP A 1 73  ? -0.901  7.275   -11.858 1.00 27.02 ? 93  TRP A CE2 1 
ATOM   537  C CE3 . TRP A 1 73  ? 0.078   8.818   -10.274 1.00 25.80 ? 93  TRP A CE3 1 
ATOM   538  C CZ2 . TRP A 1 73  ? -1.370  6.453   -10.831 1.00 27.44 ? 93  TRP A CZ2 1 
ATOM   539  C CZ3 . TRP A 1 73  ? -0.385  8.006   -9.260  1.00 26.66 ? 93  TRP A CZ3 1 
ATOM   540  C CH2 . TRP A 1 73  ? -1.102  6.841   -9.536  1.00 26.57 ? 93  TRP A CH2 1 
ATOM   541  N N   . ALA A 1 74  ? 3.048   8.241   -11.635 1.00 18.36 ? 94  ALA A N   1 
ATOM   542  C CA  . ALA A 1 74  ? 3.283   7.523   -10.362 1.00 17.81 ? 94  ALA A CA  1 
ATOM   543  C C   . ALA A 1 74  ? 4.772   7.500   -10.003 1.00 16.83 ? 94  ALA A C   1 
ATOM   544  O O   . ALA A 1 74  ? 5.072   7.200   -8.841  1.00 16.41 ? 94  ALA A O   1 
ATOM   545  C CB  . ALA A 1 74  ? 2.720   6.124   -10.439 1.00 17.87 ? 94  ALA A CB  1 
ATOM   546  N N   . ALA A 1 75  ? 5.679   7.783   -10.944 1.00 16.84 ? 95  ALA A N   1 
ATOM   547  C CA  . ALA A 1 75  ? 7.139   7.664   -10.707 1.00 16.85 ? 95  ALA A CA  1 
ATOM   548  C C   . ALA A 1 75  ? 7.546   8.442   -9.454  1.00 16.69 ? 95  ALA A C   1 
ATOM   549  O O   . ALA A 1 75  ? 8.258   7.905   -8.612  1.00 16.41 ? 95  ALA A O   1 
ATOM   550  C CB  . ALA A 1 75  ? 7.932   8.094   -11.916 1.00 17.40 ? 95  ALA A CB  1 
ATOM   551  N N   . PRO A 1 76  ? 7.148   9.725   -9.273  1.00 16.78 ? 96  PRO A N   1 
ATOM   552  C CA  . PRO A 1 76  ? 7.553   10.479  -8.081  1.00 16.43 ? 96  PRO A CA  1 
ATOM   553  C C   . PRO A 1 76  ? 7.157   9.807   -6.752  1.00 16.30 ? 96  PRO A C   1 
ATOM   554  O O   . PRO A 1 76  ? 7.886   9.921   -5.767  1.00 15.76 ? 96  PRO A O   1 
ATOM   555  C CB  . PRO A 1 76  ? 6.845   11.832  -8.255  1.00 16.94 ? 96  PRO A CB  1 
ATOM   556  C CG  . PRO A 1 76  ? 6.627   11.955  -9.748  1.00 17.00 ? 96  PRO A CG  1 
ATOM   557  C CD  . PRO A 1 76  ? 6.344   10.538  -10.203 1.00 16.99 ? 96  PRO A CD  1 
ATOM   558  N N   . PHE A 1 77  ? 6.022   9.109   -6.740  1.00 15.78 ? 97  PHE A N   1 
ATOM   559  C CA  . PHE A 1 77  ? 5.469   8.437   -5.540  1.00 15.63 ? 97  PHE A CA  1 
ATOM   560  C C   . PHE A 1 77  ? 6.210   7.115   -5.333  1.00 15.29 ? 97  PHE A C   1 
ATOM   561  O O   . PHE A 1 77  ? 6.591   6.787   -4.194  1.00 15.29 ? 97  PHE A O   1 
ATOM   562  C CB  . PHE A 1 77  ? 3.955   8.270   -5.691  1.00 15.87 ? 97  PHE A CB  1 
ATOM   563  C CG  . PHE A 1 77  ? 3.220   9.573   -5.899  1.00 15.98 ? 97  PHE A CG  1 
ATOM   564  C CD1 . PHE A 1 77  ? 3.055   10.466  -4.853  1.00 16.39 ? 97  PHE A CD1 1 
ATOM   565  C CD2 . PHE A 1 77  ? 2.710   9.916   -7.143  1.00 16.57 ? 97  PHE A CD2 1 
ATOM   566  C CE1 . PHE A 1 77  ? 2.387   11.668  -5.045  1.00 16.76 ? 97  PHE A CE1 1 
ATOM   567  C CE2 . PHE A 1 77  ? 2.046   11.119  -7.334  1.00 16.64 ? 97  PHE A CE2 1 
ATOM   568  C CZ  . PHE A 1 77  ? 1.883   11.991  -6.283  1.00 16.86 ? 97  PHE A CZ  1 
ATOM   569  N N   . ILE A 1 78  ? 6.397   6.370   -6.418  1.00 15.54 ? 98  ILE A N   1 
ATOM   570  C CA  . ILE A 1 78  ? 7.113   5.063   -6.401  1.00 15.48 ? 98  ILE A CA  1 
ATOM   571  C C   . ILE A 1 78  ? 8.557   5.306   -5.952  1.00 15.77 ? 98  ILE A C   1 
ATOM   572  O O   . ILE A 1 78  ? 9.047   4.536   -5.116  1.00 15.54 ? 98  ILE A O   1 
ATOM   573  C CB  . ILE A 1 78  ? 7.003   4.363   -7.770  1.00 15.36 ? 98  ILE A CB  1 
ATOM   574  C CG1 . ILE A 1 78  ? 5.582   3.829   -7.983  1.00 15.61 ? 98  ILE A CG1 1 
ATOM   575  C CG2 . ILE A 1 78  ? 8.053   3.268   -7.909  1.00 15.42 ? 98  ILE A CG2 1 
ATOM   576  C CD1 . ILE A 1 78  ? 5.297   3.315   -9.379  1.00 15.24 ? 98  ILE A CD1 1 
ATOM   577  N N   . GLU A 1 79  ? 9.209   6.343   -6.479  1.00 16.36 ? 99  GLU A N   1 
ATOM   578  C CA  . GLU A 1 79  ? 10.596  6.705   -6.083  1.00 16.78 ? 99  GLU A CA  1 
ATOM   579  C C   . GLU A 1 79  ? 10.625  7.029   -4.584  1.00 16.85 ? 99  GLU A C   1 
ATOM   580  O O   . GLU A 1 79  ? 11.564  6.583   -3.908  1.00 18.18 ? 99  GLU A O   1 
ATOM   581  C CB  . GLU A 1 79  ? 11.108  7.861   -6.949  1.00 17.32 ? 99  GLU A CB  1 
ATOM   582  C CG  . GLU A 1 79  ? 11.365  7.459   -8.389  1.00 17.19 ? 99  GLU A CG  1 
ATOM   583  C CD  . GLU A 1 79  ? 12.300  6.277   -8.558  1.00 17.71 ? 99  GLU A CD  1 
ATOM   584  O OE1 . GLU A 1 79  ? 13.344  6.236   -7.858  1.00 17.18 ? 99  GLU A OE1 1 
ATOM   585  O OE2 . GLU A 1 79  ? 11.973  5.389   -9.368  1.00 18.21 ? 99  GLU A OE2 1 
ATOM   586  N N   . ALA A 1 80  ? 9.632   7.759   -4.072  1.00 16.75 ? 100 ALA A N   1 
ATOM   587  C CA  . ALA A 1 80  ? 9.565   8.181   -2.653  1.00 16.83 ? 100 ALA A CA  1 
ATOM   588  C C   . ALA A 1 80  ? 9.482   6.950   -1.742  1.00 16.76 ? 100 ALA A C   1 
ATOM   589  O O   . ALA A 1 80  ? 10.285  6.858   -0.793  1.00 16.25 ? 100 ALA A O   1 
ATOM   590  C CB  . ALA A 1 80  ? 8.408   9.123   -2.427  1.00 16.94 ? 100 ALA A CB  1 
ATOM   591  N N   . VAL A 1 81  ? 8.563   6.019   -2.019  1.00 16.94 ? 101 VAL A N   1 
ATOM   592  C CA  . VAL A 1 81  ? 8.371   4.805   -1.166  1.00 17.01 ? 101 VAL A CA  1 
ATOM   593  C C   . VAL A 1 81  ? 9.587   3.887   -1.319  1.00 17.12 ? 101 VAL A C   1 
ATOM   594  O O   . VAL A 1 81  ? 9.878   3.154   -0.354  1.00 18.17 ? 101 VAL A O   1 
ATOM   595  C CB  . VAL A 1 81  ? 7.054   4.060   -1.461  1.00 16.75 ? 101 VAL A CB  1 
ATOM   596  C CG1 . VAL A 1 81  ? 5.854   4.900   -1.069  1.00 16.31 ? 101 VAL A CG1 1 
ATOM   597  C CG2 . VAL A 1 81  ? 6.949   3.596   -2.906  1.00 16.68 ? 101 VAL A CG2 1 
ATOM   598  N N   . THR A 1 82  ? 10.265  3.924   -2.472  1.00 17.83 ? 102 THR A N   1 
ATOM   599  C CA  . THR A 1 82  ? 11.520  3.163   -2.722  1.00 17.96 ? 102 THR A CA  1 
ATOM   600  C C   . THR A 1 82  ? 12.624  3.740   -1.826  1.00 19.29 ? 102 THR A C   1 
ATOM   601  O O   . THR A 1 82  ? 13.233  2.952   -1.076  1.00 19.38 ? 102 THR A O   1 
ATOM   602  C CB  . THR A 1 82  ? 11.897  3.151   -4.209  1.00 17.95 ? 102 THR A CB  1 
ATOM   603  O OG1 . THR A 1 82  ? 10.854  2.470   -4.909  1.00 17.29 ? 102 THR A OG1 1 
ATOM   604  C CG2 . THR A 1 82  ? 13.222  2.470   -4.482  1.00 18.26 ? 102 THR A CG2 1 
ATOM   605  N N   . ALA A 1 83  ? 12.839  5.059   -1.875  1.00 20.25 ? 103 ALA A N   1 
ATOM   606  C CA  . ALA A 1 83  ? 13.861  5.778   -1.074  1.00 22.18 ? 103 ALA A CA  1 
ATOM   607  C C   . ALA A 1 83  ? 13.618  5.518   0.415   1.00 22.82 ? 103 ALA A C   1 
ATOM   608  O O   . ALA A 1 83  ? 14.602  5.379   1.162   1.00 22.32 ? 103 ALA A O   1 
ATOM   609  C CB  . ALA A 1 83  ? 13.823  7.254   -1.382  1.00 22.65 ? 103 ALA A CB  1 
ATOM   610  N N   . GLU A 1 84  ? 12.347  5.441   0.817   1.00 23.99 ? 104 GLU A N   1 
ATOM   611  C CA  . GLU A 1 84  ? 11.922  5.295   2.235   1.00 25.93 ? 104 GLU A CA  1 
ATOM   612  C C   . GLU A 1 84  ? 12.091  3.840   2.697   1.00 25.40 ? 104 GLU A C   1 
ATOM   613  O O   . GLU A 1 84  ? 12.082  3.610   3.927   1.00 26.24 ? 104 GLU A O   1 
ATOM   614  C CB  . GLU A 1 84  ? 10.473  5.759   2.377   1.00 27.99 ? 104 GLU A CB  1 
ATOM   615  C CG  . GLU A 1 84  ? 10.096  6.152   3.787   1.00 30.97 ? 104 GLU A CG  1 
ATOM   616  C CD  . GLU A 1 84  ? 10.757  7.423   4.298   1.00 32.72 ? 104 GLU A CD  1 
ATOM   617  O OE1 . GLU A 1 84  ? 10.395  7.847   5.400   1.00 35.44 ? 104 GLU A OE1 1 
ATOM   618  O OE2 . GLU A 1 84  ? 11.616  7.988   3.595   1.00 33.64 ? 104 GLU A OE2 1 
ATOM   619  N N   . GLY A 1 85  ? 12.241  2.901   1.757   1.00 24.81 ? 105 GLY A N   1 
ATOM   620  C CA  . GLY A 1 85  ? 12.427  1.465   2.039   1.00 23.09 ? 105 GLY A CA  1 
ATOM   621  C C   . GLY A 1 85  ? 11.106  0.740   2.233   1.00 22.20 ? 105 GLY A C   1 
ATOM   622  O O   . GLY A 1 85  ? 11.137  -0.404  2.714   1.00 22.38 ? 105 GLY A O   1 
ATOM   623  N N   . LEU A 1 86  ? 9.981   1.354   1.857   1.00 20.30 ? 106 LEU A N   1 
ATOM   624  C CA  . LEU A 1 86  ? 8.623   0.776   2.066   1.00 19.50 ? 106 LEU A CA  1 
ATOM   625  C C   . LEU A 1 86  ? 8.306   -0.245  0.972   1.00 19.91 ? 106 LEU A C   1 
ATOM   626  O O   . LEU A 1 86  ? 7.648   -1.260  1.289   1.00 19.59 ? 106 LEU A O   1 
ATOM   627  C CB  . LEU A 1 86  ? 7.581   1.894   2.078   1.00 19.76 ? 106 LEU A CB  1 
ATOM   628  C CG  . LEU A 1 86  ? 7.769   2.968   3.146   1.00 19.10 ? 106 LEU A CG  1 
ATOM   629  C CD1 . LEU A 1 86  ? 6.570   3.904   3.173   1.00 19.22 ? 106 LEU A CD1 1 
ATOM   630  C CD2 . LEU A 1 86  ? 7.997   2.356   4.519   1.00 18.91 ? 106 LEU A CD2 1 
ATOM   631  N N   . MET A 1 87  ? 8.732   0.025   -0.266  1.00 19.20 ? 107 MET A N   1 
ATOM   632  C CA  . MET A 1 87  ? 8.509   -0.870  -1.429  1.00 19.92 ? 107 MET A CA  1 
ATOM   633  C C   . MET A 1 87  ? 9.813   -0.990  -2.220  1.00 20.28 ? 107 MET A C   1 
ATOM   634  O O   . MET A 1 87  ? 10.687  -0.112  -2.081  1.00 19.87 ? 107 MET A O   1 
ATOM   635  C CB  . MET A 1 87  ? 7.385   -0.349  -2.333  1.00 19.51 ? 107 MET A CB  1 
ATOM   636  C CG  . MET A 1 87  ? 6.078   -0.126  -1.590  1.00 19.22 ? 107 MET A CG  1 
ATOM   637  S SD  . MET A 1 87  ? 4.701   0.398   -2.646  1.00 18.69 ? 107 MET A SD  1 
ATOM   638  C CE  . MET A 1 87  ? 4.352   -1.130  -3.516  1.00 19.34 ? 107 MET A CE  1 
ATOM   639  N N   . GLN A 1 88  ? 9.933   -2.063  -2.998  1.00 21.19 ? 108 GLN A N   1 
ATOM   640  C CA  . GLN A 1 88  ? 11.099  -2.348  -3.868  1.00 22.05 ? 108 GLN A CA  1 
ATOM   641  C C   . GLN A 1 88  ? 10.615  -3.151  -5.077  1.00 21.87 ? 108 GLN A C   1 
ATOM   642  O O   . GLN A 1 88  ? 9.398   -3.374  -5.196  1.00 21.75 ? 108 GLN A O   1 
ATOM   643  C CB  . GLN A 1 88  ? 12.169  -3.101  -3.075  1.00 23.37 ? 108 GLN A CB  1 
ATOM   644  C CG  . GLN A 1 88  ? 11.656  -4.399  -2.463  1.00 24.65 ? 108 GLN A CG  1 
ATOM   645  C CD  . GLN A 1 88  ? 12.723  -5.200  -1.759  1.00 25.86 ? 108 GLN A CD  1 
ATOM   646  O OE1 . GLN A 1 88  ? 12.436  -6.215  -1.132  1.00 28.28 ? 108 GLN A OE1 1 
ATOM   647  N NE2 . GLN A 1 88  ? 13.962  -4.745  -1.850  1.00 25.80 ? 108 GLN A NE2 1 
ATOM   648  N N   . ALA A 1 89  ? 11.535  -3.547  -5.956  1.00 22.34 ? 109 ALA A N   1 
ATOM   649  C CA  . ALA A 1 89  ? 11.231  -4.356  -7.154  1.00 22.44 ? 109 ALA A CA  1 
ATOM   650  C C   . ALA A 1 89  ? 10.622  -5.687  -6.703  1.00 23.46 ? 109 ALA A C   1 
ATOM   651  O O   . ALA A 1 89  ? 10.916  -6.113  -5.565  1.00 22.21 ? 109 ALA A O   1 
ATOM   652  C CB  . ALA A 1 89  ? 12.488  -4.567  -7.961  1.00 23.18 ? 109 ALA A CB  1 
ATOM   653  N N   . LYS A 1 90  ? 9.792   -6.298  -7.549  1.00 23.92 ? 110 LYS A N   1 
ATOM   654  C CA  . LYS A 1 90  ? 9.447   -7.741  -7.454  1.00 24.75 ? 110 LYS A CA  1 
ATOM   655  C C   . LYS A 1 90  ? 10.620  -8.566  -7.997  1.00 26.43 ? 110 LYS A C   1 
ATOM   656  O O   . LYS A 1 90  ? 10.823  -9.692  -7.518  1.00 28.07 ? 110 LYS A O   1 
ATOM   657  C CB  . LYS A 1 90  ? 8.177   -8.048  -8.245  1.00 24.37 ? 110 LYS A CB  1 
ATOM   658  C CG  . LYS A 1 90  ? 6.900   -7.453  -7.682  1.00 24.07 ? 110 LYS A CG  1 
ATOM   659  C CD  . LYS A 1 90  ? 5.672   -8.018  -8.363  1.00 23.92 ? 110 LYS A CD  1 
ATOM   660  C CE  . LYS A 1 90  ? 4.393   -7.756  -7.606  1.00 23.30 ? 110 LYS A CE  1 
ATOM   661  N NZ  . LYS A 1 90  ? 3.202   -8.131  -8.407  1.00 22.68 ? 110 LYS A NZ  1 
ATOM   662  N N   . ASP A 1 91  ? 11.352  -8.017  -8.971  1.00 26.69 ? 111 ASP A N   1 
ATOM   663  C CA  . ASP A 1 91  ? 12.481  -8.690  -9.667  1.00 26.76 ? 111 ASP A CA  1 
ATOM   664  C C   . ASP A 1 91  ? 13.710  -7.779  -9.582  1.00 26.51 ? 111 ASP A C   1 
ATOM   665  O O   . ASP A 1 91  ? 13.706  -6.731  -10.246 1.00 26.01 ? 111 ASP A O   1 
ATOM   666  C CB  . ASP A 1 91  ? 12.085  -9.029  -11.107 1.00 27.40 ? 111 ASP A CB  1 
ATOM   667  C CG  . ASP A 1 91  ? 13.134  -9.803  -11.884 1.00 28.43 ? 111 ASP A CG  1 
ATOM   668  O OD1 . ASP A 1 91  ? 12.767  -10.396 -12.913 1.00 29.61 ? 111 ASP A OD1 1 
ATOM   669  O OD2 . ASP A 1 91  ? 14.314  -9.787  -11.470 1.00 28.90 ? 111 ASP A OD2 1 
ATOM   670  N N   . LEU A 1 92  ? 14.720  -8.172  -8.799  1.00 27.07 ? 112 LEU A N   1 
ATOM   671  C CA  . LEU A 1 92  ? 15.933  -7.351  -8.523  1.00 27.80 ? 112 LEU A CA  1 
ATOM   672  C C   . LEU A 1 92  ? 16.938  -7.452  -9.680  1.00 27.77 ? 112 LEU A C   1 
ATOM   673  O O   . LEU A 1 92  ? 17.878  -6.627  -9.716  1.00 27.60 ? 112 LEU A O   1 
ATOM   674  C CB  . LEU A 1 92  ? 16.564  -7.816  -7.209  1.00 29.15 ? 112 LEU A CB  1 
ATOM   675  C CG  . LEU A 1 92  ? 15.754  -7.526  -5.948  1.00 30.44 ? 112 LEU A CG  1 
ATOM   676  C CD1 . LEU A 1 92  ? 16.373  -8.224  -4.745  1.00 31.40 ? 112 LEU A CD1 1 
ATOM   677  C CD2 . LEU A 1 92  ? 15.651  -6.026  -5.696  1.00 30.46 ? 112 LEU A CD2 1 
ATOM   678  N N   . THR A 1 93  ? 16.763  -8.410  -10.593 1.00 26.85 ? 113 THR A N   1 
ATOM   679  C CA  . THR A 1 93  ? 17.638  -8.578  -11.783 1.00 26.42 ? 113 THR A CA  1 
ATOM   680  C C   . THR A 1 93  ? 17.144  -7.640  -12.888 1.00 26.73 ? 113 THR A C   1 
ATOM   681  O O   . THR A 1 93  ? 17.946  -6.816  -13.369 1.00 26.08 ? 113 THR A O   1 
ATOM   682  C CB  . THR A 1 93  ? 17.707  -10.050 -12.214 1.00 26.50 ? 113 THR A CB  1 
ATOM   683  O OG1 . THR A 1 93  ? 18.196  -10.791 -11.095 1.00 24.40 ? 113 THR A OG1 1 
ATOM   684  C CG2 . THR A 1 93  ? 18.608  -10.290 -13.409 1.00 25.94 ? 113 THR A CG2 1 
ATOM   685  N N   . LYS A 1 94  ? 15.867  -7.760  -13.267 1.00 26.90 ? 114 LYS A N   1 
ATOM   686  C CA  . LYS A 1 94  ? 15.239  -6.942  -14.337 1.00 27.30 ? 114 LYS A CA  1 
ATOM   687  C C   . LYS A 1 94  ? 14.803  -5.579  -13.778 1.00 24.69 ? 114 LYS A C   1 
ATOM   688  O O   . LYS A 1 94  ? 14.496  -4.698  -14.597 1.00 22.90 ? 114 LYS A O   1 
ATOM   689  C CB  . LYS A 1 94  ? 14.076  -7.713  -14.963 1.00 29.44 ? 114 LYS A CB  1 
ATOM   690  C CG  . LYS A 1 94  ? 14.501  -8.994  -15.666 1.00 32.04 ? 114 LYS A CG  1 
ATOM   691  C CD  . LYS A 1 94  ? 13.424  -9.592  -16.533 1.00 34.20 ? 114 LYS A CD  1 
ATOM   692  C CE  . LYS A 1 94  ? 13.954  -10.677 -17.442 1.00 35.59 ? 114 LYS A CE  1 
ATOM   693  N NZ  . LYS A 1 94  ? 12.877  -11.247 -18.282 1.00 37.30 ? 114 LYS A NZ  1 
ATOM   694  N N   . LYS A 1 95  ? 14.807  -5.413  -12.450 1.00 23.79 ? 115 LYS A N   1 
ATOM   695  C CA  . LYS A 1 95  ? 14.454  -4.146  -11.744 1.00 25.34 ? 115 LYS A CA  1 
ATOM   696  C C   . LYS A 1 95  ? 13.018  -3.753  -12.124 1.00 22.57 ? 115 LYS A C   1 
ATOM   697  O O   . LYS A 1 95  ? 12.784  -2.620  -12.606 1.00 21.44 ? 115 LYS A O   1 
ATOM   698  C CB  . LYS A 1 95  ? 15.519  -3.082  -12.031 1.00 28.59 ? 115 LYS A CB  1 
ATOM   699  C CG  . LYS A 1 95  ? 16.893  -3.422  -11.467 1.00 31.02 ? 115 LYS A CG  1 
ATOM   700  C CD  . LYS A 1 95  ? 17.920  -2.323  -11.614 1.00 35.56 ? 115 LYS A CD  1 
ATOM   701  C CE  . LYS A 1 95  ? 19.107  -2.496  -10.685 1.00 38.18 ? 115 LYS A CE  1 
ATOM   702  N NZ  . LYS A 1 95  ? 18.761  -2.108  -9.296  1.00 41.49 ? 115 LYS A NZ  1 
ATOM   703  N N   . ILE A 1 96  ? 12.095  -4.691  -11.921 1.00 21.21 ? 116 ILE A N   1 
ATOM   704  C CA  . ILE A 1 96  ? 10.649  -4.559  -12.254 1.00 20.74 ? 116 ILE A CA  1 
ATOM   705  C C   . ILE A 1 96  ? 9.884   -4.333  -10.951 1.00 19.70 ? 116 ILE A C   1 
ATOM   706  O O   . ILE A 1 96  ? 9.908   -5.224  -10.083 1.00 18.51 ? 116 ILE A O   1 
ATOM   707  C CB  . ILE A 1 96  ? 10.150  -5.799  -13.021 1.00 21.29 ? 116 ILE A CB  1 
ATOM   708  C CG1 . ILE A 1 96  ? 10.904  -5.984  -14.343 1.00 21.86 ? 116 ILE A CG1 1 
ATOM   709  C CG2 . ILE A 1 96  ? 8.643   -5.746  -13.222 1.00 21.67 ? 116 ILE A CG2 1 
ATOM   710  C CD1 . ILE A 1 96  ? 10.656  -4.901  -15.370 1.00 22.09 ? 116 ILE A CD1 1 
ATOM   711  N N   . PHE A 1 97  ? 9.246   -3.167  -10.830 1.00 19.26 ? 117 PHE A N   1 
ATOM   712  C CA  . PHE A 1 97  ? 8.377   -2.772  -9.692  1.00 18.02 ? 117 PHE A CA  1 
ATOM   713  C C   . PHE A 1 97  ? 6.967   -3.353  -9.865  1.00 17.81 ? 117 PHE A C   1 
ATOM   714  O O   . PHE A 1 97  ? 6.270   -3.551  -8.851  1.00 17.79 ? 117 PHE A O   1 
ATOM   715  C CB  . PHE A 1 97  ? 8.302   -1.247  -9.597  1.00 17.42 ? 117 PHE A CB  1 
ATOM   716  C CG  . PHE A 1 97  ? 7.524   -0.727  -8.418  1.00 17.00 ? 117 PHE A CG  1 
ATOM   717  C CD1 . PHE A 1 97  ? 8.106   -0.677  -7.161  1.00 16.60 ? 117 PHE A CD1 1 
ATOM   718  C CD2 . PHE A 1 97  ? 6.220   -0.276  -8.565  1.00 16.54 ? 117 PHE A CD2 1 
ATOM   719  C CE1 . PHE A 1 97  ? 7.399   -0.183  -6.076  1.00 16.55 ? 117 PHE A CE1 1 
ATOM   720  C CE2 . PHE A 1 97  ? 5.518   0.226   -7.480  1.00 16.43 ? 117 PHE A CE2 1 
ATOM   721  C CZ  . PHE A 1 97  ? 6.105   0.257   -6.236  1.00 16.67 ? 117 PHE A CZ  1 
ATOM   722  N N   . ASP A 1 98  ? 6.554   -3.576  -11.115 1.00 18.41 ? 118 ASP A N   1 
ATOM   723  C CA  . ASP A 1 98  ? 5.177   -3.977  -11.505 1.00 19.07 ? 118 ASP A CA  1 
ATOM   724  C C   . ASP A 1 98  ? 4.192   -2.900  -11.026 1.00 18.45 ? 118 ASP A C   1 
ATOM   725  O O   . ASP A 1 98  ? 3.381   -3.185  -10.129 1.00 17.91 ? 118 ASP A O   1 
ATOM   726  C CB  . ASP A 1 98  ? 4.834   -5.370  -10.968 1.00 19.21 ? 118 ASP A CB  1 
ATOM   727  C CG  . ASP A 1 98  ? 3.514   -5.905  -11.487 1.00 19.61 ? 118 ASP A CG  1 
ATOM   728  O OD1 . ASP A 1 98  ? 3.042   -5.398  -12.521 1.00 20.40 ? 118 ASP A OD1 1 
ATOM   729  O OD2 . ASP A 1 98  ? 2.963   -6.808  -10.844 1.00 20.42 ? 118 ASP A OD2 1 
ATOM   730  N N   . PHE A 1 99  ? 4.270   -1.700  -11.604 1.00 18.29 ? 119 PHE A N   1 
ATOM   731  C CA  . PHE A 1 99  ? 3.536   -0.505  -11.115 1.00 18.15 ? 119 PHE A CA  1 
ATOM   732  C C   . PHE A 1 99  ? 2.035   -0.664  -11.395 1.00 18.12 ? 119 PHE A C   1 
ATOM   733  O O   . PHE A 1 99  ? 1.248   -0.097  -10.640 1.00 17.10 ? 119 PHE A O   1 
ATOM   734  C CB  . PHE A 1 99  ? 4.132   0.786   -11.686 1.00 18.59 ? 119 PHE A CB  1 
ATOM   735  C CG  . PHE A 1 99  ? 4.013   0.966   -13.178 1.00 18.80 ? 119 PHE A CG  1 
ATOM   736  C CD1 . PHE A 1 99  ? 2.829   1.403   -13.753 1.00 18.81 ? 119 PHE A CD1 1 
ATOM   737  C CD2 . PHE A 1 99  ? 5.097   0.724   -14.007 1.00 18.64 ? 119 PHE A CD2 1 
ATOM   738  C CE1 . PHE A 1 99  ? 2.728   1.586   -15.125 1.00 19.11 ? 119 PHE A CE1 1 
ATOM   739  C CE2 . PHE A 1 99  ? 4.995   0.903   -15.380 1.00 19.28 ? 119 PHE A CE2 1 
ATOM   740  C CZ  . PHE A 1 99  ? 3.810   1.333   -15.937 1.00 19.25 ? 119 PHE A CZ  1 
ATOM   741  N N   . ASN A 1 100 ? 1.652   -1.419  -12.431 1.00 18.75 ? 120 ASN A N   1 
ATOM   742  C CA  . ASN A 1 100 ? 0.223   -1.649  -12.786 1.00 19.54 ? 120 ASN A CA  1 
ATOM   743  C C   . ASN A 1 100 ? -0.300  -2.915  -12.094 1.00 18.16 ? 120 ASN A C   1 
ATOM   744  O O   . ASN A 1 100 ? -1.522  -3.122  -12.113 1.00 17.93 ? 120 ASN A O   1 
ATOM   745  C CB  . ASN A 1 100 ? 0.012   -1.685  -14.302 1.00 21.97 ? 120 ASN A CB  1 
ATOM   746  C CG  . ASN A 1 100 ? -0.137  -0.297  -14.885 1.00 25.11 ? 120 ASN A CG  1 
ATOM   747  O OD1 . ASN A 1 100 ? -0.468  0.649   -14.168 1.00 29.96 ? 120 ASN A OD1 1 
ATOM   748  N ND2 . ASN A 1 100 ? 0.102   -0.161  -16.180 1.00 27.33 ? 120 ASN A ND2 1 
ATOM   749  N N   . GLY A 1 101 ? 0.578   -3.723  -11.496 1.00 17.71 ? 121 GLY A N   1 
ATOM   750  C CA  . GLY A 1 101 ? 0.159   -4.860  -10.655 1.00 17.44 ? 121 GLY A CA  1 
ATOM   751  C C   . GLY A 1 101 ? -0.712  -4.379  -9.510  1.00 17.18 ? 121 GLY A C   1 
ATOM   752  O O   . GLY A 1 101 ? -0.460  -3.274  -8.993  1.00 16.07 ? 121 GLY A O   1 
ATOM   753  N N   . LYS A 1 102 ? -1.700  -5.174  -9.118  1.00 17.30 ? 122 LYS A N   1 
ATOM   754  C CA  . LYS A 1 102 ? -2.593  -4.851  -7.976  1.00 17.67 ? 122 LYS A CA  1 
ATOM   755  C C   . LYS A 1 102 ? -1.840  -5.164  -6.680  1.00 16.91 ? 122 LYS A C   1 
ATOM   756  O O   . LYS A 1 102 ? -1.160  -6.207  -6.639  1.00 15.85 ? 122 LYS A O   1 
ATOM   757  C CB  . LYS A 1 102 ? -3.907  -5.623  -8.120  1.00 20.07 ? 122 LYS A CB  1 
ATOM   758  C CG  . LYS A 1 102 ? -4.660  -5.357  -9.417  1.00 21.35 ? 122 LYS A CG  1 
ATOM   759  C CD  . LYS A 1 102 ? -4.867  -3.877  -9.698  1.00 23.31 ? 122 LYS A CD  1 
ATOM   760  C CE  . LYS A 1 102 ? -5.460  -3.597  -11.063 1.00 25.05 ? 122 LYS A CE  1 
ATOM   761  N NZ  . LYS A 1 102 ? -6.902  -3.911  -11.098 1.00 27.72 ? 122 LYS A NZ  1 
ATOM   762  N N   . ILE A 1 103 ? -1.919  -4.267  -5.684  1.00 15.67 ? 123 ILE A N   1 
ATOM   763  C CA  . ILE A 1 103 ? -1.265  -4.448  -4.353  1.00 15.06 ? 123 ILE A CA  1 
ATOM   764  C C   . ILE A 1 103 ? -1.996  -5.575  -3.618  1.00 14.65 ? 123 ILE A C   1 
ATOM   765  O O   . ILE A 1 103 ? -3.234  -5.547  -3.556  1.00 14.48 ? 123 ILE A O   1 
ATOM   766  C CB  . ILE A 1 103 ? -1.219  -3.143  -3.525  1.00 15.48 ? 123 ILE A CB  1 
ATOM   767  C CG1 . ILE A 1 103 ? -0.310  -3.287  -2.295  1.00 15.77 ? 123 ILE A CG1 1 
ATOM   768  C CG2 . ILE A 1 103 ? -2.609  -2.669  -3.126  1.00 14.84 ? 123 ILE A CG2 1 
ATOM   769  C CD1 . ILE A 1 103 ? 1.143   -3.018  -2.557  1.00 16.21 ? 123 ILE A CD1 1 
ATOM   770  N N   . THR A 1 104 ? -1.250  -6.539  -3.088  1.00 14.38 ? 124 THR A N   1 
ATOM   771  C CA  . THR A 1 104 ? -1.817  -7.655  -2.297  1.00 14.68 ? 124 THR A CA  1 
ATOM   772  C C   . THR A 1 104 ? -1.842  -7.270  -0.814  1.00 14.14 ? 124 THR A C   1 
ATOM   773  O O   . THR A 1 104 ? -1.138  -6.333  -0.406  1.00 14.10 ? 124 THR A O   1 
ATOM   774  C CB  . THR A 1 104 ? -1.060  -8.962  -2.550  1.00 14.73 ? 124 THR A CB  1 
ATOM   775  O OG1 . THR A 1 104 ? 0.261   -8.796  -2.036  1.00 14.20 ? 124 THR A OG1 1 
ATOM   776  C CG2 . THR A 1 104 ? -1.027  -9.323  -4.020  1.00 15.30 ? 124 THR A CG2 1 
ATOM   777  N N   . VAL A 1 105 ? -2.635  -7.993  -0.037  1.00 14.24 ? 125 VAL A N   1 
ATOM   778  C CA  . VAL A 1 105 ? -2.775  -7.769  1.428   1.00 14.06 ? 125 VAL A CA  1 
ATOM   779  C C   . VAL A 1 105 ? -1.392  -7.906  2.076   1.00 13.74 ? 125 VAL A C   1 
ATOM   780  O O   . VAL A 1 105 ? -1.046  -7.045  2.899   1.00 13.58 ? 125 VAL A O   1 
ATOM   781  C CB  . VAL A 1 105 ? -3.812  -8.733  2.030   1.00 14.32 ? 125 VAL A CB  1 
ATOM   782  C CG1 . VAL A 1 105 ? -3.805  -8.689  3.550   1.00 13.94 ? 125 VAL A CG1 1 
ATOM   783  C CG2 . VAL A 1 105 ? -5.211  -8.469  1.477   1.00 14.45 ? 125 VAL A CG2 1 
ATOM   784  N N   . GLU A 1 106 ? -0.603  -8.921  1.703   1.00 13.77 ? 126 GLU A N   1 
ATOM   785  C CA  . GLU A 1 106 ? 0.729   -9.145  2.334   1.00 13.94 ? 126 GLU A CA  1 
ATOM   786  C C   . GLU A 1 106 ? 1.717   -8.049  1.900   1.00 14.01 ? 126 GLU A C   1 
ATOM   787  O O   . GLU A 1 106 ? 2.529   -7.633  2.743   1.00 13.49 ? 126 GLU A O   1 
ATOM   788  C CB  . GLU A 1 106 ? 1.250   -10.553 2.060   1.00 14.22 ? 126 GLU A CB  1 
ATOM   789  C CG  . GLU A 1 106 ? 1.684   -10.823 0.631   1.00 14.38 ? 126 GLU A CG  1 
ATOM   790  C CD  . GLU A 1 106 ? 1.941   -12.297 0.389   1.00 14.52 ? 126 GLU A CD  1 
ATOM   791  O OE1 . GLU A 1 106 ? 1.726   -13.086 1.337   1.00 15.08 ? 126 GLU A OE1 1 
ATOM   792  O OE2 . GLU A 1 106 ? 2.355   -12.657 -0.739  1.00 14.34 ? 126 GLU A OE2 1 
ATOM   793  N N   . GLU A 1 107 ? 1.637   -7.567  0.656   1.00 14.10 ? 127 GLU A N   1 
ATOM   794  C CA  . GLU A 1 107 ? 2.481   -6.431  0.187   1.00 14.48 ? 127 GLU A CA  1 
ATOM   795  C C   . GLU A 1 107 ? 2.148   -5.175  1.003   1.00 14.17 ? 127 GLU A C   1 
ATOM   796  O O   . GLU A 1 107 ? 3.091   -4.539  1.522   1.00 14.02 ? 127 GLU A O   1 
ATOM   797  C CB  . GLU A 1 107 ? 2.278   -6.190  -1.307  1.00 15.01 ? 127 GLU A CB  1 
ATOM   798  C CG  . GLU A 1 107 ? 3.014   -7.197  -2.170  1.00 14.96 ? 127 GLU A CG  1 
ATOM   799  C CD  . GLU A 1 107 ? 2.697   -7.089  -3.648  1.00 15.26 ? 127 GLU A CD  1 
ATOM   800  O OE1 . GLU A 1 107 ? 1.852   -6.255  -4.003  1.00 15.79 ? 127 GLU A OE1 1 
ATOM   801  O OE2 . GLU A 1 107 ? 3.300   -7.842  -4.436  1.00 15.39 ? 127 GLU A OE2 1 
ATOM   802  N N   . ALA A 1 108 ? 0.863   -4.830  1.103   1.00 14.62 ? 128 ALA A N   1 
ATOM   803  C CA  . ALA A 1 108 ? 0.363   -3.677  1.893   1.00 14.76 ? 128 ALA A CA  1 
ATOM   804  C C   . ALA A 1 108 ? 0.821   -3.821  3.351   1.00 14.86 ? 128 ALA A C   1 
ATOM   805  O O   . ALA A 1 108 ? 1.225   -2.800  3.951   1.00 14.41 ? 128 ALA A O   1 
ATOM   806  C CB  . ALA A 1 108 ? -1.140  -3.569  1.783   1.00 14.74 ? 128 ALA A CB  1 
ATOM   807  N N   . SER A 1 109 ? 0.789   -5.046  3.892   1.00 14.62 ? 129 SER A N   1 
ATOM   808  C CA  . SER A 1 109 ? 1.225   -5.358  5.279   1.00 14.81 ? 129 SER A CA  1 
ATOM   809  C C   . SER A 1 109 ? 2.694   -4.958  5.453   1.00 15.38 ? 129 SER A C   1 
ATOM   810  O O   . SER A 1 109 ? 2.998   -4.244  6.425   1.00 14.88 ? 129 SER A O   1 
ATOM   811  C CB  . SER A 1 109 ? 1.001   -6.806  5.629   1.00 14.57 ? 129 SER A CB  1 
ATOM   812  O OG  . SER A 1 109 ? -0.385  -7.120  5.638   1.00 14.04 ? 129 SER A OG  1 
ATOM   813  N N   . LYS A 1 110 ? 3.572   -5.384  4.537   1.00 16.25 ? 130 LYS A N   1 
ATOM   814  C CA  . LYS A 1 110 ? 5.021   -5.057  4.606   1.00 16.98 ? 130 LYS A CA  1 
ATOM   815  C C   . LYS A 1 110 ? 5.193   -3.535  4.680   1.00 16.25 ? 130 LYS A C   1 
ATOM   816  O O   . LYS A 1 110 ? 5.958   -3.080  5.549   1.00 16.10 ? 130 LYS A O   1 
ATOM   817  C CB  . LYS A 1 110 ? 5.808   -5.612  3.415   1.00 18.16 ? 130 LYS A CB  1 
ATOM   818  C CG  . LYS A 1 110 ? 7.257   -5.145  3.355   1.00 19.24 ? 130 LYS A CG  1 
ATOM   819  C CD  . LYS A 1 110 ? 8.024   -5.612  2.139   1.00 20.87 ? 130 LYS A CD  1 
ATOM   820  C CE  . LYS A 1 110 ? 9.140   -4.660  1.754   1.00 21.84 ? 130 LYS A CE  1 
ATOM   821  N NZ  . LYS A 1 110 ? 9.755   -5.026  0.460   1.00 22.35 ? 130 LYS A NZ  1 
ATOM   822  N N   . THR A 1 111 ? 4.527   -2.781  3.795   1.00 15.93 ? 131 THR A N   1 
ATOM   823  C CA  . THR A 1 111 ? 4.716   -1.310  3.666   1.00 15.74 ? 131 THR A CA  1 
ATOM   824  C C   . THR A 1 111 ? 4.321   -0.635  4.987   1.00 15.66 ? 131 THR A C   1 
ATOM   825  O O   . THR A 1 111 ? 5.089   0.241   5.459   1.00 16.39 ? 131 THR A O   1 
ATOM   826  C CB  . THR A 1 111 ? 3.952   -0.693  2.481   1.00 15.82 ? 131 THR A CB  1 
ATOM   827  O OG1 . THR A 1 111 ? 2.549   -0.668  2.761   1.00 15.70 ? 131 THR A OG1 1 
ATOM   828  C CG2 . THR A 1 111 ? 4.210   -1.407  1.171   1.00 15.94 ? 131 THR A CG2 1 
ATOM   829  N N   . LEU A 1 112 ? 3.193   -1.036  5.576   1.00 15.20 ? 132 LEU A N   1 
ATOM   830  C CA  . LEU A 1 112 ? 2.637   -0.359  6.778   1.00 15.49 ? 132 LEU A CA  1 
ATOM   831  C C   . LEU A 1 112 ? 3.424   -0.780  8.016   1.00 16.01 ? 132 LEU A C   1 
ATOM   832  O O   . LEU A 1 112 ? 3.727   0.105   8.835   1.00 16.06 ? 132 LEU A O   1 
ATOM   833  C CB  . LEU A 1 112 ? 1.151   -0.682  6.918   1.00 15.54 ? 132 LEU A CB  1 
ATOM   834  C CG  . LEU A 1 112 ? 0.275   -0.119  5.802   1.00 15.55 ? 132 LEU A CG  1 
ATOM   835  C CD1 . LEU A 1 112 ? -1.146  -0.624  5.940   1.00 15.38 ? 132 LEU A CD1 1 
ATOM   836  C CD2 . LEU A 1 112 ? 0.314   1.404   5.798   1.00 16.38 ? 132 LEU A CD2 1 
ATOM   837  N N   . VAL A 1 113 ? 3.738   -2.072  8.142   1.00 16.35 ? 133 VAL A N   1 
ATOM   838  C CA  . VAL A 1 113 ? 4.588   -2.610  9.245   1.00 16.96 ? 133 VAL A CA  1 
ATOM   839  C C   . VAL A 1 113 ? 5.939   -1.885  9.224   1.00 17.88 ? 133 VAL A C   1 
ATOM   840  O O   . VAL A 1 113 ? 6.390   -1.461  10.307  1.00 18.91 ? 133 VAL A O   1 
ATOM   841  C CB  . VAL A 1 113 ? 4.718   -4.141  9.141   1.00 17.14 ? 133 VAL A CB  1 
ATOM   842  C CG1 . VAL A 1 113 ? 5.915   -4.692  9.901   1.00 17.76 ? 133 VAL A CG1 1 
ATOM   843  C CG2 . VAL A 1 113 ? 3.432   -4.798  9.608   1.00 17.35 ? 133 VAL A CG2 1 
ATOM   844  N N   . THR A 1 114 ? 6.547   -1.719  8.047   1.00 18.20 ? 134 THR A N   1 
ATOM   845  C CA  . THR A 1 114 ? 7.848   -1.017  7.877   1.00 18.85 ? 134 THR A CA  1 
ATOM   846  C C   . THR A 1 114 ? 7.670   0.454   8.275   1.00 19.55 ? 134 THR A C   1 
ATOM   847  O O   . THR A 1 114 ? 8.457   0.932   9.120   1.00 20.10 ? 134 THR A O   1 
ATOM   848  C CB  . THR A 1 114 ? 8.398   -1.197  6.457   1.00 18.60 ? 134 THR A CB  1 
ATOM   849  O OG1 . THR A 1 114 ? 8.518   -2.602  6.214   1.00 18.88 ? 134 THR A OG1 1 
ATOM   850  C CG2 . THR A 1 114 ? 9.741   -0.529  6.257   1.00 18.69 ? 134 THR A CG2 1 
ATOM   851  N N   . ALA A 1 115 ? 6.661   1.134   7.720   1.00 19.60 ? 135 ALA A N   1 
ATOM   852  C CA  . ALA A 1 115 ? 6.369   2.564   7.983   1.00 20.85 ? 135 ALA A CA  1 
ATOM   853  C C   . ALA A 1 115 ? 6.164   2.797   9.485   1.00 21.29 ? 135 ALA A C   1 
ATOM   854  O O   . ALA A 1 115 ? 6.695   3.795   10.009  1.00 21.96 ? 135 ALA A O   1 
ATOM   855  C CB  . ALA A 1 115 ? 5.166   3.011   7.196   1.00 20.35 ? 135 ALA A CB  1 
ATOM   856  N N   . LEU A 1 116 ? 5.432   1.905   10.157  1.00 21.70 ? 136 LEU A N   1 
ATOM   857  C CA  . LEU A 1 116 ? 5.059   2.061   11.588  1.00 22.48 ? 136 LEU A CA  1 
ATOM   858  C C   . LEU A 1 116 ? 6.166   1.532   12.507  1.00 23.91 ? 136 LEU A C   1 
ATOM   859  O O   . LEU A 1 116 ? 5.974   1.609   13.742  1.00 24.61 ? 136 LEU A O   1 
ATOM   860  C CB  . LEU A 1 116 ? 3.741   1.324   11.831  1.00 22.79 ? 136 LEU A CB  1 
ATOM   861  C CG  . LEU A 1 116 ? 2.523   1.934   11.144  1.00 23.12 ? 136 LEU A CG  1 
ATOM   862  C CD1 . LEU A 1 116 ? 1.319   1.021   11.282  1.00 23.50 ? 136 LEU A CD1 1 
ATOM   863  C CD2 . LEU A 1 116 ? 2.214   3.319   11.703  1.00 23.71 ? 136 LEU A CD2 1 
ATOM   864  N N   . LYS A 1 117 ? 7.249   0.991   11.939  1.00 24.67 ? 137 LYS A N   1 
ATOM   865  C CA  . LYS A 1 117 ? 8.402   0.410   12.679  1.00 28.05 ? 137 LYS A CA  1 
ATOM   866  C C   . LYS A 1 117 ? 7.914   -0.717  13.602  1.00 28.07 ? 137 LYS A C   1 
ATOM   867  O O   . LYS A 1 117 ? 8.502   -0.884  14.687  1.00 27.70 ? 137 LYS A O   1 
ATOM   868  C CB  . LYS A 1 117 ? 9.118   1.492   13.495  1.00 29.95 ? 137 LYS A CB  1 
ATOM   869  C CG  . LYS A 1 117 ? 9.435   2.782   12.748  1.00 31.27 ? 137 LYS A CG  1 
ATOM   870  C CD  . LYS A 1 117 ? 10.016  3.853   13.650  1.00 33.33 ? 137 LYS A CD  1 
ATOM   871  C CE  . LYS A 1 117 ? 10.088  5.221   13.003  1.00 33.86 ? 137 LYS A CE  1 
ATOM   872  N NZ  . LYS A 1 117 ? 10.895  6.165   13.818  1.00 32.21 ? 137 LYS A NZ  1 
ATOM   873  N N   . LEU A 1 118 ? 6.876   -1.456  13.196  1.00 27.15 ? 138 LEU A N   1 
ATOM   874  C CA  . LEU A 1 118 ? 6.430   -2.693  13.887  1.00 26.55 ? 138 LEU A CA  1 
ATOM   875  C C   . LEU A 1 118 ? 7.401   -3.824  13.537  1.00 27.24 ? 138 LEU A C   1 
ATOM   876  O O   . LEU A 1 118 ? 7.876   -3.873  12.382  1.00 25.34 ? 138 LEU A O   1 
ATOM   877  C CB  . LEU A 1 118 ? 4.999   -3.036  13.465  1.00 27.51 ? 138 LEU A CB  1 
ATOM   878  C CG  . LEU A 1 118 ? 3.918   -2.043  13.891  1.00 27.46 ? 138 LEU A CG  1 
ATOM   879  C CD1 . LEU A 1 118 ? 2.629   -2.301  13.132  1.00 27.77 ? 138 LEU A CD1 1 
ATOM   880  C CD2 . LEU A 1 118 ? 3.674   -2.112  15.391  1.00 28.32 ? 138 LEU A CD2 1 
ATOM   881  N N   . GLU A 1 119 ? 7.708   -4.692  14.507  1.00 28.34 ? 139 GLU A N   1 
ATOM   882  C CA  . GLU A 1 119 ? 8.645   -5.828  14.318  1.00 29.49 ? 139 GLU A CA  1 
ATOM   883  C C   . GLU A 1 119 ? 7.911   -6.946  13.588  1.00 26.56 ? 139 GLU A C   1 
ATOM   884  O O   . GLU A 1 119 ? 6.824   -7.333  14.002  1.00 24.98 ? 139 GLU A O   1 
ATOM   885  C CB  . GLU A 1 119 ? 9.177   -6.343  15.658  1.00 33.35 ? 139 GLU A CB  1 
ATOM   886  C CG  . GLU A 1 119 ? 10.263  -5.469  16.259  1.00 37.33 ? 139 GLU A CG  1 
ATOM   887  C CD  . GLU A 1 119 ? 10.912  -6.063  17.498  1.00 41.32 ? 139 GLU A CD  1 
ATOM   888  O OE1 . GLU A 1 119 ? 11.341  -7.236  17.432  1.00 44.26 ? 139 GLU A OE1 1 
ATOM   889  O OE2 . GLU A 1 119 ? 10.975  -5.360  18.531  1.00 45.40 ? 139 GLU A OE2 1 
ATOM   890  N N   . PRO A 1 120 ? 8.474   -7.507  12.495  1.00 26.35 ? 140 PRO A N   1 
ATOM   891  C CA  . PRO A 1 120 ? 7.900   -8.703  11.881  1.00 26.53 ? 140 PRO A CA  1 
ATOM   892  C C   . PRO A 1 120 ? 7.907   -9.845  12.908  1.00 25.24 ? 140 PRO A C   1 
ATOM   893  O O   . PRO A 1 120 ? 8.877   -9.971  13.630  1.00 25.61 ? 140 PRO A O   1 
ATOM   894  C CB  . PRO A 1 120 ? 8.803   -8.995  10.675  1.00 26.89 ? 140 PRO A CB  1 
ATOM   895  C CG  . PRO A 1 120 ? 9.542   -7.683  10.425  1.00 27.76 ? 140 PRO A CG  1 
ATOM   896  C CD  . PRO A 1 120 ? 9.673   -7.033  11.786  1.00 27.15 ? 140 PRO A CD  1 
ATOM   897  N N   . VAL A 1 121 ? 6.830   -10.631 12.957  1.00 24.39 ? 141 VAL A N   1 
ATOM   898  C CA  . VAL A 1 121 ? 6.587   -11.638 14.033  1.00 23.81 ? 141 VAL A CA  1 
ATOM   899  C C   . VAL A 1 121 ? 7.471   -12.864 13.780  1.00 23.60 ? 141 VAL A C   1 
ATOM   900  O O   . VAL A 1 121 ? 7.341   -13.473 12.712  1.00 23.76 ? 141 VAL A O   1 
ATOM   901  C CB  . VAL A 1 121 ? 5.097   -12.022 14.127  1.00 23.94 ? 141 VAL A CB  1 
ATOM   902  C CG1 . VAL A 1 121 ? 4.863   -13.119 15.157  1.00 24.53 ? 141 VAL A CG1 1 
ATOM   903  C CG2 . VAL A 1 121 ? 4.224   -10.810 14.428  1.00 23.38 ? 141 VAL A CG2 1 
ATOM   904  N N   . LYS A 1 122 ? 8.307   -13.224 14.756  1.00 25.34 ? 142 LYS A N   1 
ATOM   905  C CA  . LYS A 1 122 ? 9.131   -14.463 14.745  1.00 26.33 ? 142 LYS A CA  1 
ATOM   906  C C   . LYS A 1 122 ? 8.199   -15.670 14.866  1.00 24.11 ? 142 LYS A C   1 
ATOM   907  O O   . LYS A 1 122 ? 7.208   -15.571 15.613  1.00 21.98 ? 142 LYS A O   1 
ATOM   908  C CB  . LYS A 1 122 ? 10.142  -14.455 15.896  1.00 29.38 ? 142 LYS A CB  1 
ATOM   909  C CG  . LYS A 1 122 ? 11.128  -13.294 15.903  1.00 33.13 ? 142 LYS A CG  1 
ATOM   910  C CD  . LYS A 1 122 ? 11.847  -13.085 14.584  1.00 35.69 ? 142 LYS A CD  1 
ATOM   911  C CE  . LYS A 1 122 ? 12.626  -11.787 14.525  1.00 38.07 ? 142 LYS A CE  1 
ATOM   912  N NZ  . LYS A 1 122 ? 13.935  -11.903 15.205  1.00 40.40 ? 142 LYS A NZ  1 
ATOM   913  N N   . ASP A 1 123 ? 8.514   -16.756 14.154  1.00 23.88 ? 143 ASP A N   1 
ATOM   914  C CA  . ASP A 1 123 ? 7.730   -18.020 14.142  1.00 23.88 ? 143 ASP A CA  1 
ATOM   915  C C   . ASP A 1 123 ? 6.316   -17.739 13.615  1.00 22.51 ? 143 ASP A C   1 
ATOM   916  O O   . ASP A 1 123 ? 5.373   -18.414 14.076  1.00 21.18 ? 143 ASP A O   1 
ATOM   917  C CB  . ASP A 1 123 ? 7.666   -18.650 15.539  1.00 24.54 ? 143 ASP A CB  1 
ATOM   918  C CG  . ASP A 1 123 ? 9.010   -19.050 16.130  1.00 26.04 ? 143 ASP A CG  1 
ATOM   919  O OD1 . ASP A 1 123 ? 9.964   -19.212 15.359  1.00 25.91 ? 143 ASP A OD1 1 
ATOM   920  O OD2 . ASP A 1 123 ? 9.084   -19.197 17.366  1.00 26.92 ? 143 ASP A OD2 1 
ATOM   921  N N   . ALA A 1 124 ? 6.168   -16.758 12.716  1.00 21.54 ? 144 ALA A N   1 
ATOM   922  C CA  . ALA A 1 124 ? 4.890   -16.414 12.055  1.00 21.20 ? 144 ALA A CA  1 
ATOM   923  C C   . ALA A 1 124 ? 4.353   -17.685 11.406  1.00 20.92 ? 144 ALA A C   1 
ATOM   924  O O   . ALA A 1 124 ? 5.152   -18.414 10.796  1.00 21.26 ? 144 ALA A O   1 
ATOM   925  C CB  . ALA A 1 124 ? 5.085   -15.323 11.026  1.00 21.32 ? 144 ALA A CB  1 
ATOM   926  N N   . GLN A 1 125 ? 3.066   -17.966 11.575  1.00 20.24 ? 145 GLN A N   1 
ATOM   927  C CA  . GLN A 1 125 ? 2.422   -19.151 10.962  1.00 20.55 ? 145 GLN A CA  1 
ATOM   928  C C   . GLN A 1 125 ? 1.082   -18.706 10.388  1.00 20.10 ? 145 GLN A C   1 
ATOM   929  O O   . GLN A 1 125 ? 0.171   -18.380 11.176  1.00 20.00 ? 145 GLN A O   1 
ATOM   930  C CB  . GLN A 1 125 ? 2.292   -20.274 11.991  1.00 21.37 ? 145 GLN A CB  1 
ATOM   931  C CG  . GLN A 1 125 ? 1.581   -21.506 11.456  1.00 21.91 ? 145 GLN A CG  1 
ATOM   932  C CD  . GLN A 1 125 ? 1.370   -22.505 12.562  1.00 22.30 ? 145 GLN A CD  1 
ATOM   933  O OE1 . GLN A 1 125 ? 2.326   -23.008 13.149  1.00 21.64 ? 145 GLN A OE1 1 
ATOM   934  N NE2 . GLN A 1 125 ? 0.109   -22.775 12.866  1.00 23.23 ? 145 GLN A NE2 1 
ATOM   935  N N   . ASN A 1 126 ? 0.983   -18.666 9.059   1.00 18.91 ? 146 ASN A N   1 
ATOM   936  C CA  . ASN A 1 126 ? -0.176  -18.054 8.370   1.00 18.97 ? 146 ASN A CA  1 
ATOM   937  C C   . ASN A 1 126 ? -0.113  -18.413 6.883   1.00 18.86 ? 146 ASN A C   1 
ATOM   938  O O   . ASN A 1 126 ? 0.800   -19.167 6.487   1.00 18.37 ? 146 ASN A O   1 
ATOM   939  C CB  . ASN A 1 126 ? -0.219  -16.547 8.654   1.00 18.36 ? 146 ASN A CB  1 
ATOM   940  C CG  . ASN A 1 126 ? 1.028   -15.813 8.222   1.00 18.22 ? 146 ASN A CG  1 
ATOM   941  O OD1 . ASN A 1 126 ? 1.511   -16.008 7.108   1.00 17.74 ? 146 ASN A OD1 1 
ATOM   942  N ND2 . ASN A 1 126 ? 1.563   -14.981 9.103   1.00 16.95 ? 146 ASN A ND2 1 
ATOM   943  N N   . LYS A 1 127 ? -1.058  -17.892 6.106   1.00 19.18 ? 147 LYS A N   1 
ATOM   944  C CA  . LYS A 1 127 ? -1.242  -18.224 4.671   1.00 19.77 ? 147 LYS A CA  1 
ATOM   945  C C   . LYS A 1 127 ? -0.265  -17.433 3.791   1.00 18.72 ? 147 LYS A C   1 
ATOM   946  O O   . LYS A 1 127 ? -0.289  -17.658 2.582   1.00 18.43 ? 147 LYS A O   1 
ATOM   947  C CB  . LYS A 1 127 ? -2.678  -17.914 4.240   1.00 21.01 ? 147 LYS A CB  1 
ATOM   948  C CG  . LYS A 1 127 ? -3.772  -18.652 4.997   1.00 22.91 ? 147 LYS A CG  1 
ATOM   949  C CD  . LYS A 1 127 ? -5.153  -18.192 4.574   1.00 24.31 ? 147 LYS A CD  1 
ATOM   950  C CE  . LYS A 1 127 ? -6.258  -18.796 5.409   1.00 25.60 ? 147 LYS A CE  1 
ATOM   951  N NZ  . LYS A 1 127 ? -6.192  -18.311 6.804   1.00 26.26 ? 147 LYS A NZ  1 
ATOM   952  N N   . ALA A 1 128 ? 0.550   -16.532 4.349   1.00 18.51 ? 148 ALA A N   1 
ATOM   953  C CA  . ALA A 1 128 ? 1.339   -15.565 3.547   1.00 17.73 ? 148 ALA A CA  1 
ATOM   954  C C   . ALA A 1 128 ? 2.453   -16.289 2.777   1.00 18.37 ? 148 ALA A C   1 
ATOM   955  O O   . ALA A 1 128 ? 2.951   -17.325 3.260   1.00 16.76 ? 148 ALA A O   1 
ATOM   956  C CB  . ALA A 1 128 ? 1.897   -14.472 4.428   1.00 17.80 ? 148 ALA A CB  1 
ATOM   957  N N   . THR A 1 129 ? 2.844   -15.744 1.620   1.00 18.53 ? 149 THR A N   1 
ATOM   958  C CA  . THR A 1 129 ? 4.101   -16.103 0.915   1.00 18.49 ? 149 THR A CA  1 
ATOM   959  C C   . THR A 1 129 ? 5.240   -16.051 1.941   1.00 19.49 ? 149 THR A C   1 
ATOM   960  O O   . THR A 1 129 ? 5.183   -15.193 2.840   1.00 18.80 ? 149 THR A O   1 
ATOM   961  C CB  . THR A 1 129 ? 4.340   -15.173 -0.283  1.00 18.08 ? 149 THR A CB  1 
ATOM   962  O OG1 . THR A 1 129 ? 3.110   -15.109 -1.003  1.00 17.04 ? 149 THR A OG1 1 
ATOM   963  C CG2 . THR A 1 129 ? 5.466   -15.638 -1.181  1.00 18.43 ? 149 THR A CG2 1 
ATOM   964  N N   . ASP A 1 130 ? 6.233   -16.935 1.820   1.00 20.52 ? 150 ASP A N   1 
ATOM   965  C CA  . ASP A 1 130 ? 7.316   -17.108 2.828   1.00 21.43 ? 150 ASP A CA  1 
ATOM   966  C C   . ASP A 1 130 ? 7.914   -15.751 3.220   1.00 20.93 ? 150 ASP A C   1 
ATOM   967  O O   . ASP A 1 130 ? 8.064   -15.508 4.434   1.00 19.54 ? 150 ASP A O   1 
ATOM   968  C CB  . ASP A 1 130 ? 8.399   -18.075 2.336   1.00 23.64 ? 150 ASP A CB  1 
ATOM   969  C CG  . ASP A 1 130 ? 7.957   -19.528 2.335   1.00 26.00 ? 150 ASP A CG  1 
ATOM   970  O OD1 . ASP A 1 130 ? 7.079   -19.867 3.153   1.00 26.36 ? 150 ASP A OD1 1 
ATOM   971  O OD2 . ASP A 1 130 ? 8.493   -20.318 1.507   1.00 28.94 ? 150 ASP A OD2 1 
ATOM   972  N N   . TRP A 1 131 ? 8.247   -14.895 2.250   1.00 20.33 ? 151 TRP A N   1 
ATOM   973  C CA  . TRP A 1 131 ? 8.946   -13.607 2.515   1.00 20.18 ? 151 TRP A CA  1 
ATOM   974  C C   . TRP A 1 131 ? 8.081   -12.700 3.404   1.00 19.30 ? 151 TRP A C   1 
ATOM   975  O O   . TRP A 1 131 ? 8.655   -11.884 4.156   1.00 18.55 ? 151 TRP A O   1 
ATOM   976  C CB  . TRP A 1 131 ? 9.350   -12.921 1.204   1.00 20.25 ? 151 TRP A CB  1 
ATOM   977  C CG  . TRP A 1 131 ? 8.198   -12.418 0.391   1.00 19.83 ? 151 TRP A CG  1 
ATOM   978  C CD1 . TRP A 1 131 ? 7.642   -13.018 -0.698  1.00 19.93 ? 151 TRP A CD1 1 
ATOM   979  C CD2 . TRP A 1 131 ? 7.460   -11.200 0.600   1.00 19.80 ? 151 TRP A CD2 1 
ATOM   980  N NE1 . TRP A 1 131 ? 6.607   -12.267 -1.179  1.00 19.88 ? 151 TRP A NE1 1 
ATOM   981  C CE2 . TRP A 1 131 ? 6.471   -11.144 -0.403  1.00 19.93 ? 151 TRP A CE2 1 
ATOM   982  C CE3 . TRP A 1 131 ? 7.528   -10.164 1.539   1.00 20.25 ? 151 TRP A CE3 1 
ATOM   983  C CZ2 . TRP A 1 131 ? 5.566   -10.086 -0.499  1.00 19.98 ? 151 TRP A CZ2 1 
ATOM   984  C CZ3 . TRP A 1 131 ? 6.627   -9.125  1.452   1.00 20.04 ? 151 TRP A CZ3 1 
ATOM   985  C CH2 . TRP A 1 131 ? 5.664   -9.086  0.442   1.00 20.35 ? 151 TRP A CH2 1 
ATOM   986  N N   . ALA A 1 132 ? 6.757   -12.863 3.355   1.00 18.35 ? 152 ALA A N   1 
ATOM   987  C CA  . ALA A 1 132 ? 5.775   -11.911 3.929   1.00 18.27 ? 152 ALA A CA  1 
ATOM   988  C C   . ALA A 1 132 ? 5.172   -12.412 5.255   1.00 17.39 ? 152 ALA A C   1 
ATOM   989  O O   . ALA A 1 132 ? 4.429   -11.635 5.881   1.00 16.38 ? 152 ALA A O   1 
ATOM   990  C CB  . ALA A 1 132 ? 4.693   -11.663 2.908   1.00 18.48 ? 152 ALA A CB  1 
ATOM   991  N N   . LYS A 1 133 ? 5.441   -13.646 5.690   1.00 16.75 ? 153 LYS A N   1 
ATOM   992  C CA  . LYS A 1 133 ? 4.724   -14.234 6.857   1.00 16.48 ? 153 LYS A CA  1 
ATOM   993  C C   . LYS A 1 133 ? 4.866   -13.324 8.085   1.00 16.14 ? 153 LYS A C   1 
ATOM   994  O O   . LYS A 1 133 ? 3.856   -13.116 8.765   1.00 15.57 ? 153 LYS A O   1 
ATOM   995  C CB  . LYS A 1 133 ? 5.212   -15.645 7.177   1.00 16.67 ? 153 LYS A CB  1 
ATOM   996  C CG  . LYS A 1 133 ? 4.843   -16.683 6.132   1.00 17.12 ? 153 LYS A CG  1 
ATOM   997  C CD  . LYS A 1 133 ? 5.224   -18.091 6.516   1.00 17.07 ? 153 LYS A CD  1 
ATOM   998  C CE  . LYS A 1 133 ? 4.913   -19.110 5.441   1.00 17.37 ? 153 LYS A CE  1 
ATOM   999  N NZ  . LYS A 1 133 ? 3.463   -19.199 5.152   1.00 17.40 ? 153 LYS A NZ  1 
ATOM   1000 N N   . GLY A 1 134 ? 6.073   -12.827 8.359   1.00 16.43 ? 154 GLY A N   1 
ATOM   1001 C CA  . GLY A 1 134 ? 6.371   -11.975 9.531   1.00 16.61 ? 154 GLY A CA  1 
ATOM   1002 C C   . GLY A 1 134 ? 5.669   -10.630 9.449   1.00 16.50 ? 154 GLY A C   1 
ATOM   1003 O O   . GLY A 1 134 ? 5.156   -10.158 10.479  1.00 15.63 ? 154 GLY A O   1 
ATOM   1004 N N   . TYR A 1 135 ? 5.652   -10.029 8.257   1.00 17.01 ? 155 TYR A N   1 
ATOM   1005 C CA  . TYR A 1 135 ? 4.979   -8.734  7.975   1.00 17.72 ? 155 TYR A CA  1 
ATOM   1006 C C   . TYR A 1 135 ? 3.464   -8.882  8.150   1.00 17.41 ? 155 TYR A C   1 
ATOM   1007 O O   . TYR A 1 135 ? 2.857   -8.062  8.867   1.00 16.26 ? 155 TYR A O   1 
ATOM   1008 C CB  . TYR A 1 135 ? 5.302   -8.253  6.562   1.00 18.96 ? 155 TYR A CB  1 
ATOM   1009 C CG  . TYR A 1 135 ? 6.728   -7.822  6.346   1.00 20.35 ? 155 TYR A CG  1 
ATOM   1010 C CD1 . TYR A 1 135 ? 7.289   -6.802  7.097   1.00 21.52 ? 155 TYR A CD1 1 
ATOM   1011 C CD2 . TYR A 1 135 ? 7.507   -8.410  5.358   1.00 21.71 ? 155 TYR A CD2 1 
ATOM   1012 C CE1 . TYR A 1 135 ? 8.594   -6.383  6.884   1.00 22.92 ? 155 TYR A CE1 1 
ATOM   1013 C CE2 . TYR A 1 135 ? 8.813   -8.007  5.134   1.00 22.96 ? 155 TYR A CE2 1 
ATOM   1014 C CZ  . TYR A 1 135 ? 9.357   -6.991  5.903   1.00 23.77 ? 155 TYR A CZ  1 
ATOM   1015 O OH  . TYR A 1 135 ? 10.639  -6.592  5.671   1.00 26.06 ? 155 TYR A OH  1 
ATOM   1016 N N   . PHE A 1 136 ? 2.866   -9.890  7.510   1.00 16.44 ? 156 PHE A N   1 
ATOM   1017 C CA  . PHE A 1 136 ? 1.397   -10.110 7.534   1.00 16.44 ? 156 PHE A CA  1 
ATOM   1018 C C   . PHE A 1 136 ? 0.953   -10.351 8.975   1.00 16.48 ? 156 PHE A C   1 
ATOM   1019 O O   . PHE A 1 136 ? -0.046  -9.759  9.421   1.00 15.64 ? 156 PHE A O   1 
ATOM   1020 C CB  . PHE A 1 136 ? 0.978   -11.290 6.658   1.00 16.07 ? 156 PHE A CB  1 
ATOM   1021 C CG  . PHE A 1 136 ? -0.500  -11.570 6.712   1.00 16.08 ? 156 PHE A CG  1 
ATOM   1022 C CD1 . PHE A 1 136 ? -1.414  -10.586 6.368   1.00 15.21 ? 156 PHE A CD1 1 
ATOM   1023 C CD2 . PHE A 1 136 ? -0.980  -12.809 7.108   1.00 15.75 ? 156 PHE A CD2 1 
ATOM   1024 C CE1 . PHE A 1 136 ? -2.775  -10.837 6.405   1.00 15.24 ? 156 PHE A CE1 1 
ATOM   1025 C CE2 . PHE A 1 136 ? -2.343  -13.058 7.150   1.00 15.48 ? 156 PHE A CE2 1 
ATOM   1026 C CZ  . PHE A 1 136 ? -3.237  -12.072 6.799   1.00 15.43 ? 156 PHE A CZ  1 
ATOM   1027 N N   . GLU A 1 137 ? 1.708   -11.181 9.694   1.00 17.10 ? 157 GLU A N   1 
ATOM   1028 C CA  . GLU A 1 137 ? 1.398   -11.520 11.102  1.00 18.02 ? 157 GLU A CA  1 
ATOM   1029 C C   . GLU A 1 137 ? 1.405   -10.231 11.932  1.00 16.80 ? 157 GLU A C   1 
ATOM   1030 O O   . GLU A 1 137 ? 0.460   -10.041 12.720  1.00 16.29 ? 157 GLU A O   1 
ATOM   1031 C CB  . GLU A 1 137 ? 2.392   -12.541 11.648  1.00 19.03 ? 157 GLU A CB  1 
ATOM   1032 C CG  . GLU A 1 137 ? 1.941   -13.168 12.950  1.00 20.80 ? 157 GLU A CG  1 
ATOM   1033 C CD  . GLU A 1 137 ? 0.788   -14.150 12.849  1.00 22.60 ? 157 GLU A CD  1 
ATOM   1034 O OE1 . GLU A 1 137 ? 0.293   -14.397 11.726  1.00 24.93 ? 157 GLU A OE1 1 
ATOM   1035 O OE2 . GLU A 1 137 ? 0.386   -14.673 13.902  1.00 25.92 ? 157 GLU A OE2 1 
ATOM   1036 N N   . ALA A 1 138 ? 2.423   -9.386  11.768  1.00 16.08 ? 158 ALA A N   1 
ATOM   1037 C CA  . ALA A 1 138 ? 2.557   -8.120  12.531  1.00 16.69 ? 158 ALA A CA  1 
ATOM   1038 C C   . ALA A 1 138 ? 1.362   -7.207  12.215  1.00 16.57 ? 158 ALA A C   1 
ATOM   1039 O O   . ALA A 1 138 ? 0.807   -6.586  13.151  1.00 16.27 ? 158 ALA A O   1 
ATOM   1040 C CB  . ALA A 1 138 ? 3.877   -7.460  12.225  1.00 17.07 ? 158 ALA A CB  1 
ATOM   1041 N N   . ALA A 1 139 ? 0.953   -7.158  10.942  1.00 16.75 ? 159 ALA A N   1 
ATOM   1042 C CA  . ALA A 1 139 ? -0.173  -6.326  10.454  1.00 16.29 ? 159 ALA A CA  1 
ATOM   1043 C C   . ALA A 1 139 ? -1.484  -6.803  11.099  1.00 16.66 ? 159 ALA A C   1 
ATOM   1044 O O   . ALA A 1 139 ? -2.282  -5.951  11.568  1.00 16.43 ? 159 ALA A O   1 
ATOM   1045 C CB  . ALA A 1 139 ? -0.235  -6.388  8.944   1.00 16.28 ? 159 ALA A CB  1 
ATOM   1046 N N   . VAL A 1 140 ? -1.718  -8.115  11.118  1.00 16.43 ? 160 VAL A N   1 
ATOM   1047 C CA  . VAL A 1 140 ? -2.935  -8.704  11.748  1.00 17.01 ? 160 VAL A CA  1 
ATOM   1048 C C   . VAL A 1 140 ? -2.899  -8.375  13.249  1.00 17.13 ? 160 VAL A C   1 
ATOM   1049 O O   . VAL A 1 140 ? -3.930  -7.904  13.775  1.00 17.68 ? 160 VAL A O   1 
ATOM   1050 C CB  . VAL A 1 140 ? -3.049  -10.218 11.472  1.00 16.89 ? 160 VAL A CB  1 
ATOM   1051 C CG1 . VAL A 1 140 ? -4.182  -10.862 12.256  1.00 16.49 ? 160 VAL A CG1 1 
ATOM   1052 C CG2 . VAL A 1 140 ? -3.211  -10.501 9.985   1.00 17.18 ? 160 VAL A CG2 1 
ATOM   1053 N N   . ASN A 1 141 ? -1.743  -8.545  13.896  1.00 18.57 ? 161 ASN A N   1 
ATOM   1054 C CA  . ASN A 1 141 ? -1.597  -8.385  15.369  1.00 19.44 ? 161 ASN A CA  1 
ATOM   1055 C C   . ASN A 1 141 ? -1.846  -6.924  15.761  1.00 20.38 ? 161 ASN A C   1 
ATOM   1056 O O   . ASN A 1 141 ? -2.366  -6.718  16.873  1.00 21.36 ? 161 ASN A O   1 
ATOM   1057 C CB  . ASN A 1 141 ? -0.242  -8.873  15.882  1.00 19.48 ? 161 ASN A CB  1 
ATOM   1058 C CG  . ASN A 1 141 ? -0.125  -10.383 15.873  1.00 19.15 ? 161 ASN A CG  1 
ATOM   1059 O OD1 . ASN A 1 141 ? -1.102  -11.082 15.606  1.00 19.89 ? 161 ASN A OD1 1 
ATOM   1060 N ND2 . ASN A 1 141 ? 1.067   -10.889 16.153  1.00 18.44 ? 161 ASN A ND2 1 
ATOM   1061 N N   . ALA A 1 142 ? -1.533  -5.967  14.876  1.00 20.44 ? 162 ALA A N   1 
ATOM   1062 C CA  . ALA A 1 142 ? -1.700  -4.512  15.108  1.00 20.52 ? 162 ALA A CA  1 
ATOM   1063 C C   . ALA A 1 142 ? -3.093  -4.050  14.661  1.00 21.07 ? 162 ALA A C   1 
ATOM   1064 O O   . ALA A 1 142 ? -3.420  -2.869  14.879  1.00 24.04 ? 162 ALA A O   1 
ATOM   1065 C CB  . ALA A 1 142 ? -0.604  -3.749  14.405  1.00 20.66 ? 162 ALA A CB  1 
ATOM   1066 N N   . GLY A 1 143 ? -3.887  -4.935  14.054  1.00 20.36 ? 163 GLY A N   1 
ATOM   1067 C CA  . GLY A 1 143 ? -5.271  -4.653  13.641  1.00 20.47 ? 163 GLY A CA  1 
ATOM   1068 C C   . GLY A 1 143 ? -5.350  -3.912  12.319  1.00 20.21 ? 163 GLY A C   1 
ATOM   1069 O O   . GLY A 1 143 ? -6.387  -3.279  12.071  1.00 20.97 ? 163 GLY A O   1 
ATOM   1070 N N   . LEU A 1 144 ? -4.312  -3.996  11.486  1.00 19.40 ? 164 LEU A N   1 
ATOM   1071 C CA  . LEU A 1 144 ? -4.297  -3.359  10.141  1.00 18.92 ? 164 LEU A CA  1 
ATOM   1072 C C   . LEU A 1 144 ? -5.180  -4.158  9.175   1.00 18.65 ? 164 LEU A C   1 
ATOM   1073 O O   . LEU A 1 144 ? -5.826  -3.526  8.318   1.00 18.68 ? 164 LEU A O   1 
ATOM   1074 C CB  . LEU A 1 144 ? -2.855  -3.263  9.641   1.00 18.55 ? 164 LEU A CB  1 
ATOM   1075 C CG  . LEU A 1 144 ? -1.902  -2.477  10.542  1.00 18.90 ? 164 LEU A CG  1 
ATOM   1076 C CD1 . LEU A 1 144 ? -0.516  -2.416  9.934   1.00 19.22 ? 164 LEU A CD1 1 
ATOM   1077 C CD2 . LEU A 1 144 ? -2.426  -1.073  10.809  1.00 19.65 ? 164 LEU A CD2 1 
ATOM   1078 N N   . PHE A 1 145 ? -5.185  -5.492  9.293   1.00 17.92 ? 165 PHE A N   1 
ATOM   1079 C CA  . PHE A 1 145 ? -6.041  -6.417  8.504   1.00 17.66 ? 165 PHE A CA  1 
ATOM   1080 C C   . PHE A 1 145 ? -6.654  -7.458  9.444   1.00 18.12 ? 165 PHE A C   1 
ATOM   1081 O O   . PHE A 1 145 ? -5.999  -7.839  10.419  1.00 18.10 ? 165 PHE A O   1 
ATOM   1082 C CB  . PHE A 1 145 ? -5.232  -7.110  7.401   1.00 17.29 ? 165 PHE A CB  1 
ATOM   1083 C CG  . PHE A 1 145 ? -4.674  -6.179  6.360   1.00 16.95 ? 165 PHE A CG  1 
ATOM   1084 C CD1 . PHE A 1 145 ? -5.474  -5.716  5.326   1.00 16.78 ? 165 PHE A CD1 1 
ATOM   1085 C CD2 . PHE A 1 145 ? -3.355  -5.760  6.419   1.00 17.09 ? 165 PHE A CD2 1 
ATOM   1086 C CE1 . PHE A 1 145 ? -4.961  -4.851  4.371   1.00 17.79 ? 165 PHE A CE1 1 
ATOM   1087 C CE2 . PHE A 1 145 ? -2.844  -4.898  5.463   1.00 17.67 ? 165 PHE A CE2 1 
ATOM   1088 C CZ  . PHE A 1 145 ? -3.651  -4.444  4.440   1.00 18.02 ? 165 PHE A CZ  1 
ATOM   1089 N N   . SER A 1 146 ? -7.870  -7.907  9.141   1.00 19.72 ? 166 SER A N   1 
ATOM   1090 C CA  . SER A 1 146 ? -8.594  -8.949  9.911   1.00 20.98 ? 166 SER A CA  1 
ATOM   1091 C C   . SER A 1 146 ? -7.855  -10.285 9.778   1.00 22.19 ? 166 SER A C   1 
ATOM   1092 O O   . SER A 1 146 ? -7.106  -10.463 8.787   1.00 19.88 ? 166 SER A O   1 
ATOM   1093 C CB  . SER A 1 146 ? -10.024 -9.060  9.465   1.00 22.10 ? 166 SER A CB  1 
ATOM   1094 O OG  . SER A 1 146 ? -10.110 -9.683  8.196   1.00 22.92 ? 166 SER A OG  1 
ATOM   1095 N N   . LYS A 1 147 ? -8.065  -11.189 10.738  1.00 23.37 ? 167 LYS A N   1 
ATOM   1096 C CA  . LYS A 1 147 ? -7.391  -12.516 10.793  1.00 25.46 ? 167 LYS A CA  1 
ATOM   1097 C C   . LYS A 1 147 ? -7.759  -13.348 9.560   1.00 24.52 ? 167 LYS A C   1 
ATOM   1098 O O   . LYS A 1 147 ? -6.954  -14.214 9.195   1.00 25.14 ? 167 LYS A O   1 
ATOM   1099 C CB  . LYS A 1 147 ? -7.762  -13.266 12.077  1.00 28.20 ? 167 LYS A CB  1 
ATOM   1100 C CG  . LYS A 1 147 ? -9.218  -13.695 12.201  1.00 30.98 ? 167 LYS A CG  1 
ATOM   1101 C CD  . LYS A 1 147 ? -9.460  -14.664 13.351  1.00 32.95 ? 167 LYS A CD  1 
ATOM   1102 C CE  . LYS A 1 147 ? -10.908 -15.093 13.469  1.00 35.30 ? 167 LYS A CE  1 
ATOM   1103 N NZ  . LYS A 1 147 ? -11.276 -16.106 12.449  1.00 37.57 ? 167 LYS A NZ  1 
ATOM   1104 N N   . ASP A 1 148 ? -8.916  -13.081 8.943   1.00 24.17 ? 168 ASP A N   1 
ATOM   1105 C CA  . ASP A 1 148 ? -9.471  -13.889 7.823   1.00 24.62 ? 168 ASP A CA  1 
ATOM   1106 C C   . ASP A 1 148 ? -9.091  -13.303 6.458   1.00 22.29 ? 168 ASP A C   1 
ATOM   1107 O O   . ASP A 1 148 ? -9.491  -13.902 5.445   1.00 21.64 ? 168 ASP A O   1 
ATOM   1108 C CB  . ASP A 1 148 ? -10.985 -14.030 7.965   1.00 27.10 ? 168 ASP A CB  1 
ATOM   1109 C CG  . ASP A 1 148 ? -11.366 -14.995 9.070   1.00 29.45 ? 168 ASP A CG  1 
ATOM   1110 O OD1 . ASP A 1 148 ? -10.805 -16.112 9.084   1.00 30.23 ? 168 ASP A OD1 1 
ATOM   1111 O OD2 . ASP A 1 148 ? -12.185 -14.612 9.922   1.00 33.14 ? 168 ASP A OD2 1 
ATOM   1112 N N   . ALA A 1 149 ? -8.341  -12.198 6.416   1.00 20.06 ? 169 ALA A N   1 
ATOM   1113 C CA  . ALA A 1 149 ? -7.779  -11.652 5.160   1.00 18.93 ? 169 ALA A CA  1 
ATOM   1114 C C   . ALA A 1 149 ? -6.892  -12.725 4.531   1.00 17.57 ? 169 ALA A C   1 
ATOM   1115 O O   . ALA A 1 149 ? -6.152  -13.401 5.269   1.00 16.89 ? 169 ALA A O   1 
ATOM   1116 C CB  . ALA A 1 149 ? -6.995  -10.390 5.413   1.00 19.07 ? 169 ALA A CB  1 
ATOM   1117 N N   . ASN A 1 150 ? -6.985  -12.894 3.216   1.00 16.83 ? 170 ASN A N   1 
ATOM   1118 C CA  . ASN A 1 150 ? -6.029  -13.736 2.457   1.00 16.25 ? 170 ASN A CA  1 
ATOM   1119 C C   . ASN A 1 150 ? -4.823  -12.868 2.112   1.00 15.44 ? 170 ASN A C   1 
ATOM   1120 O O   . ASN A 1 150 ? -4.936  -11.979 1.265   1.00 14.54 ? 170 ASN A O   1 
ATOM   1121 C CB  . ASN A 1 150 ? -6.658  -14.351 1.206   1.00 16.12 ? 170 ASN A CB  1 
ATOM   1122 C CG  . ASN A 1 150 ? -5.664  -15.140 0.383   1.00 16.45 ? 170 ASN A CG  1 
ATOM   1123 O OD1 . ASN A 1 150 ? -4.561  -15.429 0.846   1.00 16.07 ? 170 ASN A OD1 1 
ATOM   1124 N ND2 . ASN A 1 150 ? -6.045  -15.491 -0.837  1.00 15.68 ? 170 ASN A ND2 1 
ATOM   1125 N N   . PRO A 1 151 ? -3.639  -13.114 2.719   1.00 15.07 ? 171 PRO A N   1 
ATOM   1126 C CA  . PRO A 1 151 ? -2.447  -12.307 2.446   1.00 15.36 ? 171 PRO A CA  1 
ATOM   1127 C C   . PRO A 1 151 ? -2.044  -12.261 0.961   1.00 15.44 ? 171 PRO A C   1 
ATOM   1128 O O   . PRO A 1 151 ? -1.526  -11.242 0.518   1.00 14.45 ? 171 PRO A O   1 
ATOM   1129 C CB  . PRO A 1 151 ? -1.335  -12.974 3.273   1.00 15.28 ? 171 PRO A CB  1 
ATOM   1130 C CG  . PRO A 1 151 ? -1.878  -14.339 3.650   1.00 15.45 ? 171 PRO A CG  1 
ATOM   1131 C CD  . PRO A 1 151 ? -3.376  -14.163 3.715   1.00 15.65 ? 171 PRO A CD  1 
ATOM   1132 N N   . LYS A 1 152 ? -2.277  -13.349 0.221   1.00 15.77 ? 172 LYS A N   1 
ATOM   1133 C CA  . LYS A 1 152 ? -1.872  -13.461 -1.206  1.00 17.19 ? 172 LYS A CA  1 
ATOM   1134 C C   . LYS A 1 152 ? -2.923  -12.824 -2.124  1.00 16.62 ? 172 LYS A C   1 
ATOM   1135 O O   . LYS A 1 152 ? -2.631  -12.701 -3.330  1.00 17.01 ? 172 LYS A O   1 
ATOM   1136 C CB  . LYS A 1 152 ? -1.650  -14.927 -1.592  1.00 18.43 ? 172 LYS A CB  1 
ATOM   1137 C CG  . LYS A 1 152 ? -0.527  -15.615 -0.832  1.00 19.99 ? 172 LYS A CG  1 
ATOM   1138 C CD  . LYS A 1 152 ? -0.229  -17.007 -1.337  1.00 22.48 ? 172 LYS A CD  1 
ATOM   1139 C CE  . LYS A 1 152 ? -0.186  -18.035 -0.226  1.00 25.05 ? 172 LYS A CE  1 
ATOM   1140 N NZ  . LYS A 1 152 ? 0.039   -19.398 -0.757  1.00 28.57 ? 172 LYS A NZ  1 
ATOM   1141 N N   . ALA A 1 153 ? -4.090  -12.436 -1.602  1.00 15.86 ? 173 ALA A N   1 
ATOM   1142 C CA  . ALA A 1 153 ? -5.170  -11.820 -2.405  1.00 15.40 ? 173 ALA A CA  1 
ATOM   1143 C C   . ALA A 1 153 ? -4.833  -10.354 -2.686  1.00 15.48 ? 173 ALA A C   1 
ATOM   1144 O O   . ALA A 1 153 ? -4.208  -9.706  -1.812  1.00 14.69 ? 173 ALA A O   1 
ATOM   1145 C CB  . ALA A 1 153 ? -6.499  -11.934 -1.700  1.00 15.47 ? 173 ALA A CB  1 
ATOM   1146 N N   . ASN A 1 154 ? -5.275  -9.836  -3.835  1.00 15.08 ? 174 ASN A N   1 
ATOM   1147 C CA  . ASN A 1 154 ? -5.342  -8.371  -4.067  1.00 14.82 ? 174 ASN A CA  1 
ATOM   1148 C C   . ASN A 1 154 ? -6.143  -7.767  -2.912  1.00 14.70 ? 174 ASN A C   1 
ATOM   1149 O O   . ASN A 1 154 ? -7.238  -8.274  -2.625  1.00 14.54 ? 174 ASN A O   1 
ATOM   1150 C CB  . ASN A 1 154 ? -5.996  -8.013  -5.402  1.00 15.21 ? 174 ASN A CB  1 
ATOM   1151 C CG  . ASN A 1 154 ? -5.232  -8.545  -6.592  1.00 15.09 ? 174 ASN A CG  1 
ATOM   1152 O OD1 . ASN A 1 154 ? -4.097  -9.006  -6.461  1.00 15.51 ? 174 ASN A OD1 1 
ATOM   1153 N ND2 . ASN A 1 154 ? -5.854  -8.477  -7.757  1.00 16.40 ? 174 ASN A ND2 1 
ATOM   1154 N N   . ALA A 1 155 ? -5.609  -6.735  -2.261  1.00 14.57 ? 175 ALA A N   1 
ATOM   1155 C CA  . ALA A 1 155 ? -6.344  -5.970  -1.232  1.00 14.91 ? 175 ALA A CA  1 
ATOM   1156 C C   . ALA A 1 155 ? -7.457  -5.175  -1.921  1.00 14.91 ? 175 ALA A C   1 
ATOM   1157 O O   . ALA A 1 155 ? -7.215  -4.575  -2.991  1.00 15.54 ? 175 ALA A O   1 
ATOM   1158 C CB  . ALA A 1 155 ? -5.408  -5.081  -0.454  1.00 14.91 ? 175 ALA A CB  1 
ATOM   1159 N N   . THR A 1 156 ? -8.652  -5.207  -1.346  1.00 14.87 ? 176 THR A N   1 
ATOM   1160 C CA  . THR A 1 156 ? -9.778  -4.333  -1.755  1.00 14.84 ? 176 THR A CA  1 
ATOM   1161 C C   . THR A 1 156 ? -9.499  -2.924  -1.237  1.00 14.45 ? 176 THR A C   1 
ATOM   1162 O O   . THR A 1 156 ? -8.744  -2.767  -0.256  1.00 13.97 ? 176 THR A O   1 
ATOM   1163 C CB  . THR A 1 156 ? -11.130 -4.860  -1.257  1.00 14.57 ? 176 THR A CB  1 
ATOM   1164 O OG1 . THR A 1 156 ? -11.135 -4.769  0.167   1.00 14.29 ? 176 THR A OG1 1 
ATOM   1165 C CG2 . THR A 1 156 ? -11.413 -6.274  -1.713  1.00 15.07 ? 176 THR A CG2 1 
ATOM   1166 N N   . ARG A 1 157 ? -10.087 -1.927  -1.886  1.00 15.13 ? 177 ARG A N   1 
ATOM   1167 C CA  . ARG A 1 157 ? -9.988  -0.517  -1.439  1.00 15.59 ? 177 ARG A CA  1 
ATOM   1168 C C   . ARG A 1 157 ? -10.560 -0.427  -0.019  1.00 14.78 ? 177 ARG A C   1 
ATOM   1169 O O   . ARG A 1 157 ? -10.001 0.339   0.785   1.00 15.58 ? 177 ARG A O   1 
ATOM   1170 C CB  . ARG A 1 157 ? -10.632 0.387   -2.493  1.00 15.99 ? 177 ARG A CB  1 
ATOM   1171 C CG  . ARG A 1 157 ? -9.838  0.437   -3.793  1.00 16.58 ? 177 ARG A CG  1 
ATOM   1172 C CD  . ARG A 1 157 ? -10.653 0.951   -4.964  1.00 16.77 ? 177 ARG A CD  1 
ATOM   1173 N NE  . ARG A 1 157 ? -11.201 2.239   -4.590  1.00 17.59 ? 177 ARG A NE  1 
ATOM   1174 C CZ  . ARG A 1 157 ? -10.567 3.405   -4.694  1.00 18.34 ? 177 ARG A CZ  1 
ATOM   1175 N NH1 . ARG A 1 157 ? -9.348  3.475   -5.209  1.00 18.56 ? 177 ARG A NH1 1 
ATOM   1176 N NH2 . ARG A 1 157 ? -11.172 4.507   -4.288  1.00 18.87 ? 177 ARG A NH2 1 
ATOM   1177 N N   . ALA A 1 158 ? -11.576 -1.228  0.318   1.00 14.38 ? 178 ALA A N   1 
ATOM   1178 C CA  . ALA A 1 158 ? -12.130 -1.314  1.694   1.00 14.09 ? 178 ALA A CA  1 
ATOM   1179 C C   . ALA A 1 158 ? -11.023 -1.738  2.664   1.00 14.03 ? 178 ALA A C   1 
ATOM   1180 O O   . ALA A 1 158 ? -10.805 -1.032  3.665   1.00 14.20 ? 178 ALA A O   1 
ATOM   1181 C CB  . ALA A 1 158 ? -13.297 -2.268  1.757   1.00 14.06 ? 178 ALA A CB  1 
ATOM   1182 N N   . GLN A 1 159 ? -10.322 -2.837  2.374   1.00 14.34 ? 179 GLN A N   1 
ATOM   1183 C CA  . GLN A 1 159 ? -9.226  -3.336  3.250   1.00 14.24 ? 179 GLN A CA  1 
ATOM   1184 C C   . GLN A 1 159 ? -8.133  -2.264  3.369   1.00 14.23 ? 179 GLN A C   1 
ATOM   1185 O O   . GLN A 1 159 ? -7.637  -2.051  4.492   1.00 14.43 ? 179 GLN A O   1 
ATOM   1186 C CB  . GLN A 1 159 ? -8.654  -4.651  2.723   1.00 14.19 ? 179 GLN A CB  1 
ATOM   1187 C CG  . GLN A 1 159 ? -9.580  -5.839  2.940   1.00 14.28 ? 179 GLN A CG  1 
ATOM   1188 C CD  . GLN A 1 159 ? -9.083  -7.083  2.243   1.00 14.23 ? 179 GLN A CD  1 
ATOM   1189 O OE1 . GLN A 1 159 ? -8.685  -7.043  1.084   1.00 14.23 ? 179 GLN A OE1 1 
ATOM   1190 N NE2 . GLN A 1 159 ? -9.086  -8.199  2.958   1.00 14.55 ? 179 GLN A NE2 1 
ATOM   1191 N N   . LEU A 1 160 ? -7.776  -1.601  2.268   1.00 14.34 ? 180 LEU A N   1 
ATOM   1192 C CA  . LEU A 1 160 ? -6.673  -0.602  2.256   1.00 14.65 ? 180 LEU A CA  1 
ATOM   1193 C C   . LEU A 1 160 ? -7.084  0.651   3.046   1.00 14.81 ? 180 LEU A C   1 
ATOM   1194 O O   . LEU A 1 160 ? -6.213  1.212   3.735   1.00 14.57 ? 180 LEU A O   1 
ATOM   1195 C CB  . LEU A 1 160 ? -6.276  -0.289  0.810   1.00 14.74 ? 180 LEU A CB  1 
ATOM   1196 C CG  . LEU A 1 160 ? -5.677  -1.462  0.032   1.00 14.86 ? 180 LEU A CG  1 
ATOM   1197 C CD1 . LEU A 1 160 ? -5.508  -1.102  -1.435  1.00 15.33 ? 180 LEU A CD1 1 
ATOM   1198 C CD2 . LEU A 1 160 ? -4.353  -1.918  0.622   1.00 14.97 ? 180 LEU A CD2 1 
ATOM   1199 N N   . VAL A 1 161 ? -8.360  1.046   2.985   1.00 15.55 ? 181 VAL A N   1 
ATOM   1200 C CA  . VAL A 1 161 ? -8.939  2.158   3.797   1.00 15.87 ? 181 VAL A CA  1 
ATOM   1201 C C   . VAL A 1 161 ? -8.824  1.804   5.283   1.00 16.34 ? 181 VAL A C   1 
ATOM   1202 O O   . VAL A 1 161 ? -8.316  2.646   6.053   1.00 16.54 ? 181 VAL A O   1 
ATOM   1203 C CB  . VAL A 1 161 ? -10.394 2.462   3.386   1.00 16.16 ? 181 VAL A CB  1 
ATOM   1204 C CG1 . VAL A 1 161 ? -11.145 3.261   4.440   1.00 16.42 ? 181 VAL A CG1 1 
ATOM   1205 C CG2 . VAL A 1 161 ? -10.446 3.177   2.048   1.00 15.90 ? 181 VAL A CG2 1 
ATOM   1206 N N   . GLU A 1 162 ? -9.290  0.614   5.672   1.00 16.93 ? 182 GLU A N   1 
ATOM   1207 C CA  . GLU A 1 162 ? -9.251  0.123   7.077   1.00 17.05 ? 182 GLU A CA  1 
ATOM   1208 C C   . GLU A 1 162 ? -7.795  0.137   7.570   1.00 17.13 ? 182 GLU A C   1 
ATOM   1209 O O   . GLU A 1 162 ? -7.538  0.662   8.680   1.00 16.46 ? 182 GLU A O   1 
ATOM   1210 C CB  . GLU A 1 162 ? -9.922  -1.253  7.165   1.00 17.37 ? 182 GLU A CB  1 
ATOM   1211 C CG  . GLU A 1 162 ? -11.438 -1.204  6.990   1.00 17.67 ? 182 GLU A CG  1 
ATOM   1212 C CD  . GLU A 1 162 ? -12.213 -0.518  8.109   1.00 17.97 ? 182 GLU A CD  1 
ATOM   1213 O OE1 . GLU A 1 162 ? -11.736 -0.534  9.254   1.00 17.87 ? 182 GLU A OE1 1 
ATOM   1214 O OE2 . GLU A 1 162 ? -13.295 0.028   7.832   1.00 18.43 ? 182 GLU A OE2 1 
ATOM   1215 N N   . ALA A 1 163 ? -6.859  -0.386  6.771   1.00 16.29 ? 183 ALA A N   1 
ATOM   1216 C CA  . ALA A 1 163 ? -5.426  -0.487  7.144   1.00 16.23 ? 183 ALA A CA  1 
ATOM   1217 C C   . ALA A 1 163 ? -4.817  0.917   7.268   1.00 16.17 ? 183 ALA A C   1 
ATOM   1218 O O   . ALA A 1 163 ? -4.127  1.174   8.274   1.00 16.60 ? 183 ALA A O   1 
ATOM   1219 C CB  . ALA A 1 163 ? -4.685  -1.338  6.141   1.00 15.88 ? 183 ALA A CB  1 
ATOM   1220 N N   . ALA A 1 164 ? -5.093  1.800   6.302   1.00 16.97 ? 184 ALA A N   1 
ATOM   1221 C CA  . ALA A 1 164 ? -4.531  3.171   6.228   1.00 17.56 ? 184 ALA A CA  1 
ATOM   1222 C C   . ALA A 1 164 ? -5.071  4.008   7.395   1.00 18.09 ? 184 ALA A C   1 
ATOM   1223 O O   . ALA A 1 164 ? -4.275  4.727   8.025   1.00 18.80 ? 184 ALA A O   1 
ATOM   1224 C CB  . ALA A 1 164 ? -4.845  3.801   4.893   1.00 17.27 ? 184 ALA A CB  1 
ATOM   1225 N N   . PHE A 1 165 ? -6.363  3.892   7.700   1.00 19.85 ? 185 PHE A N   1 
ATOM   1226 C CA  . PHE A 1 165 ? -7.003  4.621   8.828   1.00 21.55 ? 185 PHE A CA  1 
ATOM   1227 C C   . PHE A 1 165 ? -6.364  4.168   10.145  1.00 22.20 ? 185 PHE A C   1 
ATOM   1228 O O   . PHE A 1 165 ? -6.014  5.039   10.963  1.00 22.84 ? 185 PHE A O   1 
ATOM   1229 C CB  . PHE A 1 165 ? -8.519  4.430   8.840   1.00 22.60 ? 185 PHE A CB  1 
ATOM   1230 C CG  . PHE A 1 165 ? -9.244  5.427   9.710   1.00 24.08 ? 185 PHE A CG  1 
ATOM   1231 C CD1 . PHE A 1 165 ? -9.612  6.669   9.212   1.00 25.34 ? 185 PHE A CD1 1 
ATOM   1232 C CD2 . PHE A 1 165 ? -9.535  5.132   11.033  1.00 25.28 ? 185 PHE A CD2 1 
ATOM   1233 C CE1 . PHE A 1 165 ? -10.274 7.589   10.014  1.00 25.83 ? 185 PHE A CE1 1 
ATOM   1234 C CE2 . PHE A 1 165 ? -10.190 6.057   11.834  1.00 25.80 ? 185 PHE A CE2 1 
ATOM   1235 C CZ  . PHE A 1 165 ? -10.561 7.279   11.323  1.00 25.51 ? 185 PHE A CZ  1 
ATOM   1236 N N   . ALA A 1 166 ? -6.168  2.859   10.318  1.00 21.80 ? 186 ALA A N   1 
ATOM   1237 C CA  . ALA A 1 166 ? -5.533  2.257   11.515  1.00 22.58 ? 186 ALA A CA  1 
ATOM   1238 C C   . ALA A 1 166 ? -4.083  2.747   11.652  1.00 23.67 ? 186 ALA A C   1 
ATOM   1239 O O   . ALA A 1 166 ? -3.666  3.065   12.782  1.00 23.14 ? 186 ALA A O   1 
ATOM   1240 C CB  . ALA A 1 166 ? -5.607  0.754   11.433  1.00 23.12 ? 186 ALA A CB  1 
ATOM   1241 N N   . ALA A 1 167 ? -3.333  2.794   10.545  1.00 24.35 ? 187 ALA A N   1 
ATOM   1242 C CA  . ALA A 1 167 ? -1.927  3.256   10.497  1.00 24.67 ? 187 ALA A CA  1 
ATOM   1243 C C   . ALA A 1 167 ? -1.862  4.742   10.874  1.00 27.43 ? 187 ALA A C   1 
ATOM   1244 O O   . ALA A 1 167 ? -0.986  5.111   11.691  1.00 28.70 ? 187 ALA A O   1 
ATOM   1245 C CB  . ALA A 1 167 ? -1.344  2.999   9.131   1.00 23.93 ? 187 ALA A CB  1 
ATOM   1246 N N   . ASP A 1 168 ? -2.749  5.553   10.292  1.00 28.91 ? 188 ASP A N   1 
ATOM   1247 C CA  . ASP A 1 168 ? -2.844  7.019   10.525  1.00 32.88 ? 188 ASP A CA  1 
ATOM   1248 C C   . ASP A 1 168 ? -3.054  7.267   12.022  1.00 36.03 ? 188 ASP A C   1 
ATOM   1249 O O   . ASP A 1 168 ? -2.343  8.119   12.573  1.00 38.75 ? 188 ASP A O   1 
ATOM   1250 C CB  . ASP A 1 168 ? -3.965  7.658   9.702   1.00 33.27 ? 188 ASP A CB  1 
ATOM   1251 C CG  . ASP A 1 168 ? -3.924  9.181   9.656   1.00 35.66 ? 188 ASP A CG  1 
ATOM   1252 O OD1 . ASP A 1 168 ? -2.833  9.752   9.848   1.00 34.92 ? 188 ASP A OD1 1 
ATOM   1253 O OD2 . ASP A 1 168 ? -4.983  9.784   9.423   1.00 37.50 ? 188 ASP A OD2 1 
ATOM   1254 N N   . GLU A 1 169 ? -3.979  6.535   12.650  1.00 38.78 ? 189 GLU A N   1 
ATOM   1255 C CA  . GLU A 1 169 ? -4.314  6.688   14.093  1.00 42.25 ? 189 GLU A CA  1 
ATOM   1256 C C   . GLU A 1 169 ? -3.133  6.220   14.954  1.00 44.84 ? 189 GLU A C   1 
ATOM   1257 O O   . GLU A 1 169 ? -2.904  6.832   16.018  1.00 44.98 ? 189 GLU A O   1 
ATOM   1258 C CB  . GLU A 1 169 ? -5.603  5.935   14.426  1.00 45.07 ? 189 GLU A CB  1 
ATOM   1259 C CG  . GLU A 1 169 ? -6.833  6.564   13.799  1.00 46.85 ? 189 GLU A CG  1 
ATOM   1260 C CD  . GLU A 1 169 ? -8.105  6.437   14.616  1.00 50.52 ? 189 GLU A CD  1 
ATOM   1261 O OE1 . GLU A 1 169 ? -8.819  7.452   14.747  1.00 53.94 ? 189 GLU A OE1 1 
ATOM   1262 O OE2 . GLU A 1 169 ? -8.388  5.325   15.110  1.00 51.91 ? 189 GLU A OE2 1 
ATOM   1263 N N   . MET A 1 170 ? -2.392  5.203   14.500  1.00 44.40 ? 190 MET A N   1 
ATOM   1264 C CA  . MET A 1 170 ? -1.220  4.642   15.224  1.00 45.79 ? 190 MET A CA  1 
ATOM   1265 C C   . MET A 1 170 ? -0.041  5.623   15.188  1.00 47.95 ? 190 MET A C   1 
ATOM   1266 O O   . MET A 1 170 ? 0.876   5.446   16.003  1.00 48.35 ? 190 MET A O   1 
ATOM   1267 C CB  . MET A 1 170 ? -0.786  3.300   14.627  1.00 44.60 ? 190 MET A CB  1 
ATOM   1268 C CG  . MET A 1 170 ? -1.601  2.138   15.145  1.00 44.14 ? 190 MET A CG  1 
ATOM   1269 S SD  . MET A 1 170 ? -1.051  0.547   14.490  1.00 43.45 ? 190 MET A SD  1 
ATOM   1270 C CE  . MET A 1 170 ? 0.617   0.477   15.140  1.00 42.45 ? 190 MET A CE  1 
ATOM   1271 N N   . SER A 1 171 ? -0.047  6.598   14.273  1.00 51.95 ? 191 SER A N   1 
ATOM   1272 C CA  . SER A 1 171 ? 0.952   7.700   14.217  1.00 55.58 ? 191 SER A CA  1 
ATOM   1273 C C   . SER A 1 171 ? 0.322   8.996   14.755  1.00 57.66 ? 191 SER A C   1 
ATOM   1274 O O   . SER A 1 171 ? 0.994   9.691   15.542  1.00 59.13 ? 191 SER A O   1 
ATOM   1275 C CB  . SER A 1 171 ? 1.531   7.858   12.824  1.00 56.88 ? 191 SER A CB  1 
ATOM   1276 O OG  . SER A 1 171 ? 0.558   7.607   11.821  1.00 56.49 ? 191 SER A OG  1 
ATOM   1277 N N   . LYS A 1 172 ? -0.928  9.286   14.375  1.00 59.29 ? 192 LYS A N   1 
ATOM   1278 C CA  . LYS A 1 172 ? -1.735  10.422  14.901  1.00 59.58 ? 192 LYS A CA  1 
ATOM   1279 C C   . LYS A 1 172 ? -2.308  10.040  16.271  1.00 59.46 ? 192 LYS A C   1 
ATOM   1280 O O   . LYS A 1 172 ? -1.862  10.541  17.299  1.00 61.52 ? 192 LYS A O   1 
ATOM   1281 C CB  . LYS A 1 172 ? -2.864  10.782  13.930  1.00 58.86 ? 192 LYS A CB  1 
HETATM 1282 C C4  . D2Y B 2 .   ? 8.180   -7.072  -2.109  1.00 30.65 ? 301 D2Y A C4  1 
HETATM 1283 C C5  . D2Y B 2 .   ? 7.199   -7.733  -3.069  1.00 31.17 ? 301 D2Y A C5  1 
HETATM 1284 C C6  . D2Y B 2 .   ? 6.421   -6.656  -3.818  1.00 29.80 ? 301 D2Y A C6  1 
HETATM 1285 C C7  . D2Y B 2 .   ? 11.901  -8.837  -3.332  1.00 36.03 ? 301 D2Y A C7  1 
HETATM 1286 C C8  . D2Y B 2 .   ? 12.814  -8.095  -4.299  1.00 35.70 ? 301 D2Y A C8  1 
HETATM 1287 N N2  . D2Y B 2 .   ? 10.625  -8.410  -3.278  1.00 32.16 ? 301 D2Y A N2  1 
HETATM 1288 C C3  . D2Y B 2 .   ? 8.995   -8.133  -1.396  1.00 31.88 ? 301 D2Y A C3  1 
HETATM 1289 O O7  . D2Y B 2 .   ? 12.354  -9.762  -2.654  1.00 37.09 ? 301 D2Y A O7  1 
HETATM 1290 C C2  . D2Y B 2 .   ? 9.632   -9.083  -2.411  1.00 32.45 ? 301 D2Y A C2  1 
HETATM 1291 O O3  . D2Y B 2 .   ? 10.001  -7.500  -0.581  1.00 30.27 ? 301 D2Y A O3  1 
HETATM 1292 O O4  . D2Y B 2 .   ? 7.432   -6.310  -1.121  1.00 29.69 ? 301 D2Y A O4  1 
HETATM 1293 C CAO . D2Y B 2 .   ? 6.519   -5.349  -1.736  1.00 27.74 ? 301 D2Y A CAO 1 
HETATM 1294 C CAQ . D2Y B 2 .   ? 5.582   -4.786  -0.654  1.00 26.97 ? 301 D2Y A CAQ 1 
HETATM 1295 C CAP . D2Y B 2 .   ? 7.331   -4.213  -2.308  1.00 26.71 ? 301 D2Y A CAP 1 
HETATM 1296 O OAS . D2Y B 2 .   ? 8.461   -4.038  -1.799  1.00 25.28 ? 301 D2Y A OAS 1 
HETATM 1297 O OAR . D2Y B 2 .   ? 6.816   -3.566  -3.254  1.00 24.65 ? 301 D2Y A OAR 1 
HETATM 1298 O O6  . D2Y B 2 .   ? 5.720   -5.949  -2.820  1.00 29.00 ? 301 D2Y A O6  1 
HETATM 1299 O O5  . D2Y B 2 .   ? 7.889   -8.595  -4.011  1.00 31.76 ? 301 D2Y A O5  1 
HETATM 1300 C C1  . D2Y B 2 .   ? 8.566   -9.651  -3.314  1.00 33.98 ? 301 D2Y A C1  1 
HETATM 1301 O O1  . D2Y B 2 .   ? 9.227   -10.428 -4.310  1.00 37.62 ? 301 D2Y A O1  1 
HETATM 1302 C CAZ . D2Y B 2 .   ? 8.547   -11.603 -4.747  1.00 41.05 ? 301 D2Y A CAZ 1 
HETATM 1303 C CAY . D2Y B 2 .   ? 7.831   -11.283 -6.073  1.00 43.26 ? 301 D2Y A CAY 1 
HETATM 1304 O OBA . D2Y B 2 .   ? 6.621   -10.569 -5.788  1.00 43.12 ? 301 D2Y A OBA 1 
HETATM 1305 C CAU . D2Y B 2 .   ? 9.623   -12.651 -4.934  1.00 42.46 ? 301 D2Y A CAU 1 
HETATM 1306 C CBB . D2Y B 2 .   ? 10.307  -12.866 -3.571  1.00 43.09 ? 301 D2Y A CBB 1 
HETATM 1307 O OBC . D2Y B 2 .   ? 11.160  -14.011 -3.608  1.00 45.39 ? 301 D2Y A OBC 1 
HETATM 1308 O OAV . D2Y B 2 .   ? 9.014   -13.839 -5.490  1.00 42.87 ? 301 D2Y A OAV 1 
HETATM 1309 C CAW . D2Y B 2 .   ? 8.600   -13.587 -6.853  1.00 43.93 ? 301 D2Y A CAW 1 
HETATM 1310 O OBD . D2Y B 2 .   ? 8.128   -14.818 -7.444  1.00 44.91 ? 301 D2Y A OBD 1 
HETATM 1311 C CBI . D2Y B 2 .   ? 9.185   -15.724 -7.807  1.00 44.98 ? 301 D2Y A CBI 1 
HETATM 1312 C CAX . D2Y B 2 .   ? 7.477   -12.538 -6.897  1.00 44.49 ? 301 D2Y A CAX 1 
HETATM 1313 N NBE . D2Y B 2 .   ? 7.271   -12.130 -8.306  1.00 46.50 ? 301 D2Y A NBE 1 
HETATM 1314 C CBF . D2Y B 2 .   ? 6.057   -12.074 -8.883  1.00 48.88 ? 301 D2Y A CBF 1 
HETATM 1315 O OBH . D2Y B 2 .   ? 5.005   -12.343 -8.307  1.00 52.02 ? 301 D2Y A OBH 1 
HETATM 1316 C CBG . D2Y B 2 .   ? 6.050   -11.640 -10.356 1.00 49.73 ? 301 D2Y A CBG 1 
HETATM 1317 O O   . HOH C 3 .   ? 2.673   14.356  -2.437  1.00 31.90 ? 401 HOH A O   1 
HETATM 1318 O O   . HOH C 3 .   ? -6.832  0.302   -9.515  1.00 47.97 ? 402 HOH A O   1 
HETATM 1319 O O   . HOH C 3 .   ? 0.783   -17.143 13.549  1.00 26.73 ? 403 HOH A O   1 
HETATM 1320 O O   . HOH C 3 .   ? -8.608  -9.147  -0.314  1.00 15.87 ? 404 HOH A O   1 
HETATM 1321 O O   . HOH C 3 .   ? -5.838  -15.213 7.031   1.00 16.85 ? 405 HOH A O   1 
HETATM 1322 O O   . HOH C 3 .   ? 1.213   -13.889 16.180  1.00 16.94 ? 406 HOH A O   1 
HETATM 1323 O O   . HOH C 3 .   ? 3.592   14.854  -8.703  1.00 35.14 ? 407 HOH A O   1 
HETATM 1324 O O   . HOH C 3 .   ? 3.033   12.899  -10.832 1.00 28.08 ? 408 HOH A O   1 
HETATM 1325 O O   . HOH C 3 .   ? -5.471  -4.442  -4.856  1.00 16.43 ? 409 HOH A O   1 
HETATM 1326 O O   . HOH C 3 .   ? 17.051  -11.536 -8.918  1.00 41.22 ? 410 HOH A O   1 
HETATM 1327 O O   . HOH C 3 .   ? -15.733 10.544  7.810   1.00 31.34 ? 411 HOH A O   1 
HETATM 1328 O O   . HOH C 3 .   ? -13.161 -6.002  1.201   1.00 26.99 ? 412 HOH A O   1 
HETATM 1329 O O   . HOH C 3 .   ? -2.215  -15.026 11.634  1.00 31.67 ? 413 HOH A O   1 
HETATM 1330 O O   . HOH C 3 .   ? 4.892   -22.766 12.913  1.00 32.57 ? 414 HOH A O   1 
HETATM 1331 O O   . HOH C 3 .   ? -2.222  2.917   -11.472 1.00 35.61 ? 415 HOH A O   1 
HETATM 1332 O O   . HOH C 3 .   ? -11.585 -6.475  -6.255  1.00 35.09 ? 416 HOH A O   1 
HETATM 1333 O O   . HOH C 3 .   ? -0.208  -12.922 -4.276  1.00 23.10 ? 417 HOH A O   1 
HETATM 1334 O O   . HOH C 3 .   ? -9.511  -8.295  -4.304  1.00 25.16 ? 418 HOH A O   1 
HETATM 1335 O O   . HOH C 3 .   ? 2.131   -6.289  15.395  1.00 23.28 ? 419 HOH A O   1 
HETATM 1336 O O   . HOH C 3 .   ? 2.688   -16.239 -3.332  1.00 22.74 ? 420 HOH A O   1 
HETATM 1337 O O   . HOH C 3 .   ? 14.033  6.302   -4.758  1.00 31.19 ? 421 HOH A O   1 
HETATM 1338 O O   . HOH C 3 .   ? 1.607   -10.955 -2.703  1.00 19.34 ? 422 HOH A O   1 
HETATM 1339 O O   . HOH C 3 .   ? 9.697   -3.088  10.650  1.00 29.61 ? 423 HOH A O   1 
HETATM 1340 O O   . HOH C 3 .   ? -9.080  1.285   10.727  1.00 26.74 ? 424 HOH A O   1 
HETATM 1341 O O   . HOH C 3 .   ? 10.152  4.598   -21.513 1.00 41.25 ? 425 HOH A O   1 
HETATM 1342 O O   . HOH C 3 .   ? -5.170  -0.891  14.934  1.00 35.18 ? 426 HOH A O   1 
HETATM 1343 O O   . HOH C 3 .   ? -8.533  12.916  -2.145  1.00 26.06 ? 427 HOH A O   1 
HETATM 1344 O O   . HOH C 3 .   ? -14.260 -7.425  -4.238  1.00 31.20 ? 428 HOH A O   1 
HETATM 1345 O O   . HOH C 3 .   ? 0.904   -8.361  -11.514 1.00 31.52 ? 429 HOH A O   1 
HETATM 1346 O O   . HOH C 3 .   ? 11.331  10.984  -0.326  1.00 34.10 ? 430 HOH A O   1 
HETATM 1347 O O   . HOH C 3 .   ? -7.754  -3.900  6.511   1.00 21.27 ? 431 HOH A O   1 
HETATM 1348 O O   . HOH C 3 .   ? 15.785  -3.505  -3.359  1.00 39.10 ? 432 HOH A O   1 
HETATM 1349 O O   . HOH C 3 .   ? 10.908  -8.912  1.499   1.00 39.56 ? 433 HOH A O   1 
HETATM 1350 O O   . HOH C 3 .   ? 6.808   -14.608 18.075  1.00 19.19 ? 434 HOH A O   1 
HETATM 1351 O O   . HOH C 3 .   ? 6.846   11.262  -13.775 1.00 28.84 ? 435 HOH A O   1 
HETATM 1352 O O   . HOH C 3 .   ? 14.303  -10.551 -7.632  1.00 33.82 ? 436 HOH A O   1 
HETATM 1353 O O   . HOH C 3 .   ? 13.296  0.277   -1.263  1.00 23.60 ? 437 HOH A O   1 
HETATM 1354 O O   . HOH C 3 .   ? 13.127  20.199  -2.906  1.00 41.32 ? 438 HOH A O   1 
HETATM 1355 O O   . HOH C 3 .   ? 6.901   -20.097 18.649  1.00 15.42 ? 439 HOH A O   1 
HETATM 1356 O O   . HOH C 3 .   ? 8.089   -11.449 6.752   1.00 25.43 ? 440 HOH A O   1 
HETATM 1357 O O   . HOH C 3 .   ? 5.446   -3.304  -15.210 1.00 28.88 ? 441 HOH A O   1 
HETATM 1358 O O   . HOH C 3 .   ? 2.166   -10.097 -5.396  1.00 47.13 ? 442 HOH A O   1 
HETATM 1359 O O   . HOH C 3 .   ? 13.191  13.045  -16.090 1.00 22.78 ? 443 HOH A O   1 
HETATM 1360 O O   . HOH C 3 .   ? -6.549  -7.996  13.080  1.00 27.35 ? 444 HOH A O   1 
HETATM 1361 O O   . HOH C 3 .   ? -3.955  8.972   -3.191  1.00 28.05 ? 445 HOH A O   1 
HETATM 1362 O O   . HOH C 3 .   ? -3.763  6.748   -4.771  1.00 23.16 ? 446 HOH A O   1 
HETATM 1363 O O   . HOH C 3 .   ? 1.097   9.398   -16.411 1.00 37.41 ? 447 HOH A O   1 
HETATM 1364 O O   . HOH C 3 .   ? -14.590 0.404   10.222  1.00 21.81 ? 448 HOH A O   1 
HETATM 1365 O O   . HOH C 3 .   ? 10.679  10.310  -10.505 1.00 16.91 ? 449 HOH A O   1 
HETATM 1366 O O   . HOH C 3 .   ? 10.150  11.722  2.372   1.00 38.02 ? 450 HOH A O   1 
HETATM 1367 O O   . HOH C 3 .   ? 1.378   -7.344  -6.471  1.00 19.45 ? 451 HOH A O   1 
HETATM 1368 O O   . HOH C 3 .   ? -1.676  -8.877  -7.753  1.00 28.11 ? 452 HOH A O   1 
HETATM 1369 O O   . HOH C 3 .   ? 14.506  -5.142  -17.312 1.00 35.65 ? 453 HOH A O   1 
HETATM 1370 O O   . HOH C 3 .   ? 5.010   6.530   -19.220 1.00 33.38 ? 454 HOH A O   1 
HETATM 1371 O O   . HOH C 3 .   ? -6.690  6.364   -3.873  1.00 23.35 ? 455 HOH A O   1 
HETATM 1372 O O   . HOH C 3 .   ? 4.363   -10.361 -4.028  1.00 31.88 ? 456 HOH A O   1 
HETATM 1373 O O   . HOH C 3 .   ? 6.746   -4.154  17.051  1.00 41.27 ? 457 HOH A O   1 
HETATM 1374 O O   . HOH C 3 .   ? -12.766 -10.488 8.267   1.00 32.91 ? 458 HOH A O   1 
HETATM 1375 O O   . HOH C 3 .   ? 11.133  -21.365 16.667  1.00 24.27 ? 459 HOH A O   1 
HETATM 1376 O O   . HOH C 3 .   ? 9.824   11.896  -12.401 1.00 27.26 ? 460 HOH A O   1 
HETATM 1377 O O   . HOH C 3 .   ? 1.003   -6.853  -13.754 1.00 37.19 ? 461 HOH A O   1 
HETATM 1378 O O   . HOH C 3 .   ? -18.810 6.241   -3.652  1.00 30.25 ? 462 HOH A O   1 
HETATM 1379 O O   . HOH C 3 .   ? 2.966   -3.179  -14.235 1.00 23.03 ? 463 HOH A O   1 
HETATM 1380 O O   . HOH C 3 .   ? 2.752   -8.744  16.813  1.00 27.73 ? 464 HOH A O   1 
HETATM 1381 O O   . HOH C 3 .   ? -10.914 -2.787  10.732  1.00 32.72 ? 465 HOH A O   1 
HETATM 1382 O O   . HOH C 3 .   ? -8.003  1.690   -6.943  1.00 23.03 ? 466 HOH A O   1 
HETATM 1383 O O   . HOH C 3 .   ? -7.375  -1.615  14.148  1.00 43.66 ? 467 HOH A O   1 
HETATM 1384 O O   . HOH C 3 .   ? -9.783  -7.944  5.972   1.00 19.23 ? 468 HOH A O   1 
HETATM 1385 O O   . HOH C 3 .   ? 11.557  -2.811  0.552   1.00 35.65 ? 469 HOH A O   1 
HETATM 1386 O O   . HOH C 3 .   ? -4.549  -8.848  -10.279 1.00 34.62 ? 470 HOH A O   1 
HETATM 1387 O O   . HOH C 3 .   ? -9.243  -9.999  13.077  1.00 38.15 ? 471 HOH A O   1 
HETATM 1388 O O   . HOH C 3 .   ? -7.821  5.589   -6.425  1.00 24.11 ? 472 HOH A O   1 
HETATM 1389 O O   . HOH C 3 .   ? 8.336   -11.490 17.072  1.00 31.83 ? 473 HOH A O   1 
HETATM 1390 O O   . HOH C 3 .   ? -3.181  -16.539 7.537   1.00 18.00 ? 474 HOH A O   1 
HETATM 1391 O O   . HOH C 3 .   ? -19.129 1.739   4.794   1.00 27.42 ? 475 HOH A O   1 
HETATM 1392 O O   . HOH C 3 .   ? 18.454  -7.724  -16.074 1.00 30.01 ? 476 HOH A O   1 
HETATM 1393 O O   . HOH C 3 .   ? 7.909   -4.260  -18.302 1.00 36.57 ? 477 HOH A O   1 
HETATM 1394 O O   . HOH C 3 .   ? 8.327   -20.186 5.797   1.00 47.23 ? 478 HOH A O   1 
HETATM 1395 O O   . HOH C 3 .   ? -1.765  -7.882  -10.270 1.00 24.19 ? 479 HOH A O   1 
HETATM 1396 O O   . HOH C 3 .   ? -18.094 1.361   -2.412  1.00 24.52 ? 480 HOH A O   1 
HETATM 1397 O O   . HOH C 3 .   ? 3.100   -20.442 8.009   1.00 19.02 ? 481 HOH A O   1 
HETATM 1398 O O   . HOH C 3 .   ? 12.391  9.382   -18.079 1.00 32.41 ? 482 HOH A O   1 
HETATM 1399 O O   . HOH C 3 .   ? -10.849 11.634  -6.091  1.00 26.20 ? 483 HOH A O   1 
HETATM 1400 O O   . HOH C 3 .   ? 16.913  12.067  -6.149  1.00 26.03 ? 484 HOH A O   1 
HETATM 1401 O O   . HOH C 3 .   ? -17.035 -1.523  -5.425  1.00 24.41 ? 485 HOH A O   1 
HETATM 1402 O O   . HOH C 3 .   ? -4.332  13.799  -3.379  1.00 34.22 ? 486 HOH A O   1 
HETATM 1403 O O   . HOH C 3 .   ? 2.326   -20.925 2.974   1.00 51.69 ? 487 HOH A O   1 
HETATM 1404 O O   . HOH C 3 .   ? 6.443   16.226  -1.950  1.00 32.99 ? 488 HOH A O   1 
HETATM 1405 O O   . HOH C 3 .   ? 14.378  -2.531  -5.605  1.00 36.52 ? 489 HOH A O   1 
HETATM 1406 O O   . HOH C 3 .   ? 5.274   -12.984 -3.853  1.00 39.18 ? 490 HOH A O   1 
HETATM 1407 O O   . HOH C 3 .   ? 9.044   -16.059 -0.489  1.00 28.79 ? 491 HOH A O   1 
HETATM 1408 O O   . HOH C 3 .   ? 11.408  2.616   6.775   1.00 43.41 ? 492 HOH A O   1 
HETATM 1409 O O   . HOH C 3 .   ? 5.832   -19.193 -0.285  1.00 31.12 ? 493 HOH A O   1 
HETATM 1410 O O   . HOH C 3 .   ? -14.875 13.467  -6.360  1.00 36.78 ? 494 HOH A O   1 
HETATM 1411 O O   . HOH C 3 .   ? 6.776   -8.939  16.779  1.00 41.10 ? 495 HOH A O   1 
HETATM 1412 O O   . HOH C 3 .   ? -8.930  -5.098  11.252  1.00 41.91 ? 496 HOH A O   1 
HETATM 1413 O O   . HOH C 3 .   ? -9.527  -5.780  7.306   1.00 30.81 ? 497 HOH A O   1 
HETATM 1414 O O   . HOH C 3 .   ? 1.400   -0.621  -23.741 1.00 42.65 ? 498 HOH A O   1 
HETATM 1415 O O   . HOH C 3 .   ? 2.018   12.381  8.043   1.00 37.88 ? 499 HOH A O   1 
HETATM 1416 O O   . HOH C 3 .   ? 1.157   -22.325 7.854   1.00 37.92 ? 500 HOH A O   1 
HETATM 1417 O O   . HOH C 3 .   ? 5.438   -6.331  -14.894 1.00 42.46 ? 501 HOH A O   1 
HETATM 1418 O O   . HOH C 3 .   ? 16.168  2.115   0.725   1.00 48.46 ? 502 HOH A O   1 
HETATM 1419 O O   . HOH C 3 .   ? -2.285  12.439  6.475   1.00 42.23 ? 503 HOH A O   1 
HETATM 1420 O O   . HOH C 3 .   ? 3.677   11.076  9.607   1.00 51.71 ? 504 HOH A O   1 
HETATM 1421 O O   . HOH C 3 .   ? 0.360   -10.383 -7.315  1.00 37.77 ? 505 HOH A O   1 
HETATM 1422 O O   . HOH C 3 .   ? 7.453   16.705  2.203   1.00 44.85 ? 506 HOH A O   1 
HETATM 1423 O O   . HOH C 3 .   ? -14.720 -1.172  12.249  1.00 33.30 ? 507 HOH A O   1 
HETATM 1424 O O   . HOH C 3 .   ? 10.371  14.138  -24.304 1.00 42.26 ? 508 HOH A O   1 
HETATM 1425 O O   . HOH C 3 .   ? 8.476   -9.243  -11.638 1.00 41.93 ? 509 HOH A O   1 
HETATM 1426 O O   . HOH C 3 .   ? -4.182  7.472   -7.210  1.00 30.06 ? 510 HOH A O   1 
HETATM 1427 O O   . HOH C 3 .   ? 1.209   4.120   -17.719 1.00 42.55 ? 511 HOH A O   1 
HETATM 1428 O O   . HOH C 3 .   ? 0.799   -15.227 -4.846  1.00 26.70 ? 512 HOH A O   1 
# 
loop_
_pdbx_poly_seq_scheme.asym_id 
_pdbx_poly_seq_scheme.entity_id 
_pdbx_poly_seq_scheme.seq_id 
_pdbx_poly_seq_scheme.mon_id 
_pdbx_poly_seq_scheme.ndb_seq_num 
_pdbx_poly_seq_scheme.pdb_seq_num 
_pdbx_poly_seq_scheme.auth_seq_num 
_pdbx_poly_seq_scheme.pdb_mon_id 
_pdbx_poly_seq_scheme.auth_mon_id 
_pdbx_poly_seq_scheme.pdb_strand_id 
_pdbx_poly_seq_scheme.pdb_ins_code 
_pdbx_poly_seq_scheme.hetero 
A 1 1   VAL 1   21  ?   ?   ?   A . n 
A 1 2   ALA 2   22  ?   ?   ?   A . n 
A 1 3   PHE 3   23  ?   ?   ?   A . n 
A 1 4   GLY 4   24  ?   ?   ?   A . n 
A 1 5   ALA 5   25  ?   ?   ?   A . n 
A 1 6   ASP 6   26  ?   ?   ?   A . n 
A 1 7   ALA 7   27  ?   ?   ?   A . n 
A 1 8   ALA 8   28  28  ALA ALA A . n 
A 1 9   LYS 9   29  29  LYS LYS A . n 
A 1 10  THR 10  30  30  THR THR A . n 
A 1 11  THR 11  31  31  THR THR A . n 
A 1 12  GLN 12  32  32  GLN GLN A . n 
A 1 13  GLU 13  33  33  GLU GLU A . n 
A 1 14  LYS 14  34  34  LYS LYS A . n 
A 1 15  PHE 15  35  35  PHE PHE A . n 
A 1 16  ASP 16  36  36  ASP ASP A . n 
A 1 17  ALA 17  37  37  ALA ALA A . n 
A 1 18  LEU 18  38  38  LEU LEU A . n 
A 1 19  LYS 19  39  39  LYS LYS A . n 
A 1 20  GLU 20  40  40  GLU GLU A . n 
A 1 21  ALA 21  41  41  ALA ALA A . n 
A 1 22  GLY 22  42  42  GLY GLY A . n 
A 1 23  VAL 23  43  43  VAL VAL A . n 
A 1 24  PHE 24  44  44  PHE PHE A . n 
A 1 25  SER 25  45  45  SER SER A . n 
A 1 26  ALA 26  46  46  ALA ALA A . n 
A 1 27  TYR 27  47  47  TYR TYR A . n 
A 1 28  PRO 28  48  48  PRO PRO A . n 
A 1 29  GLY 29  49  49  GLY GLY A . n 
A 1 30  THR 30  50  50  THR THR A . n 
A 1 31  THR 31  51  51  THR THR A . n 
A 1 32  ASP 32  52  52  ASP ASP A . n 
A 1 33  ALA 33  53  53  ALA ALA A . n 
A 1 34  LYS 34  54  54  LYS LYS A . n 
A 1 35  LEU 35  55  55  LEU LEU A . n 
A 1 36  GLY 36  56  56  GLY GLY A . n 
A 1 37  GLN 37  57  57  GLN GLN A . n 
A 1 38  ASP 38  58  58  ASP ASP A . n 
A 1 39  MET 39  59  59  MET MET A . n 
A 1 40  THR 40  60  60  THR THR A . n 
A 1 41  ARG 41  61  61  ARG ARG A . n 
A 1 42  ALA 42  62  62  ALA ALA A . n 
A 1 43  GLU 43  63  63  GLU GLU A . n 
A 1 44  PHE 44  64  64  PHE PHE A . n 
A 1 45  ALA 45  65  65  ALA ALA A . n 
A 1 46  LYS 46  66  66  LYS LYS A . n 
A 1 47  VAL 47  67  67  VAL VAL A . n 
A 1 48  LEU 48  68  68  LEU LEU A . n 
A 1 49  VAL 49  69  69  VAL VAL A . n 
A 1 50  LYS 50  70  70  LYS LYS A . n 
A 1 51  LEU 51  71  71  LEU LEU A . n 
A 1 52  PHE 52  72  72  PHE PHE A . n 
A 1 53  GLY 53  73  73  GLY GLY A . n 
A 1 54  LEU 54  74  74  LEU LEU A . n 
A 1 55  LYS 55  75  75  LYS LYS A . n 
A 1 56  GLU 56  76  76  GLU GLU A . n 
A 1 57  ILE 57  77  77  ILE ILE A . n 
A 1 58  HIS 58  78  78  HIS HIS A . n 
A 1 59  GLY 59  79  79  GLY GLY A . n 
A 1 60  GLN 60  80  80  GLN GLN A . n 
A 1 61  TYR 61  81  81  TYR TYR A . n 
A 1 62  SER 62  82  82  SER SER A . n 
A 1 63  TYR 63  83  83  TYR TYR A . n 
A 1 64  LYS 64  84  84  LYS LYS A . n 
A 1 65  ASP 65  85  85  ASP ASP A . n 
A 1 66  LYS 66  86  86  LYS LYS A . n 
A 1 67  ASN 67  87  87  ASN ASN A . n 
A 1 68  TYR 68  88  88  TYR TYR A . n 
A 1 69  ASP 69  89  89  ASP ASP A . n 
A 1 70  ALA 70  90  90  ALA ALA A . n 
A 1 71  LYS 71  91  91  LYS LYS A . n 
A 1 72  ASN 72  92  92  ASN ASN A . n 
A 1 73  TRP 73  93  93  TRP TRP A . n 
A 1 74  ALA 74  94  94  ALA ALA A . n 
A 1 75  ALA 75  95  95  ALA ALA A . n 
A 1 76  PRO 76  96  96  PRO PRO A . n 
A 1 77  PHE 77  97  97  PHE PHE A . n 
A 1 78  ILE 78  98  98  ILE ILE A . n 
A 1 79  GLU 79  99  99  GLU GLU A . n 
A 1 80  ALA 80  100 100 ALA ALA A . n 
A 1 81  VAL 81  101 101 VAL VAL A . n 
A 1 82  THR 82  102 102 THR THR A . n 
A 1 83  ALA 83  103 103 ALA ALA A . n 
A 1 84  GLU 84  104 104 GLU GLU A . n 
A 1 85  GLY 85  105 105 GLY GLY A . n 
A 1 86  LEU 86  106 106 LEU LEU A . n 
A 1 87  MET 87  107 107 MET MET A . n 
A 1 88  GLN 88  108 108 GLN GLN A . n 
A 1 89  ALA 89  109 109 ALA ALA A . n 
A 1 90  LYS 90  110 110 LYS LYS A . n 
A 1 91  ASP 91  111 111 ASP ASP A . n 
A 1 92  LEU 92  112 112 LEU LEU A . n 
A 1 93  THR 93  113 113 THR THR A . n 
A 1 94  LYS 94  114 114 LYS LYS A . n 
A 1 95  LYS 95  115 115 LYS LYS A . n 
A 1 96  ILE 96  116 116 ILE ILE A . n 
A 1 97  PHE 97  117 117 PHE PHE A . n 
A 1 98  ASP 98  118 118 ASP ASP A . n 
A 1 99  PHE 99  119 119 PHE PHE A . n 
A 1 100 ASN 100 120 120 ASN ASN A . n 
A 1 101 GLY 101 121 121 GLY GLY A . n 
A 1 102 LYS 102 122 122 LYS LYS A . n 
A 1 103 ILE 103 123 123 ILE ILE A . n 
A 1 104 THR 104 124 124 THR THR A . n 
A 1 105 VAL 105 125 125 VAL VAL A . n 
A 1 106 GLU 106 126 126 GLU GLU A . n 
A 1 107 GLU 107 127 127 GLU GLU A . n 
A 1 108 ALA 108 128 128 ALA ALA A . n 
A 1 109 SER 109 129 129 SER SER A . n 
A 1 110 LYS 110 130 130 LYS LYS A . n 
A 1 111 THR 111 131 131 THR THR A . n 
A 1 112 LEU 112 132 132 LEU LEU A . n 
A 1 113 VAL 113 133 133 VAL VAL A . n 
A 1 114 THR 114 134 134 THR THR A . n 
A 1 115 ALA 115 135 135 ALA ALA A . n 
A 1 116 LEU 116 136 136 LEU LEU A . n 
A 1 117 LYS 117 137 137 LYS LYS A . n 
A 1 118 LEU 118 138 138 LEU LEU A . n 
A 1 119 GLU 119 139 139 GLU GLU A . n 
A 1 120 PRO 120 140 140 PRO PRO A . n 
A 1 121 VAL 121 141 141 VAL VAL A . n 
A 1 122 LYS 122 142 142 LYS LYS A . n 
A 1 123 ASP 123 143 143 ASP ASP A . n 
A 1 124 ALA 124 144 144 ALA ALA A . n 
A 1 125 GLN 125 145 145 GLN GLN A . n 
A 1 126 ASN 126 146 146 ASN ASN A . n 
A 1 127 LYS 127 147 147 LYS LYS A . n 
A 1 128 ALA 128 148 148 ALA ALA A . n 
A 1 129 THR 129 149 149 THR THR A . n 
A 1 130 ASP 130 150 150 ASP ASP A . n 
A 1 131 TRP 131 151 151 TRP TRP A . n 
A 1 132 ALA 132 152 152 ALA ALA A . n 
A 1 133 LYS 133 153 153 LYS LYS A . n 
A 1 134 GLY 134 154 154 GLY GLY A . n 
A 1 135 TYR 135 155 155 TYR TYR A . n 
A 1 136 PHE 136 156 156 PHE PHE A . n 
A 1 137 GLU 137 157 157 GLU GLU A . n 
A 1 138 ALA 138 158 158 ALA ALA A . n 
A 1 139 ALA 139 159 159 ALA ALA A . n 
A 1 140 VAL 140 160 160 VAL VAL A . n 
A 1 141 ASN 141 161 161 ASN ASN A . n 
A 1 142 ALA 142 162 162 ALA ALA A . n 
A 1 143 GLY 143 163 163 GLY GLY A . n 
A 1 144 LEU 144 164 164 LEU LEU A . n 
A 1 145 PHE 145 165 165 PHE PHE A . n 
A 1 146 SER 146 166 166 SER SER A . n 
A 1 147 LYS 147 167 167 LYS LYS A . n 
A 1 148 ASP 148 168 168 ASP ASP A . n 
A 1 149 ALA 149 169 169 ALA ALA A . n 
A 1 150 ASN 150 170 170 ASN ASN A . n 
A 1 151 PRO 151 171 171 PRO PRO A . n 
A 1 152 LYS 152 172 172 LYS LYS A . n 
A 1 153 ALA 153 173 173 ALA ALA A . n 
A 1 154 ASN 154 174 174 ASN ASN A . n 
A 1 155 ALA 155 175 175 ALA ALA A . n 
A 1 156 THR 156 176 176 THR THR A . n 
A 1 157 ARG 157 177 177 ARG ARG A . n 
A 1 158 ALA 158 178 178 ALA ALA A . n 
A 1 159 GLN 159 179 179 GLN GLN A . n 
A 1 160 LEU 160 180 180 LEU LEU A . n 
A 1 161 VAL 161 181 181 VAL VAL A . n 
A 1 162 GLU 162 182 182 GLU GLU A . n 
A 1 163 ALA 163 183 183 ALA ALA A . n 
A 1 164 ALA 164 184 184 ALA ALA A . n 
A 1 165 PHE 165 185 185 PHE PHE A . n 
A 1 166 ALA 166 186 186 ALA ALA A . n 
A 1 167 ALA 167 187 187 ALA ALA A . n 
A 1 168 ASP 168 188 188 ASP ASP A . n 
A 1 169 GLU 169 189 189 GLU GLU A . n 
A 1 170 MET 170 190 190 MET MET A . n 
A 1 171 SER 171 191 191 SER SER A . n 
A 1 172 LYS 172 192 192 LYS LYS A . n 
A 1 173 GLY 173 193 ?   ?   ?   A . n 
A 1 174 SER 174 194 ?   ?   ?   A . n 
A 1 175 GLY 175 195 ?   ?   ?   A . n 
A 1 176 SER 176 196 ?   ?   ?   A . n 
A 1 177 HIS 177 197 ?   ?   ?   A . n 
A 1 178 HIS 178 198 ?   ?   ?   A . n 
A 1 179 HIS 179 199 ?   ?   ?   A . n 
A 1 180 HIS 180 200 ?   ?   ?   A . n 
A 1 181 HIS 181 201 ?   ?   ?   A . n 
A 1 182 HIS 182 202 ?   ?   ?   A . n 
# 
_pdbx_contact_author.id                 2 
_pdbx_contact_author.email              svevans@uvic.ca 
_pdbx_contact_author.name_first         Stephen 
_pdbx_contact_author.name_last          Evans 
_pdbx_contact_author.name_mi            V. 
_pdbx_contact_author.role               'principal investigator/group leader' 
_pdbx_contact_author.identifier_ORCID   0000-0002-0366-4027 
# 
loop_
_pdbx_nonpoly_scheme.asym_id 
_pdbx_nonpoly_scheme.entity_id 
_pdbx_nonpoly_scheme.mon_id 
_pdbx_nonpoly_scheme.ndb_seq_num 
_pdbx_nonpoly_scheme.pdb_seq_num 
_pdbx_nonpoly_scheme.auth_seq_num 
_pdbx_nonpoly_scheme.pdb_mon_id 
_pdbx_nonpoly_scheme.auth_mon_id 
_pdbx_nonpoly_scheme.pdb_strand_id 
_pdbx_nonpoly_scheme.pdb_ins_code 
B 2 D2Y 1   301 201 D2Y DRG A . 
C 3 HOH 1   401 24  HOH HOH A . 
C 3 HOH 2   402 34  HOH HOH A . 
C 3 HOH 3   403 64  HOH HOH A . 
C 3 HOH 4   404 13  HOH HOH A . 
C 3 HOH 5   405 6   HOH HOH A . 
C 3 HOH 6   406 41  HOH HOH A . 
C 3 HOH 7   407 77  HOH HOH A . 
C 3 HOH 8   408 76  HOH HOH A . 
C 3 HOH 9   409 7   HOH HOH A . 
C 3 HOH 10  410 106 HOH HOH A . 
C 3 HOH 11  411 32  HOH HOH A . 
C 3 HOH 12  412 50  HOH HOH A . 
C 3 HOH 13  413 10  HOH HOH A . 
C 3 HOH 14  414 94  HOH HOH A . 
C 3 HOH 15  415 78  HOH HOH A . 
C 3 HOH 16  416 111 HOH HOH A . 
C 3 HOH 17  417 28  HOH HOH A . 
C 3 HOH 18  418 8   HOH HOH A . 
C 3 HOH 19  419 62  HOH HOH A . 
C 3 HOH 20  420 65  HOH HOH A . 
C 3 HOH 21  421 54  HOH HOH A . 
C 3 HOH 22  422 3   HOH HOH A . 
C 3 HOH 23  423 91  HOH HOH A . 
C 3 HOH 24  424 25  HOH HOH A . 
C 3 HOH 25  425 102 HOH HOH A . 
C 3 HOH 26  426 70  HOH HOH A . 
C 3 HOH 27  427 44  HOH HOH A . 
C 3 HOH 28  428 100 HOH HOH A . 
C 3 HOH 29  429 30  HOH HOH A . 
C 3 HOH 30  430 37  HOH HOH A . 
C 3 HOH 31  431 17  HOH HOH A . 
C 3 HOH 32  432 60  HOH HOH A . 
C 3 HOH 33  433 107 HOH HOH A . 
C 3 HOH 34  434 9   HOH HOH A . 
C 3 HOH 35  435 52  HOH HOH A . 
C 3 HOH 36  436 61  HOH HOH A . 
C 3 HOH 37  437 15  HOH HOH A . 
C 3 HOH 38  438 63  HOH HOH A . 
C 3 HOH 39  439 5   HOH HOH A . 
C 3 HOH 40  440 40  HOH HOH A . 
C 3 HOH 41  441 12  HOH HOH A . 
C 3 HOH 42  442 88  HOH HOH A . 
C 3 HOH 43  443 18  HOH HOH A . 
C 3 HOH 44  444 82  HOH HOH A . 
C 3 HOH 45  445 75  HOH HOH A . 
C 3 HOH 46  446 23  HOH HOH A . 
C 3 HOH 47  447 104 HOH HOH A . 
C 3 HOH 48  448 19  HOH HOH A . 
C 3 HOH 49  449 1   HOH HOH A . 
C 3 HOH 50  450 48  HOH HOH A . 
C 3 HOH 51  451 14  HOH HOH A . 
C 3 HOH 52  452 29  HOH HOH A . 
C 3 HOH 53  453 97  HOH HOH A . 
C 3 HOH 54  454 58  HOH HOH A . 
C 3 HOH 55  455 43  HOH HOH A . 
C 3 HOH 56  456 68  HOH HOH A . 
C 3 HOH 57  457 87  HOH HOH A . 
C 3 HOH 58  458 53  HOH HOH A . 
C 3 HOH 59  459 49  HOH HOH A . 
C 3 HOH 60  460 51  HOH HOH A . 
C 3 HOH 61  461 57  HOH HOH A . 
C 3 HOH 62  462 46  HOH HOH A . 
C 3 HOH 63  463 56  HOH HOH A . 
C 3 HOH 64  464 85  HOH HOH A . 
C 3 HOH 65  465 79  HOH HOH A . 
C 3 HOH 66  466 22  HOH HOH A . 
C 3 HOH 67  467 81  HOH HOH A . 
C 3 HOH 68  468 2   HOH HOH A . 
C 3 HOH 69  469 105 HOH HOH A . 
C 3 HOH 70  470 73  HOH HOH A . 
C 3 HOH 71  471 72  HOH HOH A . 
C 3 HOH 72  472 21  HOH HOH A . 
C 3 HOH 73  473 16  HOH HOH A . 
C 3 HOH 74  474 4   HOH HOH A . 
C 3 HOH 75  475 11  HOH HOH A . 
C 3 HOH 76  476 20  HOH HOH A . 
C 3 HOH 77  477 108 HOH HOH A . 
C 3 HOH 78  478 93  HOH HOH A . 
C 3 HOH 79  479 27  HOH HOH A . 
C 3 HOH 80  480 47  HOH HOH A . 
C 3 HOH 81  481 39  HOH HOH A . 
C 3 HOH 82  482 55  HOH HOH A . 
C 3 HOH 83  483 42  HOH HOH A . 
C 3 HOH 84  484 38  HOH HOH A . 
C 3 HOH 85  485 33  HOH HOH A . 
C 3 HOH 86  486 99  HOH HOH A . 
C 3 HOH 87  487 83  HOH HOH A . 
C 3 HOH 88  488 101 HOH HOH A . 
C 3 HOH 89  489 59  HOH HOH A . 
C 3 HOH 90  490 112 HOH HOH A . 
C 3 HOH 91  491 69  HOH HOH A . 
C 3 HOH 92  492 110 HOH HOH A . 
C 3 HOH 93  493 66  HOH HOH A . 
C 3 HOH 94  494 98  HOH HOH A . 
C 3 HOH 95  495 86  HOH HOH A . 
C 3 HOH 96  496 80  HOH HOH A . 
C 3 HOH 97  497 71  HOH HOH A . 
C 3 HOH 98  498 90  HOH HOH A . 
C 3 HOH 99  499 89  HOH HOH A . 
C 3 HOH 100 500 92  HOH HOH A . 
C 3 HOH 101 501 96  HOH HOH A . 
C 3 HOH 102 502 109 HOH HOH A . 
C 3 HOH 103 503 45  HOH HOH A . 
C 3 HOH 104 504 35  HOH HOH A . 
C 3 HOH 105 505 31  HOH HOH A . 
C 3 HOH 106 506 36  HOH HOH A . 
C 3 HOH 107 507 74  HOH HOH A . 
C 3 HOH 108 508 84  HOH HOH A . 
C 3 HOH 109 509 95  HOH HOH A . 
C 3 HOH 110 510 26  HOH HOH A . 
C 3 HOH 111 511 103 HOH HOH A . 
C 3 HOH 112 512 67  HOH HOH A . 
# 
_pdbx_struct_assembly.id                   1 
_pdbx_struct_assembly.details              author_defined_assembly 
_pdbx_struct_assembly.method_details       ? 
_pdbx_struct_assembly.oligomeric_details   monomeric 
_pdbx_struct_assembly.oligomeric_count     1 
# 
_pdbx_struct_assembly_gen.assembly_id       1 
_pdbx_struct_assembly_gen.oper_expression   1 
_pdbx_struct_assembly_gen.asym_id_list      A,B,C 
# 
_pdbx_struct_oper_list.id                   1 
_pdbx_struct_oper_list.type                 'identity operation' 
_pdbx_struct_oper_list.name                 1_555 
_pdbx_struct_oper_list.symmetry_operation   x,y,z 
_pdbx_struct_oper_list.matrix[1][1]         1.0000000000 
_pdbx_struct_oper_list.matrix[1][2]         0.0000000000 
_pdbx_struct_oper_list.matrix[1][3]         0.0000000000 
_pdbx_struct_oper_list.vector[1]            0.0000000000 
_pdbx_struct_oper_list.matrix[2][1]         0.0000000000 
_pdbx_struct_oper_list.matrix[2][2]         1.0000000000 
_pdbx_struct_oper_list.matrix[2][3]         0.0000000000 
_pdbx_struct_oper_list.vector[2]            0.0000000000 
_pdbx_struct_oper_list.matrix[3][1]         0.0000000000 
_pdbx_struct_oper_list.matrix[3][2]         0.0000000000 
_pdbx_struct_oper_list.matrix[3][3]         1.0000000000 
_pdbx_struct_oper_list.vector[3]            0.0000000000 
# 
loop_
_pdbx_audit_revision_history.ordinal 
_pdbx_audit_revision_history.data_content_type 
_pdbx_audit_revision_history.major_revision 
_pdbx_audit_revision_history.minor_revision 
_pdbx_audit_revision_history.revision_date 
1 'Structure model' 1 0 2022-03-09 
2 'Structure model' 1 1 2022-04-06 
3 'Structure model' 1 2 2023-10-18 
# 
_pdbx_audit_revision_details.ordinal             1 
_pdbx_audit_revision_details.revision_ordinal    1 
_pdbx_audit_revision_details.data_content_type   'Structure model' 
_pdbx_audit_revision_details.provider            repository 
_pdbx_audit_revision_details.type                'Initial release' 
_pdbx_audit_revision_details.description         ? 
_pdbx_audit_revision_details.details             ? 
# 
loop_
_pdbx_audit_revision_group.ordinal 
_pdbx_audit_revision_group.revision_ordinal 
_pdbx_audit_revision_group.data_content_type 
_pdbx_audit_revision_group.group 
1 2 'Structure model' 'Database references'    
2 3 'Structure model' 'Data collection'        
3 3 'Structure model' 'Refinement description' 
# 
loop_
_pdbx_audit_revision_category.ordinal 
_pdbx_audit_revision_category.revision_ordinal 
_pdbx_audit_revision_category.data_content_type 
_pdbx_audit_revision_category.category 
1 2 'Structure model' citation                      
2 3 'Structure model' chem_comp_atom                
3 3 'Structure model' chem_comp_bond                
4 3 'Structure model' pdbx_initial_refinement_model 
# 
_pdbx_audit_revision_item.ordinal             1 
_pdbx_audit_revision_item.revision_ordinal    2 
_pdbx_audit_revision_item.data_content_type   'Structure model' 
_pdbx_audit_revision_item.item                '_citation.journal_volume' 
# 
loop_
_software.citation_id 
_software.classification 
_software.compiler_name 
_software.compiler_version 
_software.contact_author 
_software.contact_author_email 
_software.date 
_software.description 
_software.dependencies 
_software.hardware 
_software.language 
_software.location 
_software.mods 
_software.name 
_software.os 
_software.os_version 
_software.type 
_software.version 
_software.pdbx_ordinal 
? refinement        ? ? ? ? ? ? ? ? ? ? ? REFMAC      ? ? ? 5.8.0258 1 
? 'data reduction'  ? ? ? ? ? ? ? ? ? ? ? HKL-2000    ? ? ? .        2 
? 'data extraction' ? ? ? ? ? ? ? ? ? ? ? PDB_EXTRACT ? ? ? 3.27     3 
? 'data scaling'    ? ? ? ? ? ? ? ? ? ? ? HKL-2000    ? ? ? .        4 
? phasing           ? ? ? ? ? ? ? ? ? ? ? PHASER      ? ? ? .        5 
# 
_pdbx_entry_details.entry_id                 7SV6 
_pdbx_entry_details.has_ligand_of_interest   Y 
_pdbx_entry_details.compound_details         ? 
_pdbx_entry_details.source_details           ? 
_pdbx_entry_details.nonpolymer_details       ? 
_pdbx_entry_details.sequence_details         ? 
# 
_pdbx_validate_torsion.id              1 
_pdbx_validate_torsion.PDB_model_num   1 
_pdbx_validate_torsion.auth_comp_id    ASP 
_pdbx_validate_torsion.auth_asym_id    A 
_pdbx_validate_torsion.auth_seq_id     89 
_pdbx_validate_torsion.PDB_ins_code    ? 
_pdbx_validate_torsion.label_alt_id    ? 
_pdbx_validate_torsion.phi             -172.93 
_pdbx_validate_torsion.psi             -174.21 
# 
loop_
_pdbx_unobs_or_zero_occ_atoms.id 
_pdbx_unobs_or_zero_occ_atoms.PDB_model_num 
_pdbx_unobs_or_zero_occ_atoms.polymer_flag 
_pdbx_unobs_or_zero_occ_atoms.occupancy_flag 
_pdbx_unobs_or_zero_occ_atoms.auth_asym_id 
_pdbx_unobs_or_zero_occ_atoms.auth_comp_id 
_pdbx_unobs_or_zero_occ_atoms.auth_seq_id 
_pdbx_unobs_or_zero_occ_atoms.PDB_ins_code 
_pdbx_unobs_or_zero_occ_atoms.auth_atom_id 
_pdbx_unobs_or_zero_occ_atoms.label_alt_id 
_pdbx_unobs_or_zero_occ_atoms.label_asym_id 
_pdbx_unobs_or_zero_occ_atoms.label_comp_id 
_pdbx_unobs_or_zero_occ_atoms.label_seq_id 
_pdbx_unobs_or_zero_occ_atoms.label_atom_id 
1 1 Y 1 A LYS 192 ? CG ? A LYS 172 CG 
2 1 Y 1 A LYS 192 ? CD ? A LYS 172 CD 
3 1 Y 1 A LYS 192 ? CE ? A LYS 172 CE 
4 1 Y 1 A LYS 192 ? NZ ? A LYS 172 NZ 
# 
loop_
_pdbx_unobs_or_zero_occ_residues.id 
_pdbx_unobs_or_zero_occ_residues.PDB_model_num 
_pdbx_unobs_or_zero_occ_residues.polymer_flag 
_pdbx_unobs_or_zero_occ_residues.occupancy_flag 
_pdbx_unobs_or_zero_occ_residues.auth_asym_id 
_pdbx_unobs_or_zero_occ_residues.auth_comp_id 
_pdbx_unobs_or_zero_occ_residues.auth_seq_id 
_pdbx_unobs_or_zero_occ_residues.PDB_ins_code 
_pdbx_unobs_or_zero_occ_residues.label_asym_id 
_pdbx_unobs_or_zero_occ_residues.label_comp_id 
_pdbx_unobs_or_zero_occ_residues.label_seq_id 
1  1 Y 1 A VAL 21  ? A VAL 1   
2  1 Y 1 A ALA 22  ? A ALA 2   
3  1 Y 1 A PHE 23  ? A PHE 3   
4  1 Y 1 A GLY 24  ? A GLY 4   
5  1 Y 1 A ALA 25  ? A ALA 5   
6  1 Y 1 A ASP 26  ? A ASP 6   
7  1 Y 1 A ALA 27  ? A ALA 7   
8  1 Y 1 A GLY 193 ? A GLY 173 
9  1 Y 1 A SER 194 ? A SER 174 
10 1 Y 1 A GLY 195 ? A GLY 175 
11 1 Y 1 A SER 196 ? A SER 176 
12 1 Y 1 A HIS 197 ? A HIS 177 
13 1 Y 1 A HIS 198 ? A HIS 178 
14 1 Y 1 A HIS 199 ? A HIS 179 
15 1 Y 1 A HIS 200 ? A HIS 180 
16 1 Y 1 A HIS 201 ? A HIS 181 
17 1 Y 1 A HIS 202 ? A HIS 182 
# 
loop_
_chem_comp_atom.comp_id 
_chem_comp_atom.atom_id 
_chem_comp_atom.type_symbol 
_chem_comp_atom.pdbx_aromatic_flag 
_chem_comp_atom.pdbx_stereo_config 
_chem_comp_atom.pdbx_ordinal 
ALA N    N N N 1   
ALA CA   C N S 2   
ALA C    C N N 3   
ALA O    O N N 4   
ALA CB   C N N 5   
ALA OXT  O N N 6   
ALA H    H N N 7   
ALA H2   H N N 8   
ALA HA   H N N 9   
ALA HB1  H N N 10  
ALA HB2  H N N 11  
ALA HB3  H N N 12  
ALA HXT  H N N 13  
ARG N    N N N 14  
ARG CA   C N S 15  
ARG C    C N N 16  
ARG O    O N N 17  
ARG CB   C N N 18  
ARG CG   C N N 19  
ARG CD   C N N 20  
ARG NE   N N N 21  
ARG CZ   C N N 22  
ARG NH1  N N N 23  
ARG NH2  N N N 24  
ARG OXT  O N N 25  
ARG H    H N N 26  
ARG H2   H N N 27  
ARG HA   H N N 28  
ARG HB2  H N N 29  
ARG HB3  H N N 30  
ARG HG2  H N N 31  
ARG HG3  H N N 32  
ARG HD2  H N N 33  
ARG HD3  H N N 34  
ARG HE   H N N 35  
ARG HH11 H N N 36  
ARG HH12 H N N 37  
ARG HH21 H N N 38  
ARG HH22 H N N 39  
ARG HXT  H N N 40  
ASN N    N N N 41  
ASN CA   C N S 42  
ASN C    C N N 43  
ASN O    O N N 44  
ASN CB   C N N 45  
ASN CG   C N N 46  
ASN OD1  O N N 47  
ASN ND2  N N N 48  
ASN OXT  O N N 49  
ASN H    H N N 50  
ASN H2   H N N 51  
ASN HA   H N N 52  
ASN HB2  H N N 53  
ASN HB3  H N N 54  
ASN HD21 H N N 55  
ASN HD22 H N N 56  
ASN HXT  H N N 57  
ASP N    N N N 58  
ASP CA   C N S 59  
ASP C    C N N 60  
ASP O    O N N 61  
ASP CB   C N N 62  
ASP CG   C N N 63  
ASP OD1  O N N 64  
ASP OD2  O N N 65  
ASP OXT  O N N 66  
ASP H    H N N 67  
ASP H2   H N N 68  
ASP HA   H N N 69  
ASP HB2  H N N 70  
ASP HB3  H N N 71  
ASP HD2  H N N 72  
ASP HXT  H N N 73  
D2Y C4   C N S 74  
D2Y C5   C N R 75  
D2Y C6   C N N 76  
D2Y C7   C N N 77  
D2Y C8   C N N 78  
D2Y N2   N N N 79  
D2Y C3   C N R 80  
D2Y O7   O N N 81  
D2Y C2   C N S 82  
D2Y O3   O N N 83  
D2Y O4   O N N 84  
D2Y CAO  C N S 85  
D2Y CAQ  C N N 86  
D2Y CAP  C N N 87  
D2Y OAS  O N N 88  
D2Y OAR  O N N 89  
D2Y O6   O N N 90  
D2Y O5   O N N 91  
D2Y C1   C N S 92  
D2Y O1   O N N 93  
D2Y CAZ  C N S 94  
D2Y CAY  C N R 95  
D2Y OBA  O N N 96  
D2Y CAU  C N R 97  
D2Y CBB  C N N 98  
D2Y OBC  O N N 99  
D2Y OAV  O N N 100 
D2Y CAW  C N R 101 
D2Y OBD  O N N 102 
D2Y CBI  C N N 103 
D2Y CAX  C N R 104 
D2Y NBE  N N N 105 
D2Y CBF  C N N 106 
D2Y OBH  O N N 107 
D2Y CBG  C N N 108 
D2Y H1   H N N 109 
D2Y H2   H N N 110 
D2Y H3   H N N 111 
D2Y H4   H N N 112 
D2Y H5   H N N 113 
D2Y H6   H N N 114 
D2Y H7   H N N 115 
D2Y H8   H N N 116 
D2Y H9   H N N 117 
D2Y H10  H N N 118 
D2Y H11  H N N 119 
D2Y H12  H N N 120 
D2Y H13  H N N 121 
D2Y H14  H N N 122 
D2Y H15  H N N 123 
D2Y H16  H N N 124 
D2Y H17  H N N 125 
D2Y H18  H N N 126 
D2Y H19  H N N 127 
D2Y H20  H N N 128 
D2Y H21  H N N 129 
D2Y H22  H N N 130 
D2Y H23  H N N 131 
D2Y H24  H N N 132 
D2Y H25  H N N 133 
D2Y H26  H N N 134 
D2Y H27  H N N 135 
D2Y H28  H N N 136 
D2Y H29  H N N 137 
D2Y H30  H N N 138 
D2Y H31  H N N 139 
D2Y H32  H N N 140 
GLN N    N N N 141 
GLN CA   C N S 142 
GLN C    C N N 143 
GLN O    O N N 144 
GLN CB   C N N 145 
GLN CG   C N N 146 
GLN CD   C N N 147 
GLN OE1  O N N 148 
GLN NE2  N N N 149 
GLN OXT  O N N 150 
GLN H    H N N 151 
GLN H2   H N N 152 
GLN HA   H N N 153 
GLN HB2  H N N 154 
GLN HB3  H N N 155 
GLN HG2  H N N 156 
GLN HG3  H N N 157 
GLN HE21 H N N 158 
GLN HE22 H N N 159 
GLN HXT  H N N 160 
GLU N    N N N 161 
GLU CA   C N S 162 
GLU C    C N N 163 
GLU O    O N N 164 
GLU CB   C N N 165 
GLU CG   C N N 166 
GLU CD   C N N 167 
GLU OE1  O N N 168 
GLU OE2  O N N 169 
GLU OXT  O N N 170 
GLU H    H N N 171 
GLU H2   H N N 172 
GLU HA   H N N 173 
GLU HB2  H N N 174 
GLU HB3  H N N 175 
GLU HG2  H N N 176 
GLU HG3  H N N 177 
GLU HE2  H N N 178 
GLU HXT  H N N 179 
GLY N    N N N 180 
GLY CA   C N N 181 
GLY C    C N N 182 
GLY O    O N N 183 
GLY OXT  O N N 184 
GLY H    H N N 185 
GLY H2   H N N 186 
GLY HA2  H N N 187 
GLY HA3  H N N 188 
GLY HXT  H N N 189 
HIS N    N N N 190 
HIS CA   C N S 191 
HIS C    C N N 192 
HIS O    O N N 193 
HIS CB   C N N 194 
HIS CG   C Y N 195 
HIS ND1  N Y N 196 
HIS CD2  C Y N 197 
HIS CE1  C Y N 198 
HIS NE2  N Y N 199 
HIS OXT  O N N 200 
HIS H    H N N 201 
HIS H2   H N N 202 
HIS HA   H N N 203 
HIS HB2  H N N 204 
HIS HB3  H N N 205 
HIS HD1  H N N 206 
HIS HD2  H N N 207 
HIS HE1  H N N 208 
HIS HE2  H N N 209 
HIS HXT  H N N 210 
HOH O    O N N 211 
HOH H1   H N N 212 
HOH H2   H N N 213 
ILE N    N N N 214 
ILE CA   C N S 215 
ILE C    C N N 216 
ILE O    O N N 217 
ILE CB   C N S 218 
ILE CG1  C N N 219 
ILE CG2  C N N 220 
ILE CD1  C N N 221 
ILE OXT  O N N 222 
ILE H    H N N 223 
ILE H2   H N N 224 
ILE HA   H N N 225 
ILE HB   H N N 226 
ILE HG12 H N N 227 
ILE HG13 H N N 228 
ILE HG21 H N N 229 
ILE HG22 H N N 230 
ILE HG23 H N N 231 
ILE HD11 H N N 232 
ILE HD12 H N N 233 
ILE HD13 H N N 234 
ILE HXT  H N N 235 
LEU N    N N N 236 
LEU CA   C N S 237 
LEU C    C N N 238 
LEU O    O N N 239 
LEU CB   C N N 240 
LEU CG   C N N 241 
LEU CD1  C N N 242 
LEU CD2  C N N 243 
LEU OXT  O N N 244 
LEU H    H N N 245 
LEU H2   H N N 246 
LEU HA   H N N 247 
LEU HB2  H N N 248 
LEU HB3  H N N 249 
LEU HG   H N N 250 
LEU HD11 H N N 251 
LEU HD12 H N N 252 
LEU HD13 H N N 253 
LEU HD21 H N N 254 
LEU HD22 H N N 255 
LEU HD23 H N N 256 
LEU HXT  H N N 257 
LYS N    N N N 258 
LYS CA   C N S 259 
LYS C    C N N 260 
LYS O    O N N 261 
LYS CB   C N N 262 
LYS CG   C N N 263 
LYS CD   C N N 264 
LYS CE   C N N 265 
LYS NZ   N N N 266 
LYS OXT  O N N 267 
LYS H    H N N 268 
LYS H2   H N N 269 
LYS HA   H N N 270 
LYS HB2  H N N 271 
LYS HB3  H N N 272 
LYS HG2  H N N 273 
LYS HG3  H N N 274 
LYS HD2  H N N 275 
LYS HD3  H N N 276 
LYS HE2  H N N 277 
LYS HE3  H N N 278 
LYS HZ1  H N N 279 
LYS HZ2  H N N 280 
LYS HZ3  H N N 281 
LYS HXT  H N N 282 
MET N    N N N 283 
MET CA   C N S 284 
MET C    C N N 285 
MET O    O N N 286 
MET CB   C N N 287 
MET CG   C N N 288 
MET SD   S N N 289 
MET CE   C N N 290 
MET OXT  O N N 291 
MET H    H N N 292 
MET H2   H N N 293 
MET HA   H N N 294 
MET HB2  H N N 295 
MET HB3  H N N 296 
MET HG2  H N N 297 
MET HG3  H N N 298 
MET HE1  H N N 299 
MET HE2  H N N 300 
MET HE3  H N N 301 
MET HXT  H N N 302 
PHE N    N N N 303 
PHE CA   C N S 304 
PHE C    C N N 305 
PHE O    O N N 306 
PHE CB   C N N 307 
PHE CG   C Y N 308 
PHE CD1  C Y N 309 
PHE CD2  C Y N 310 
PHE CE1  C Y N 311 
PHE CE2  C Y N 312 
PHE CZ   C Y N 313 
PHE OXT  O N N 314 
PHE H    H N N 315 
PHE H2   H N N 316 
PHE HA   H N N 317 
PHE HB2  H N N 318 
PHE HB3  H N N 319 
PHE HD1  H N N 320 
PHE HD2  H N N 321 
PHE HE1  H N N 322 
PHE HE2  H N N 323 
PHE HZ   H N N 324 
PHE HXT  H N N 325 
PRO N    N N N 326 
PRO CA   C N S 327 
PRO C    C N N 328 
PRO O    O N N 329 
PRO CB   C N N 330 
PRO CG   C N N 331 
PRO CD   C N N 332 
PRO OXT  O N N 333 
PRO H    H N N 334 
PRO HA   H N N 335 
PRO HB2  H N N 336 
PRO HB3  H N N 337 
PRO HG2  H N N 338 
PRO HG3  H N N 339 
PRO HD2  H N N 340 
PRO HD3  H N N 341 
PRO HXT  H N N 342 
SER N    N N N 343 
SER CA   C N S 344 
SER C    C N N 345 
SER O    O N N 346 
SER CB   C N N 347 
SER OG   O N N 348 
SER OXT  O N N 349 
SER H    H N N 350 
SER H2   H N N 351 
SER HA   H N N 352 
SER HB2  H N N 353 
SER HB3  H N N 354 
SER HG   H N N 355 
SER HXT  H N N 356 
THR N    N N N 357 
THR CA   C N S 358 
THR C    C N N 359 
THR O    O N N 360 
THR CB   C N R 361 
THR OG1  O N N 362 
THR CG2  C N N 363 
THR OXT  O N N 364 
THR H    H N N 365 
THR H2   H N N 366 
THR HA   H N N 367 
THR HB   H N N 368 
THR HG1  H N N 369 
THR HG21 H N N 370 
THR HG22 H N N 371 
THR HG23 H N N 372 
THR HXT  H N N 373 
TRP N    N N N 374 
TRP CA   C N S 375 
TRP C    C N N 376 
TRP O    O N N 377 
TRP CB   C N N 378 
TRP CG   C Y N 379 
TRP CD1  C Y N 380 
TRP CD2  C Y N 381 
TRP NE1  N Y N 382 
TRP CE2  C Y N 383 
TRP CE3  C Y N 384 
TRP CZ2  C Y N 385 
TRP CZ3  C Y N 386 
TRP CH2  C Y N 387 
TRP OXT  O N N 388 
TRP H    H N N 389 
TRP H2   H N N 390 
TRP HA   H N N 391 
TRP HB2  H N N 392 
TRP HB3  H N N 393 
TRP HD1  H N N 394 
TRP HE1  H N N 395 
TRP HE3  H N N 396 
TRP HZ2  H N N 397 
TRP HZ3  H N N 398 
TRP HH2  H N N 399 
TRP HXT  H N N 400 
TYR N    N N N 401 
TYR CA   C N S 402 
TYR C    C N N 403 
TYR O    O N N 404 
TYR CB   C N N 405 
TYR CG   C Y N 406 
TYR CD1  C Y N 407 
TYR CD2  C Y N 408 
TYR CE1  C Y N 409 
TYR CE2  C Y N 410 
TYR CZ   C Y N 411 
TYR OH   O N N 412 
TYR OXT  O N N 413 
TYR H    H N N 414 
TYR H2   H N N 415 
TYR HA   H N N 416 
TYR HB2  H N N 417 
TYR HB3  H N N 418 
TYR HD1  H N N 419 
TYR HD2  H N N 420 
TYR HE1  H N N 421 
TYR HE2  H N N 422 
TYR HH   H N N 423 
TYR HXT  H N N 424 
VAL N    N N N 425 
VAL CA   C N S 426 
VAL C    C N N 427 
VAL O    O N N 428 
VAL CB   C N N 429 
VAL CG1  C N N 430 
VAL CG2  C N N 431 
VAL OXT  O N N 432 
VAL H    H N N 433 
VAL H2   H N N 434 
VAL HA   H N N 435 
VAL HB   H N N 436 
VAL HG11 H N N 437 
VAL HG12 H N N 438 
VAL HG13 H N N 439 
VAL HG21 H N N 440 
VAL HG22 H N N 441 
VAL HG23 H N N 442 
VAL HXT  H N N 443 
# 
loop_
_chem_comp_bond.comp_id 
_chem_comp_bond.atom_id_1 
_chem_comp_bond.atom_id_2 
_chem_comp_bond.value_order 
_chem_comp_bond.pdbx_aromatic_flag 
_chem_comp_bond.pdbx_stereo_config 
_chem_comp_bond.pdbx_ordinal 
ALA N   CA   sing N N 1   
ALA N   H    sing N N 2   
ALA N   H2   sing N N 3   
ALA CA  C    sing N N 4   
ALA CA  CB   sing N N 5   
ALA CA  HA   sing N N 6   
ALA C   O    doub N N 7   
ALA C   OXT  sing N N 8   
ALA CB  HB1  sing N N 9   
ALA CB  HB2  sing N N 10  
ALA CB  HB3  sing N N 11  
ALA OXT HXT  sing N N 12  
ARG N   CA   sing N N 13  
ARG N   H    sing N N 14  
ARG N   H2   sing N N 15  
ARG CA  C    sing N N 16  
ARG CA  CB   sing N N 17  
ARG CA  HA   sing N N 18  
ARG C   O    doub N N 19  
ARG C   OXT  sing N N 20  
ARG CB  CG   sing N N 21  
ARG CB  HB2  sing N N 22  
ARG CB  HB3  sing N N 23  
ARG CG  CD   sing N N 24  
ARG CG  HG2  sing N N 25  
ARG CG  HG3  sing N N 26  
ARG CD  NE   sing N N 27  
ARG CD  HD2  sing N N 28  
ARG CD  HD3  sing N N 29  
ARG NE  CZ   sing N N 30  
ARG NE  HE   sing N N 31  
ARG CZ  NH1  sing N N 32  
ARG CZ  NH2  doub N N 33  
ARG NH1 HH11 sing N N 34  
ARG NH1 HH12 sing N N 35  
ARG NH2 HH21 sing N N 36  
ARG NH2 HH22 sing N N 37  
ARG OXT HXT  sing N N 38  
ASN N   CA   sing N N 39  
ASN N   H    sing N N 40  
ASN N   H2   sing N N 41  
ASN CA  C    sing N N 42  
ASN CA  CB   sing N N 43  
ASN CA  HA   sing N N 44  
ASN C   O    doub N N 45  
ASN C   OXT  sing N N 46  
ASN CB  CG   sing N N 47  
ASN CB  HB2  sing N N 48  
ASN CB  HB3  sing N N 49  
ASN CG  OD1  doub N N 50  
ASN CG  ND2  sing N N 51  
ASN ND2 HD21 sing N N 52  
ASN ND2 HD22 sing N N 53  
ASN OXT HXT  sing N N 54  
ASP N   CA   sing N N 55  
ASP N   H    sing N N 56  
ASP N   H2   sing N N 57  
ASP CA  C    sing N N 58  
ASP CA  CB   sing N N 59  
ASP CA  HA   sing N N 60  
ASP C   O    doub N N 61  
ASP C   OXT  sing N N 62  
ASP CB  CG   sing N N 63  
ASP CB  HB2  sing N N 64  
ASP CB  HB3  sing N N 65  
ASP CG  OD1  doub N N 66  
ASP CG  OD2  sing N N 67  
ASP OD2 HD2  sing N N 68  
ASP OXT HXT  sing N N 69  
D2Y OBH CBF  doub N N 70  
D2Y OBD CBI  sing N N 71  
D2Y OBD CAW  sing N N 72  
D2Y CBF CBG  sing N N 73  
D2Y CBF NBE  sing N N 74  
D2Y CAX CAW  sing N N 75  
D2Y CAX NBE  sing N N 76  
D2Y CAX CAY  sing N N 77  
D2Y OBA CAY  sing N N 78  
D2Y CAW OAV  sing N N 79  
D2Y OAV CAU  sing N N 80  
D2Y CAY CAZ  sing N N 81  
D2Y OBC CBB  sing N N 82  
D2Y CAZ CAU  sing N N 83  
D2Y CAZ O1   sing N N 84  
D2Y CAQ CAO  sing N N 85  
D2Y O6  C6   sing N N 86  
D2Y O6  CAO  sing N N 87  
D2Y C5  C6   sing N N 88  
D2Y C5  O5   sing N N 89  
D2Y C5  C4   sing N N 90  
D2Y C1  O5   sing N N 91  
D2Y C1  O1   sing N N 92  
D2Y C1  C2   sing N N 93  
D2Y CAU CBB  sing N N 94  
D2Y O4  CAO  sing N N 95  
D2Y O4  C4   sing N N 96  
D2Y CAO CAP  sing N N 97  
D2Y C3  C4   sing N N 98  
D2Y C3  C2   sing N N 99  
D2Y C3  O3   sing N N 100 
D2Y C2  N2   sing N N 101 
D2Y CAP OAR  doub N N 102 
D2Y CAP OAS  sing N N 103 
D2Y N2  C7   sing N N 104 
D2Y O7  C7   doub N N 105 
D2Y C7  C8   sing N N 106 
D2Y C4  H1   sing N N 107 
D2Y C5  H2   sing N N 108 
D2Y C6  H3   sing N N 109 
D2Y C6  H4   sing N N 110 
D2Y C8  H5   sing N N 111 
D2Y C8  H6   sing N N 112 
D2Y C8  H7   sing N N 113 
D2Y N2  H8   sing N N 114 
D2Y C3  H9   sing N N 115 
D2Y C2  H10  sing N N 116 
D2Y O3  H11  sing N N 117 
D2Y CAQ H12  sing N N 118 
D2Y CAQ H13  sing N N 119 
D2Y CAQ H14  sing N N 120 
D2Y OAS H15  sing N N 121 
D2Y C1  H16  sing N N 122 
D2Y CAZ H17  sing N N 123 
D2Y CAY H18  sing N N 124 
D2Y OBA H19  sing N N 125 
D2Y CAU H20  sing N N 126 
D2Y CBB H21  sing N N 127 
D2Y CBB H22  sing N N 128 
D2Y OBC H23  sing N N 129 
D2Y CAW H24  sing N N 130 
D2Y CBI H25  sing N N 131 
D2Y CBI H26  sing N N 132 
D2Y CBI H27  sing N N 133 
D2Y CAX H28  sing N N 134 
D2Y NBE H29  sing N N 135 
D2Y CBG H30  sing N N 136 
D2Y CBG H31  sing N N 137 
D2Y CBG H32  sing N N 138 
GLN N   CA   sing N N 139 
GLN N   H    sing N N 140 
GLN N   H2   sing N N 141 
GLN CA  C    sing N N 142 
GLN CA  CB   sing N N 143 
GLN CA  HA   sing N N 144 
GLN C   O    doub N N 145 
GLN C   OXT  sing N N 146 
GLN CB  CG   sing N N 147 
GLN CB  HB2  sing N N 148 
GLN CB  HB3  sing N N 149 
GLN CG  CD   sing N N 150 
GLN CG  HG2  sing N N 151 
GLN CG  HG3  sing N N 152 
GLN CD  OE1  doub N N 153 
GLN CD  NE2  sing N N 154 
GLN NE2 HE21 sing N N 155 
GLN NE2 HE22 sing N N 156 
GLN OXT HXT  sing N N 157 
GLU N   CA   sing N N 158 
GLU N   H    sing N N 159 
GLU N   H2   sing N N 160 
GLU CA  C    sing N N 161 
GLU CA  CB   sing N N 162 
GLU CA  HA   sing N N 163 
GLU C   O    doub N N 164 
GLU C   OXT  sing N N 165 
GLU CB  CG   sing N N 166 
GLU CB  HB2  sing N N 167 
GLU CB  HB3  sing N N 168 
GLU CG  CD   sing N N 169 
GLU CG  HG2  sing N N 170 
GLU CG  HG3  sing N N 171 
GLU CD  OE1  doub N N 172 
GLU CD  OE2  sing N N 173 
GLU OE2 HE2  sing N N 174 
GLU OXT HXT  sing N N 175 
GLY N   CA   sing N N 176 
GLY N   H    sing N N 177 
GLY N   H2   sing N N 178 
GLY CA  C    sing N N 179 
GLY CA  HA2  sing N N 180 
GLY CA  HA3  sing N N 181 
GLY C   O    doub N N 182 
GLY C   OXT  sing N N 183 
GLY OXT HXT  sing N N 184 
HIS N   CA   sing N N 185 
HIS N   H    sing N N 186 
HIS N   H2   sing N N 187 
HIS CA  C    sing N N 188 
HIS CA  CB   sing N N 189 
HIS CA  HA   sing N N 190 
HIS C   O    doub N N 191 
HIS C   OXT  sing N N 192 
HIS CB  CG   sing N N 193 
HIS CB  HB2  sing N N 194 
HIS CB  HB3  sing N N 195 
HIS CG  ND1  sing Y N 196 
HIS CG  CD2  doub Y N 197 
HIS ND1 CE1  doub Y N 198 
HIS ND1 HD1  sing N N 199 
HIS CD2 NE2  sing Y N 200 
HIS CD2 HD2  sing N N 201 
HIS CE1 NE2  sing Y N 202 
HIS CE1 HE1  sing N N 203 
HIS NE2 HE2  sing N N 204 
HIS OXT HXT  sing N N 205 
HOH O   H1   sing N N 206 
HOH O   H2   sing N N 207 
ILE N   CA   sing N N 208 
ILE N   H    sing N N 209 
ILE N   H2   sing N N 210 
ILE CA  C    sing N N 211 
ILE CA  CB   sing N N 212 
ILE CA  HA   sing N N 213 
ILE C   O    doub N N 214 
ILE C   OXT  sing N N 215 
ILE CB  CG1  sing N N 216 
ILE CB  CG2  sing N N 217 
ILE CB  HB   sing N N 218 
ILE CG1 CD1  sing N N 219 
ILE CG1 HG12 sing N N 220 
ILE CG1 HG13 sing N N 221 
ILE CG2 HG21 sing N N 222 
ILE CG2 HG22 sing N N 223 
ILE CG2 HG23 sing N N 224 
ILE CD1 HD11 sing N N 225 
ILE CD1 HD12 sing N N 226 
ILE CD1 HD13 sing N N 227 
ILE OXT HXT  sing N N 228 
LEU N   CA   sing N N 229 
LEU N   H    sing N N 230 
LEU N   H2   sing N N 231 
LEU CA  C    sing N N 232 
LEU CA  CB   sing N N 233 
LEU CA  HA   sing N N 234 
LEU C   O    doub N N 235 
LEU C   OXT  sing N N 236 
LEU CB  CG   sing N N 237 
LEU CB  HB2  sing N N 238 
LEU CB  HB3  sing N N 239 
LEU CG  CD1  sing N N 240 
LEU CG  CD2  sing N N 241 
LEU CG  HG   sing N N 242 
LEU CD1 HD11 sing N N 243 
LEU CD1 HD12 sing N N 244 
LEU CD1 HD13 sing N N 245 
LEU CD2 HD21 sing N N 246 
LEU CD2 HD22 sing N N 247 
LEU CD2 HD23 sing N N 248 
LEU OXT HXT  sing N N 249 
LYS N   CA   sing N N 250 
LYS N   H    sing N N 251 
LYS N   H2   sing N N 252 
LYS CA  C    sing N N 253 
LYS CA  CB   sing N N 254 
LYS CA  HA   sing N N 255 
LYS C   O    doub N N 256 
LYS C   OXT  sing N N 257 
LYS CB  CG   sing N N 258 
LYS CB  HB2  sing N N 259 
LYS CB  HB3  sing N N 260 
LYS CG  CD   sing N N 261 
LYS CG  HG2  sing N N 262 
LYS CG  HG3  sing N N 263 
LYS CD  CE   sing N N 264 
LYS CD  HD2  sing N N 265 
LYS CD  HD3  sing N N 266 
LYS CE  NZ   sing N N 267 
LYS CE  HE2  sing N N 268 
LYS CE  HE3  sing N N 269 
LYS NZ  HZ1  sing N N 270 
LYS NZ  HZ2  sing N N 271 
LYS NZ  HZ3  sing N N 272 
LYS OXT HXT  sing N N 273 
MET N   CA   sing N N 274 
MET N   H    sing N N 275 
MET N   H2   sing N N 276 
MET CA  C    sing N N 277 
MET CA  CB   sing N N 278 
MET CA  HA   sing N N 279 
MET C   O    doub N N 280 
MET C   OXT  sing N N 281 
MET CB  CG   sing N N 282 
MET CB  HB2  sing N N 283 
MET CB  HB3  sing N N 284 
MET CG  SD   sing N N 285 
MET CG  HG2  sing N N 286 
MET CG  HG3  sing N N 287 
MET SD  CE   sing N N 288 
MET CE  HE1  sing N N 289 
MET CE  HE2  sing N N 290 
MET CE  HE3  sing N N 291 
MET OXT HXT  sing N N 292 
PHE N   CA   sing N N 293 
PHE N   H    sing N N 294 
PHE N   H2   sing N N 295 
PHE CA  C    sing N N 296 
PHE CA  CB   sing N N 297 
PHE CA  HA   sing N N 298 
PHE C   O    doub N N 299 
PHE C   OXT  sing N N 300 
PHE CB  CG   sing N N 301 
PHE CB  HB2  sing N N 302 
PHE CB  HB3  sing N N 303 
PHE CG  CD1  doub Y N 304 
PHE CG  CD2  sing Y N 305 
PHE CD1 CE1  sing Y N 306 
PHE CD1 HD1  sing N N 307 
PHE CD2 CE2  doub Y N 308 
PHE CD2 HD2  sing N N 309 
PHE CE1 CZ   doub Y N 310 
PHE CE1 HE1  sing N N 311 
PHE CE2 CZ   sing Y N 312 
PHE CE2 HE2  sing N N 313 
PHE CZ  HZ   sing N N 314 
PHE OXT HXT  sing N N 315 
PRO N   CA   sing N N 316 
PRO N   CD   sing N N 317 
PRO N   H    sing N N 318 
PRO CA  C    sing N N 319 
PRO CA  CB   sing N N 320 
PRO CA  HA   sing N N 321 
PRO C   O    doub N N 322 
PRO C   OXT  sing N N 323 
PRO CB  CG   sing N N 324 
PRO CB  HB2  sing N N 325 
PRO CB  HB3  sing N N 326 
PRO CG  CD   sing N N 327 
PRO CG  HG2  sing N N 328 
PRO CG  HG3  sing N N 329 
PRO CD  HD2  sing N N 330 
PRO CD  HD3  sing N N 331 
PRO OXT HXT  sing N N 332 
SER N   CA   sing N N 333 
SER N   H    sing N N 334 
SER N   H2   sing N N 335 
SER CA  C    sing N N 336 
SER CA  CB   sing N N 337 
SER CA  HA   sing N N 338 
SER C   O    doub N N 339 
SER C   OXT  sing N N 340 
SER CB  OG   sing N N 341 
SER CB  HB2  sing N N 342 
SER CB  HB3  sing N N 343 
SER OG  HG   sing N N 344 
SER OXT HXT  sing N N 345 
THR N   CA   sing N N 346 
THR N   H    sing N N 347 
THR N   H2   sing N N 348 
THR CA  C    sing N N 349 
THR CA  CB   sing N N 350 
THR CA  HA   sing N N 351 
THR C   O    doub N N 352 
THR C   OXT  sing N N 353 
THR CB  OG1  sing N N 354 
THR CB  CG2  sing N N 355 
THR CB  HB   sing N N 356 
THR OG1 HG1  sing N N 357 
THR CG2 HG21 sing N N 358 
THR CG2 HG22 sing N N 359 
THR CG2 HG23 sing N N 360 
THR OXT HXT  sing N N 361 
TRP N   CA   sing N N 362 
TRP N   H    sing N N 363 
TRP N   H2   sing N N 364 
TRP CA  C    sing N N 365 
TRP CA  CB   sing N N 366 
TRP CA  HA   sing N N 367 
TRP C   O    doub N N 368 
TRP C   OXT  sing N N 369 
TRP CB  CG   sing N N 370 
TRP CB  HB2  sing N N 371 
TRP CB  HB3  sing N N 372 
TRP CG  CD1  doub Y N 373 
TRP CG  CD2  sing Y N 374 
TRP CD1 NE1  sing Y N 375 
TRP CD1 HD1  sing N N 376 
TRP CD2 CE2  doub Y N 377 
TRP CD2 CE3  sing Y N 378 
TRP NE1 CE2  sing Y N 379 
TRP NE1 HE1  sing N N 380 
TRP CE2 CZ2  sing Y N 381 
TRP CE3 CZ3  doub Y N 382 
TRP CE3 HE3  sing N N 383 
TRP CZ2 CH2  doub Y N 384 
TRP CZ2 HZ2  sing N N 385 
TRP CZ3 CH2  sing Y N 386 
TRP CZ3 HZ3  sing N N 387 
TRP CH2 HH2  sing N N 388 
TRP OXT HXT  sing N N 389 
TYR N   CA   sing N N 390 
TYR N   H    sing N N 391 
TYR N   H2   sing N N 392 
TYR CA  C    sing N N 393 
TYR CA  CB   sing N N 394 
TYR CA  HA   sing N N 395 
TYR C   O    doub N N 396 
TYR C   OXT  sing N N 397 
TYR CB  CG   sing N N 398 
TYR CB  HB2  sing N N 399 
TYR CB  HB3  sing N N 400 
TYR CG  CD1  doub Y N 401 
TYR CG  CD2  sing Y N 402 
TYR CD1 CE1  sing Y N 403 
TYR CD1 HD1  sing N N 404 
TYR CD2 CE2  doub Y N 405 
TYR CD2 HD2  sing N N 406 
TYR CE1 CZ   doub Y N 407 
TYR CE1 HE1  sing N N 408 
TYR CE2 CZ   sing Y N 409 
TYR CE2 HE2  sing N N 410 
TYR CZ  OH   sing N N 411 
TYR OH  HH   sing N N 412 
TYR OXT HXT  sing N N 413 
VAL N   CA   sing N N 414 
VAL N   H    sing N N 415 
VAL N   H2   sing N N 416 
VAL CA  C    sing N N 417 
VAL CA  CB   sing N N 418 
VAL CA  HA   sing N N 419 
VAL C   O    doub N N 420 
VAL C   OXT  sing N N 421 
VAL CB  CG1  sing N N 422 
VAL CB  CG2  sing N N 423 
VAL CB  HB   sing N N 424 
VAL CG1 HG11 sing N N 425 
VAL CG1 HG12 sing N N 426 
VAL CG1 HG13 sing N N 427 
VAL CG2 HG21 sing N N 428 
VAL CG2 HG22 sing N N 429 
VAL CG2 HG23 sing N N 430 
VAL OXT HXT  sing N N 431 
# 
loop_
_pdbx_audit_support.funding_organization 
_pdbx_audit_support.country 
_pdbx_audit_support.grant_number 
_pdbx_audit_support.ordinal 
'Natural Sciences and Engineering Research Council (NSERC, Canada)' Austria ?          1 
'Austrian Science Fund'                                             Austria P27374-B22 2 
'Austrian Science Fund'                                             Austria P32521-B22 3 
# 
_pdbx_entity_instance_feature.ordinal        1 
_pdbx_entity_instance_feature.comp_id        D2Y 
_pdbx_entity_instance_feature.asym_id        ? 
_pdbx_entity_instance_feature.seq_num        ? 
_pdbx_entity_instance_feature.auth_comp_id   D2Y 
_pdbx_entity_instance_feature.auth_asym_id   ? 
_pdbx_entity_instance_feature.auth_seq_num   ? 
_pdbx_entity_instance_feature.feature_type   'SUBJECT OF INVESTIGATION' 
_pdbx_entity_instance_feature.details        ? 
# 
loop_
_pdbx_entity_nonpoly.entity_id 
_pdbx_entity_nonpoly.name 
_pdbx_entity_nonpoly.comp_id 
2 
'methyl 2-acetamido-4-O-{2-acetamido-4,6-O-[(1S)-1-carboxyethylidene]-2-deoxy-beta-D-mannopyranosyl}-2-deoxy-beta-D-glucopyranoside' 
D2Y 
3 water HOH 
# 
_pdbx_initial_refinement_model.id               1 
_pdbx_initial_refinement_model.entity_id_list   ? 
_pdbx_initial_refinement_model.type             'experimental model' 
_pdbx_initial_refinement_model.source_name      PDB 
_pdbx_initial_refinement_model.accession_code   6CWM 
_pdbx_initial_refinement_model.details          ? 
# 
_pdbx_struct_assembly_auth_evidence.id                     1 
_pdbx_struct_assembly_auth_evidence.assembly_id            1 
_pdbx_struct_assembly_auth_evidence.experimental_support   none 
_pdbx_struct_assembly_auth_evidence.details                ? 
# 
